data_7ZAE
# 
_entry.id   7ZAE 
# 
_audit_conform.dict_name       mmcif_pdbx.dic 
_audit_conform.dict_version    5.384 
_audit_conform.dict_location   http://mmcif.pdb.org/dictionaries/ascii/mmcif_pdbx.dic 
# 
loop_
_database_2.database_id 
_database_2.database_code 
_database_2.pdbx_database_accession 
_database_2.pdbx_DOI 
PDB   7ZAE         pdb_00007zae 10.2210/pdb7zae/pdb 
WWPDB D_1292121875 ?            ?                   
# 
loop_
_pdbx_audit_revision_history.ordinal 
_pdbx_audit_revision_history.data_content_type 
_pdbx_audit_revision_history.major_revision 
_pdbx_audit_revision_history.minor_revision 
_pdbx_audit_revision_history.revision_date 
1 'Structure model' 1 0 2022-11-23 
2 'Structure model' 1 1 2022-12-07 
3 'Structure model' 1 2 2023-01-11 
4 'Structure model' 1 3 2024-01-31 
# 
_pdbx_audit_revision_details.ordinal             1 
_pdbx_audit_revision_details.revision_ordinal    1 
_pdbx_audit_revision_details.data_content_type   'Structure model' 
_pdbx_audit_revision_details.provider            repository 
_pdbx_audit_revision_details.type                'Initial release' 
_pdbx_audit_revision_details.description         ? 
_pdbx_audit_revision_details.details             ? 
# 
loop_
_pdbx_audit_revision_group.ordinal 
_pdbx_audit_revision_group.revision_ordinal 
_pdbx_audit_revision_group.data_content_type 
_pdbx_audit_revision_group.group 
1 2 'Structure model' 'Database references'    
2 3 'Structure model' 'Database references'    
3 4 'Structure model' 'Data collection'        
4 4 'Structure model' 'Refinement description' 
# 
loop_
_pdbx_audit_revision_category.ordinal 
_pdbx_audit_revision_category.revision_ordinal 
_pdbx_audit_revision_category.data_content_type 
_pdbx_audit_revision_category.category 
1 2 'Structure model' citation                      
2 2 'Structure model' citation_author               
3 3 'Structure model' citation_author               
4 4 'Structure model' chem_comp_atom                
5 4 'Structure model' chem_comp_bond                
6 4 'Structure model' pdbx_initial_refinement_model 
# 
loop_
_pdbx_audit_revision_item.ordinal 
_pdbx_audit_revision_item.revision_ordinal 
_pdbx_audit_revision_item.data_content_type 
_pdbx_audit_revision_item.item 
1 2 'Structure model' '_citation.journal_volume'          
2 2 'Structure model' '_citation.page_first'              
3 2 'Structure model' '_citation.page_last'               
4 2 'Structure model' '_citation_author.identifier_ORCID' 
5 3 'Structure model' '_citation_author.identifier_ORCID' 
# 
_pdbx_database_status.status_code                     REL 
_pdbx_database_status.status_code_sf                  REL 
_pdbx_database_status.status_code_mr                  ? 
_pdbx_database_status.entry_id                        7ZAE 
_pdbx_database_status.recvd_initial_deposition_date   2022-03-22 
_pdbx_database_status.SG_entry                        N 
_pdbx_database_status.deposit_site                    PDBE 
_pdbx_database_status.process_site                    PDBE 
_pdbx_database_status.status_code_cs                  ? 
_pdbx_database_status.status_code_nmr_data            ? 
_pdbx_database_status.methods_development_category    ? 
_pdbx_database_status.pdb_format_compatible           N 
# 
_pdbx_contact_author.id                 2 
_pdbx_contact_author.email              martin.noble@ncl.ac.uk 
_pdbx_contact_author.name_first         Martin 
_pdbx_contact_author.name_last          Noble 
_pdbx_contact_author.name_mi            E.M 
_pdbx_contact_author.role               'principal investigator/group leader' 
_pdbx_contact_author.identifier_ORCID   0000-0002-3595-9807 
# 
loop_
_audit_author.name 
_audit_author.pdbx_ordinal 
_audit_author.identifier_ORCID 
'Turberville, S.' 1 0000-0003-2173-9675 
'Martin, M.P.'    2 0000-0003-4810-3351 
'Hope, I.'        3 ?                   
'Noble, M.E.M.'   4 0000-0002-3595-9807 
# 
_citation.abstract                  ? 
_citation.abstract_id_CAS           ? 
_citation.book_id_ISBN              ? 
_citation.book_publisher            ? 
_citation.book_publisher_city       ? 
_citation.book_title                ? 
_citation.coordinate_linkage        ? 
_citation.country                   US 
_citation.database_id_Medline       ? 
_citation.details                   ? 
_citation.id                        primary 
_citation.journal_abbrev            J.Med.Chem. 
_citation.journal_id_ASTM           JMCMAR 
_citation.journal_id_CSD            0151 
_citation.journal_id_ISSN           0022-2623 
_citation.journal_full              ? 
_citation.journal_issue             ? 
_citation.journal_volume            65 
_citation.language                  ? 
_citation.page_first                15416 
_citation.page_last                 15432 
_citation.title                     
;Mapping Ligand Interactions of Bromodomains BRD4 and ATAD2 with FragLites and PepLites&#9472;Halogenated Probes of Druglike and Peptide-like Molecular Interactions.
;
_citation.year                      2022 
_citation.database_id_CSD           ? 
_citation.pdbx_database_id_DOI      10.1021/acs.jmedchem.2c01357 
_citation.pdbx_database_id_PubMed   36367089 
_citation.pdbx_database_id_patent   ? 
_citation.unpublished_flag          ? 
# 
loop_
_citation_author.citation_id 
_citation_author.name 
_citation_author.ordinal 
_citation_author.identifier_ORCID 
primary 'Davison, G.'       1  0000-0001-5466-2702 
primary 'Martin, M.P.'      2  ?                   
primary 'Turberville, S.'   3  ?                   
primary 'Dormen, S.'        4  ?                   
primary 'Heath, R.'         5  ?                   
primary 'Heptinstall, A.B.' 6  ?                   
primary 'Lawson, M.'        7  ?                   
primary 'Miller, D.C.'      8  0000-0001-6846-2007 
primary 'Ng, Y.M.'          9  ?                   
primary 'Sanderson, J.N.'   10 0000-0003-1000-2897 
primary 'Hope, I.'          11 0000-0002-8002-5026 
primary 'Wood, D.J.'        12 ?                   
primary 'Cano, C.'          13 0000-0002-2032-2272 
primary 'Endicott, J.A.'    14 ?                   
primary 'Hardcastle, I.R.'  15 0000-0001-7495-3769 
primary 'Noble, M.E.M.'     16 ?                   
primary 'Waring, M.J.'      17 0000-0002-9110-8783 
# 
loop_
_entity.id 
_entity.type 
_entity.src_method 
_entity.pdbx_description 
_entity.formula_weight 
_entity.pdbx_number_of_molecules 
_entity.pdbx_ec 
_entity.pdbx_mutation 
_entity.pdbx_fragment 
_entity.details 
1 polymer     man 'Isoform C of Bromodomain-containing protein 4' 15294.578 1   ? ? ? ? 
2 non-polymer syn GLYCEROL                                        92.094    2   ? ? ? ? 
3 non-polymer syn 4-bromanyl-2-methoxy-pyridine                   188.022   1   ? ? ? ? 
4 water       nat water                                           18.015    102 ? ? ? ? 
# 
_entity_name_com.entity_id   1 
_entity_name_com.name        'Protein HUNK1' 
# 
_entity_poly.entity_id                      1 
_entity_poly.type                           'polypeptide(L)' 
_entity_poly.nstd_linkage                   no 
_entity_poly.nstd_monomer                   no 
_entity_poly.pdbx_seq_one_letter_code       
;GSHMNPPPPETSNPNKPKRQTNQLQYLLRVVLKTLWKHQFAWPFQQPVDAVKLNLPDYYKIIKTPMDMGTIKKRLENNYY
WNAQECIQDFNTMFTNCYIYNKPGDDIVLMAEALEKLFLQKINELPTEE
;
_entity_poly.pdbx_seq_one_letter_code_can   
;GSHMNPPPPETSNPNKPKRQTNQLQYLLRVVLKTLWKHQFAWPFQQPVDAVKLNLPDYYKIIKTPMDMGTIKKRLENNYY
WNAQECIQDFNTMFTNCYIYNKPGDDIVLMAEALEKLFLQKINELPTEE
;
_entity_poly.pdbx_strand_id                 AAA 
_entity_poly.pdbx_target_identifier         ? 
# 
loop_
_pdbx_entity_nonpoly.entity_id 
_pdbx_entity_nonpoly.name 
_pdbx_entity_nonpoly.comp_id 
2 GLYCEROL                      GOL 
3 4-bromanyl-2-methoxy-pyridine IJO 
4 water                         HOH 
# 
loop_
_entity_poly_seq.entity_id 
_entity_poly_seq.num 
_entity_poly_seq.mon_id 
_entity_poly_seq.hetero 
1 1   GLY n 
1 2   SER n 
1 3   HIS n 
1 4   MET n 
1 5   ASN n 
1 6   PRO n 
1 7   PRO n 
1 8   PRO n 
1 9   PRO n 
1 10  GLU n 
1 11  THR n 
1 12  SER n 
1 13  ASN n 
1 14  PRO n 
1 15  ASN n 
1 16  LYS n 
1 17  PRO n 
1 18  LYS n 
1 19  ARG n 
1 20  GLN n 
1 21  THR n 
1 22  ASN n 
1 23  GLN n 
1 24  LEU n 
1 25  GLN n 
1 26  TYR n 
1 27  LEU n 
1 28  LEU n 
1 29  ARG n 
1 30  VAL n 
1 31  VAL n 
1 32  LEU n 
1 33  LYS n 
1 34  THR n 
1 35  LEU n 
1 36  TRP n 
1 37  LYS n 
1 38  HIS n 
1 39  GLN n 
1 40  PHE n 
1 41  ALA n 
1 42  TRP n 
1 43  PRO n 
1 44  PHE n 
1 45  GLN n 
1 46  GLN n 
1 47  PRO n 
1 48  VAL n 
1 49  ASP n 
1 50  ALA n 
1 51  VAL n 
1 52  LYS n 
1 53  LEU n 
1 54  ASN n 
1 55  LEU n 
1 56  PRO n 
1 57  ASP n 
1 58  TYR n 
1 59  TYR n 
1 60  LYS n 
1 61  ILE n 
1 62  ILE n 
1 63  LYS n 
1 64  THR n 
1 65  PRO n 
1 66  MET n 
1 67  ASP n 
1 68  MET n 
1 69  GLY n 
1 70  THR n 
1 71  ILE n 
1 72  LYS n 
1 73  LYS n 
1 74  ARG n 
1 75  LEU n 
1 76  GLU n 
1 77  ASN n 
1 78  ASN n 
1 79  TYR n 
1 80  TYR n 
1 81  TRP n 
1 82  ASN n 
1 83  ALA n 
1 84  GLN n 
1 85  GLU n 
1 86  CYS n 
1 87  ILE n 
1 88  GLN n 
1 89  ASP n 
1 90  PHE n 
1 91  ASN n 
1 92  THR n 
1 93  MET n 
1 94  PHE n 
1 95  THR n 
1 96  ASN n 
1 97  CYS n 
1 98  TYR n 
1 99  ILE n 
1 100 TYR n 
1 101 ASN n 
1 102 LYS n 
1 103 PRO n 
1 104 GLY n 
1 105 ASP n 
1 106 ASP n 
1 107 ILE n 
1 108 VAL n 
1 109 LEU n 
1 110 MET n 
1 111 ALA n 
1 112 GLU n 
1 113 ALA n 
1 114 LEU n 
1 115 GLU n 
1 116 LYS n 
1 117 LEU n 
1 118 PHE n 
1 119 LEU n 
1 120 GLN n 
1 121 LYS n 
1 122 ILE n 
1 123 ASN n 
1 124 GLU n 
1 125 LEU n 
1 126 PRO n 
1 127 THR n 
1 128 GLU n 
1 129 GLU n 
# 
_entity_src_gen.entity_id                          1 
_entity_src_gen.pdbx_src_id                        1 
_entity_src_gen.pdbx_alt_source_flag               sample 
_entity_src_gen.pdbx_seq_type                      'Biological sequence' 
_entity_src_gen.pdbx_beg_seq_num                   1 
_entity_src_gen.pdbx_end_seq_num                   129 
_entity_src_gen.gene_src_common_name               human 
_entity_src_gen.gene_src_genus                     ? 
_entity_src_gen.pdbx_gene_src_gene                 'BRD4, HUNK1' 
_entity_src_gen.gene_src_species                   ? 
_entity_src_gen.gene_src_strain                    ? 
_entity_src_gen.gene_src_tissue                    ? 
_entity_src_gen.gene_src_tissue_fraction           ? 
_entity_src_gen.gene_src_details                   ? 
_entity_src_gen.pdbx_gene_src_fragment             ? 
_entity_src_gen.pdbx_gene_src_scientific_name      'Homo sapiens' 
_entity_src_gen.pdbx_gene_src_ncbi_taxonomy_id     9606 
_entity_src_gen.pdbx_gene_src_variant              ? 
_entity_src_gen.pdbx_gene_src_cell_line            ? 
_entity_src_gen.pdbx_gene_src_atcc                 ? 
_entity_src_gen.pdbx_gene_src_organ                ? 
_entity_src_gen.pdbx_gene_src_organelle            ? 
_entity_src_gen.pdbx_gene_src_cell                 ? 
_entity_src_gen.pdbx_gene_src_cellular_location    ? 
_entity_src_gen.host_org_common_name               ? 
_entity_src_gen.pdbx_host_org_scientific_name      'Escherichia coli BL21(DE3)' 
_entity_src_gen.pdbx_host_org_ncbi_taxonomy_id     469008 
_entity_src_gen.host_org_genus                     ? 
_entity_src_gen.pdbx_host_org_gene                 ? 
_entity_src_gen.pdbx_host_org_organ                ? 
_entity_src_gen.host_org_species                   ? 
_entity_src_gen.pdbx_host_org_tissue               ? 
_entity_src_gen.pdbx_host_org_tissue_fraction      ? 
_entity_src_gen.pdbx_host_org_strain               ? 
_entity_src_gen.pdbx_host_org_variant              ? 
_entity_src_gen.pdbx_host_org_cell_line            ? 
_entity_src_gen.pdbx_host_org_atcc                 ? 
_entity_src_gen.pdbx_host_org_culture_collection   ? 
_entity_src_gen.pdbx_host_org_cell                 ? 
_entity_src_gen.pdbx_host_org_organelle            ? 
_entity_src_gen.pdbx_host_org_cellular_location    ? 
_entity_src_gen.pdbx_host_org_vector_type          ? 
_entity_src_gen.pdbx_host_org_vector               ? 
_entity_src_gen.host_org_details                   ? 
_entity_src_gen.expression_system_id               ? 
_entity_src_gen.plasmid_name                       pET28b 
_entity_src_gen.plasmid_details                    ? 
_entity_src_gen.pdbx_description                   ? 
# 
loop_
_chem_comp.id 
_chem_comp.type 
_chem_comp.mon_nstd_flag 
_chem_comp.name 
_chem_comp.pdbx_synonyms 
_chem_comp.formula 
_chem_comp.formula_weight 
ALA 'L-peptide linking' y ALANINE                       ?                               'C3 H7 N O2'     89.093  
ARG 'L-peptide linking' y ARGININE                      ?                               'C6 H15 N4 O2 1' 175.209 
ASN 'L-peptide linking' y ASPARAGINE                    ?                               'C4 H8 N2 O3'    132.118 
ASP 'L-peptide linking' y 'ASPARTIC ACID'               ?                               'C4 H7 N O4'     133.103 
CYS 'L-peptide linking' y CYSTEINE                      ?                               'C3 H7 N O2 S'   121.158 
GLN 'L-peptide linking' y GLUTAMINE                     ?                               'C5 H10 N2 O3'   146.144 
GLU 'L-peptide linking' y 'GLUTAMIC ACID'               ?                               'C5 H9 N O4'     147.129 
GLY 'peptide linking'   y GLYCINE                       ?                               'C2 H5 N O2'     75.067  
GOL non-polymer         . GLYCEROL                      'GLYCERIN; PROPANE-1,2,3-TRIOL' 'C3 H8 O3'       92.094  
HIS 'L-peptide linking' y HISTIDINE                     ?                               'C6 H10 N3 O2 1' 156.162 
HOH non-polymer         . WATER                         ?                               'H2 O'           18.015  
IJO non-polymer         . 4-bromanyl-2-methoxy-pyridine ?                               'C6 H6 Br N O'   188.022 
ILE 'L-peptide linking' y ISOLEUCINE                    ?                               'C6 H13 N O2'    131.173 
LEU 'L-peptide linking' y LEUCINE                       ?                               'C6 H13 N O2'    131.173 
LYS 'L-peptide linking' y LYSINE                        ?                               'C6 H15 N2 O2 1' 147.195 
MET 'L-peptide linking' y METHIONINE                    ?                               'C5 H11 N O2 S'  149.211 
PHE 'L-peptide linking' y PHENYLALANINE                 ?                               'C9 H11 N O2'    165.189 
PRO 'L-peptide linking' y PROLINE                       ?                               'C5 H9 N O2'     115.130 
SER 'L-peptide linking' y SERINE                        ?                               'C3 H7 N O3'     105.093 
THR 'L-peptide linking' y THREONINE                     ?                               'C4 H9 N O3'     119.119 
TRP 'L-peptide linking' y TRYPTOPHAN                    ?                               'C11 H12 N2 O2'  204.225 
TYR 'L-peptide linking' y TYROSINE                      ?                               'C9 H11 N O3'    181.189 
VAL 'L-peptide linking' y VALINE                        ?                               'C5 H11 N O2'    117.146 
# 
loop_
_pdbx_poly_seq_scheme.asym_id 
_pdbx_poly_seq_scheme.entity_id 
_pdbx_poly_seq_scheme.seq_id 
_pdbx_poly_seq_scheme.mon_id 
_pdbx_poly_seq_scheme.ndb_seq_num 
_pdbx_poly_seq_scheme.pdb_seq_num 
_pdbx_poly_seq_scheme.auth_seq_num 
_pdbx_poly_seq_scheme.pdb_mon_id 
_pdbx_poly_seq_scheme.auth_mon_id 
_pdbx_poly_seq_scheme.pdb_strand_id 
_pdbx_poly_seq_scheme.pdb_ins_code 
_pdbx_poly_seq_scheme.hetero 
A 1 1   GLY 1   40  40  GLY GLY AAA . n 
A 1 2   SER 2   41  41  SER SER AAA . n 
A 1 3   HIS 3   42  42  HIS HIS AAA . n 
A 1 4   MET 4   43  43  MET MET AAA . n 
A 1 5   ASN 5   44  44  ASN ASN AAA . n 
A 1 6   PRO 6   45  45  PRO PRO AAA . n 
A 1 7   PRO 7   46  46  PRO PRO AAA . n 
A 1 8   PRO 8   47  47  PRO PRO AAA . n 
A 1 9   PRO 9   48  48  PRO PRO AAA . n 
A 1 10  GLU 10  49  49  GLU GLU AAA . n 
A 1 11  THR 11  50  50  THR THR AAA . n 
A 1 12  SER 12  51  51  SER SER AAA . n 
A 1 13  ASN 13  52  52  ASN ASN AAA . n 
A 1 14  PRO 14  53  53  PRO PRO AAA . n 
A 1 15  ASN 15  54  54  ASN ASN AAA . n 
A 1 16  LYS 16  55  55  LYS LYS AAA . n 
A 1 17  PRO 17  56  56  PRO PRO AAA . n 
A 1 18  LYS 18  57  57  LYS LYS AAA . n 
A 1 19  ARG 19  58  58  ARG ARG AAA . n 
A 1 20  GLN 20  59  59  GLN GLN AAA . n 
A 1 21  THR 21  60  60  THR THR AAA . n 
A 1 22  ASN 22  61  61  ASN ASN AAA . n 
A 1 23  GLN 23  62  62  GLN GLN AAA . n 
A 1 24  LEU 24  63  63  LEU LEU AAA . n 
A 1 25  GLN 25  64  64  GLN GLN AAA . n 
A 1 26  TYR 26  65  65  TYR TYR AAA . n 
A 1 27  LEU 27  66  66  LEU LEU AAA . n 
A 1 28  LEU 28  67  67  LEU LEU AAA . n 
A 1 29  ARG 29  68  68  ARG ARG AAA . n 
A 1 30  VAL 30  69  69  VAL VAL AAA . n 
A 1 31  VAL 31  70  70  VAL VAL AAA . n 
A 1 32  LEU 32  71  71  LEU LEU AAA . n 
A 1 33  LYS 33  72  72  LYS LYS AAA . n 
A 1 34  THR 34  73  73  THR THR AAA . n 
A 1 35  LEU 35  74  74  LEU LEU AAA . n 
A 1 36  TRP 36  75  75  TRP TRP AAA . n 
A 1 37  LYS 37  76  76  LYS LYS AAA . n 
A 1 38  HIS 38  77  77  HIS HIS AAA . n 
A 1 39  GLN 39  78  78  GLN GLN AAA . n 
A 1 40  PHE 40  79  79  PHE PHE AAA . n 
A 1 41  ALA 41  80  80  ALA ALA AAA . n 
A 1 42  TRP 42  81  81  TRP TRP AAA . n 
A 1 43  PRO 43  82  82  PRO PRO AAA . n 
A 1 44  PHE 44  83  83  PHE PHE AAA . n 
A 1 45  GLN 45  84  84  GLN GLN AAA . n 
A 1 46  GLN 46  85  85  GLN GLN AAA . n 
A 1 47  PRO 47  86  86  PRO PRO AAA . n 
A 1 48  VAL 48  87  87  VAL VAL AAA . n 
A 1 49  ASP 49  88  88  ASP ASP AAA . n 
A 1 50  ALA 50  89  89  ALA ALA AAA . n 
A 1 51  VAL 51  90  90  VAL VAL AAA . n 
A 1 52  LYS 52  91  91  LYS LYS AAA . n 
A 1 53  LEU 53  92  92  LEU LEU AAA . n 
A 1 54  ASN 54  93  93  ASN ASN AAA . n 
A 1 55  LEU 55  94  94  LEU LEU AAA . n 
A 1 56  PRO 56  95  95  PRO PRO AAA . n 
A 1 57  ASP 57  96  96  ASP ASP AAA . n 
A 1 58  TYR 58  97  97  TYR TYR AAA . n 
A 1 59  TYR 59  98  98  TYR TYR AAA . n 
A 1 60  LYS 60  99  99  LYS LYS AAA . n 
A 1 61  ILE 61  100 100 ILE ILE AAA . n 
A 1 62  ILE 62  101 101 ILE ILE AAA . n 
A 1 63  LYS 63  102 102 LYS LYS AAA . n 
A 1 64  THR 64  103 103 THR THR AAA . n 
A 1 65  PRO 65  104 104 PRO PRO AAA . n 
A 1 66  MET 66  105 105 MET MET AAA . n 
A 1 67  ASP 67  106 106 ASP ASP AAA . n 
A 1 68  MET 68  107 107 MET MET AAA . n 
A 1 69  GLY 69  108 108 GLY GLY AAA . n 
A 1 70  THR 70  109 109 THR THR AAA . n 
A 1 71  ILE 71  110 110 ILE ILE AAA . n 
A 1 72  LYS 72  111 111 LYS LYS AAA . n 
A 1 73  LYS 73  112 112 LYS LYS AAA . n 
A 1 74  ARG 74  113 113 ARG ARG AAA . n 
A 1 75  LEU 75  114 114 LEU LEU AAA . n 
A 1 76  GLU 76  115 115 GLU GLU AAA . n 
A 1 77  ASN 77  116 116 ASN ASN AAA . n 
A 1 78  ASN 78  117 117 ASN ASN AAA . n 
A 1 79  TYR 79  118 118 TYR TYR AAA . n 
A 1 80  TYR 80  119 119 TYR TYR AAA . n 
A 1 81  TRP 81  120 120 TRP TRP AAA . n 
A 1 82  ASN 82  121 121 ASN ASN AAA . n 
A 1 83  ALA 83  122 122 ALA ALA AAA . n 
A 1 84  GLN 84  123 123 GLN GLN AAA . n 
A 1 85  GLU 85  124 124 GLU GLU AAA . n 
A 1 86  CYS 86  125 125 CYS CYS AAA . n 
A 1 87  ILE 87  126 126 ILE ILE AAA . n 
A 1 88  GLN 88  127 127 GLN GLN AAA . n 
A 1 89  ASP 89  128 128 ASP ASP AAA . n 
A 1 90  PHE 90  129 129 PHE PHE AAA . n 
A 1 91  ASN 91  130 130 ASN ASN AAA . n 
A 1 92  THR 92  131 131 THR THR AAA . n 
A 1 93  MET 93  132 132 MET MET AAA . n 
A 1 94  PHE 94  133 133 PHE PHE AAA . n 
A 1 95  THR 95  134 134 THR THR AAA . n 
A 1 96  ASN 96  135 135 ASN ASN AAA . n 
A 1 97  CYS 97  136 136 CYS CYS AAA . n 
A 1 98  TYR 98  137 137 TYR TYR AAA . n 
A 1 99  ILE 99  138 138 ILE ILE AAA . n 
A 1 100 TYR 100 139 139 TYR TYR AAA . n 
A 1 101 ASN 101 140 140 ASN ASN AAA . n 
A 1 102 LYS 102 141 141 LYS LYS AAA . n 
A 1 103 PRO 103 142 142 PRO PRO AAA . n 
A 1 104 GLY 104 143 143 GLY GLY AAA . n 
A 1 105 ASP 105 144 144 ASP ASP AAA . n 
A 1 106 ASP 106 145 145 ASP ASP AAA . n 
A 1 107 ILE 107 146 146 ILE ILE AAA . n 
A 1 108 VAL 108 147 147 VAL VAL AAA . n 
A 1 109 LEU 109 148 148 LEU LEU AAA . n 
A 1 110 MET 110 149 149 MET MET AAA . n 
A 1 111 ALA 111 150 150 ALA ALA AAA . n 
A 1 112 GLU 112 151 151 GLU GLU AAA . n 
A 1 113 ALA 113 152 152 ALA ALA AAA . n 
A 1 114 LEU 114 153 153 LEU LEU AAA . n 
A 1 115 GLU 115 154 154 GLU GLU AAA . n 
A 1 116 LYS 116 155 155 LYS LYS AAA . n 
A 1 117 LEU 117 156 156 LEU LEU AAA . n 
A 1 118 PHE 118 157 157 PHE PHE AAA . n 
A 1 119 LEU 119 158 158 LEU LEU AAA . n 
A 1 120 GLN 120 159 159 GLN GLN AAA . n 
A 1 121 LYS 121 160 160 LYS LYS AAA . n 
A 1 122 ILE 122 161 161 ILE ILE AAA . n 
A 1 123 ASN 123 162 162 ASN ASN AAA . n 
A 1 124 GLU 124 163 163 GLU GLU AAA . n 
A 1 125 LEU 125 164 164 LEU LEU AAA . n 
A 1 126 PRO 126 165 165 PRO PRO AAA . n 
A 1 127 THR 127 166 166 THR THR AAA . n 
A 1 128 GLU 128 167 167 GLU GLU AAA . n 
A 1 129 GLU 129 168 168 GLU GLU AAA . n 
# 
loop_
_pdbx_nonpoly_scheme.asym_id 
_pdbx_nonpoly_scheme.entity_id 
_pdbx_nonpoly_scheme.mon_id 
_pdbx_nonpoly_scheme.ndb_seq_num 
_pdbx_nonpoly_scheme.pdb_seq_num 
_pdbx_nonpoly_scheme.auth_seq_num 
_pdbx_nonpoly_scheme.pdb_mon_id 
_pdbx_nonpoly_scheme.auth_mon_id 
_pdbx_nonpoly_scheme.pdb_strand_id 
_pdbx_nonpoly_scheme.pdb_ins_code 
B 2 GOL 1   201 1   GOL GOL AAA . 
C 2 GOL 1   202 2   GOL GOL AAA . 
D 3 IJO 1   203 2   IJO DRG AAA . 
E 4 HOH 1   301 222 HOH HOH AAA . 
E 4 HOH 2   302 192 HOH HOH AAA . 
E 4 HOH 3   303 67  HOH HOH AAA . 
E 4 HOH 4   304 128 HOH HOH AAA . 
E 4 HOH 5   305 224 HOH HOH AAA . 
E 4 HOH 6   306 27  HOH HOH AAA . 
E 4 HOH 7   307 193 HOH HOH AAA . 
E 4 HOH 8   308 217 HOH HOH AAA . 
E 4 HOH 9   309 121 HOH HOH AAA . 
E 4 HOH 10  310 178 HOH HOH AAA . 
E 4 HOH 11  311 220 HOH HOH AAA . 
E 4 HOH 12  312 50  HOH HOH AAA . 
E 4 HOH 13  313 203 HOH HOH AAA . 
E 4 HOH 14  314 22  HOH HOH AAA . 
E 4 HOH 15  315 83  HOH HOH AAA . 
E 4 HOH 16  316 172 HOH HOH AAA . 
E 4 HOH 17  317 139 HOH HOH AAA . 
E 4 HOH 18  318 206 HOH HOH AAA . 
E 4 HOH 19  319 204 HOH HOH AAA . 
E 4 HOH 20  320 32  HOH HOH AAA . 
E 4 HOH 21  321 25  HOH HOH AAA . 
E 4 HOH 22  322 14  HOH HOH AAA . 
E 4 HOH 23  323 205 HOH HOH AAA . 
E 4 HOH 24  324 8   HOH HOH AAA . 
E 4 HOH 25  325 197 HOH HOH AAA . 
E 4 HOH 26  326 214 HOH HOH AAA . 
E 4 HOH 27  327 92  HOH HOH AAA . 
E 4 HOH 28  328 26  HOH HOH AAA . 
E 4 HOH 29  329 71  HOH HOH AAA . 
E 4 HOH 30  330 209 HOH HOH AAA . 
E 4 HOH 31  331 90  HOH HOH AAA . 
E 4 HOH 32  332 82  HOH HOH AAA . 
E 4 HOH 33  333 65  HOH HOH AAA . 
E 4 HOH 34  334 81  HOH HOH AAA . 
E 4 HOH 35  335 17  HOH HOH AAA . 
E 4 HOH 36  336 201 HOH HOH AAA . 
E 4 HOH 37  337 177 HOH HOH AAA . 
E 4 HOH 38  338 12  HOH HOH AAA . 
E 4 HOH 39  339 213 HOH HOH AAA . 
E 4 HOH 40  340 103 HOH HOH AAA . 
E 4 HOH 41  341 24  HOH HOH AAA . 
E 4 HOH 42  342 210 HOH HOH AAA . 
E 4 HOH 43  343 185 HOH HOH AAA . 
E 4 HOH 44  344 180 HOH HOH AAA . 
E 4 HOH 45  345 219 HOH HOH AAA . 
E 4 HOH 46  346 153 HOH HOH AAA . 
E 4 HOH 47  347 194 HOH HOH AAA . 
E 4 HOH 48  348 154 HOH HOH AAA . 
E 4 HOH 49  349 221 HOH HOH AAA . 
E 4 HOH 50  350 13  HOH HOH AAA . 
E 4 HOH 51  351 20  HOH HOH AAA . 
E 4 HOH 52  352 56  HOH HOH AAA . 
E 4 HOH 53  353 69  HOH HOH AAA . 
E 4 HOH 54  354 94  HOH HOH AAA . 
E 4 HOH 55  355 122 HOH HOH AAA . 
E 4 HOH 56  356 70  HOH HOH AAA . 
E 4 HOH 57  357 148 HOH HOH AAA . 
E 4 HOH 58  358 218 HOH HOH AAA . 
E 4 HOH 59  359 5   HOH HOH AAA . 
E 4 HOH 60  360 202 HOH HOH AAA . 
E 4 HOH 61  361 23  HOH HOH AAA . 
E 4 HOH 62  362 36  HOH HOH AAA . 
E 4 HOH 63  363 33  HOH HOH AAA . 
E 4 HOH 64  364 225 HOH HOH AAA . 
E 4 HOH 65  365 35  HOH HOH AAA . 
E 4 HOH 66  366 7   HOH HOH AAA . 
E 4 HOH 67  367 171 HOH HOH AAA . 
E 4 HOH 68  368 41  HOH HOH AAA . 
E 4 HOH 69  369 21  HOH HOH AAA . 
E 4 HOH 70  370 6   HOH HOH AAA . 
E 4 HOH 71  371 86  HOH HOH AAA . 
E 4 HOH 72  372 28  HOH HOH AAA . 
E 4 HOH 73  373 208 HOH HOH AAA . 
E 4 HOH 74  374 63  HOH HOH AAA . 
E 4 HOH 75  375 199 HOH HOH AAA . 
E 4 HOH 76  376 215 HOH HOH AAA . 
E 4 HOH 77  377 18  HOH HOH AAA . 
E 4 HOH 78  378 93  HOH HOH AAA . 
E 4 HOH 79  379 198 HOH HOH AAA . 
E 4 HOH 80  380 131 HOH HOH AAA . 
E 4 HOH 81  381 140 HOH HOH AAA . 
E 4 HOH 82  382 196 HOH HOH AAA . 
E 4 HOH 83  383 68  HOH HOH AAA . 
E 4 HOH 84  384 174 HOH HOH AAA . 
E 4 HOH 85  385 39  HOH HOH AAA . 
E 4 HOH 86  386 162 HOH HOH AAA . 
E 4 HOH 87  387 115 HOH HOH AAA . 
E 4 HOH 88  388 114 HOH HOH AAA . 
E 4 HOH 89  389 1   HOH HOH AAA . 
E 4 HOH 90  390 48  HOH HOH AAA . 
E 4 HOH 91  391 223 HOH HOH AAA . 
E 4 HOH 92  392 216 HOH HOH AAA . 
E 4 HOH 93  393 15  HOH HOH AAA . 
E 4 HOH 94  394 73  HOH HOH AAA . 
E 4 HOH 95  395 75  HOH HOH AAA . 
E 4 HOH 96  396 200 HOH HOH AAA . 
E 4 HOH 97  397 30  HOH HOH AAA . 
E 4 HOH 98  398 207 HOH HOH AAA . 
E 4 HOH 99  399 211 HOH HOH AAA . 
E 4 HOH 100 400 189 HOH HOH AAA . 
E 4 HOH 101 401 85  HOH HOH AAA . 
E 4 HOH 102 402 138 HOH HOH AAA . 
# 
loop_
_software.citation_id 
_software.classification 
_software.compiler_name 
_software.compiler_version 
_software.contact_author 
_software.contact_author_email 
_software.date 
_software.description 
_software.dependencies 
_software.hardware 
_software.language 
_software.location 
_software.mods 
_software.name 
_software.os 
_software.os_version 
_software.type 
_software.version 
_software.pdbx_ordinal 
? refinement       ? ? ? ? ? ? ? ? ? ? ? REFMAC  ? ? ? 5.8.0258 1 
? refinement       ? ? ? ? ? ? ? ? ? ? ? REFMAC  ? ? ? 5.8.0258 2 
? 'data scaling'   ? ? ? ? ? ? ? ? ? ? ? Aimless ? ? ? 0.7.4    3 
? 'data reduction' ? ? ? ? ? ? ? ? ? ? ? xia2    ? ? ? .        4 
? phasing          ? ? ? ? ? ? ? ? ? ? ? PHASER  ? ? ? .        5 
# 
_cell.angle_alpha                  90.000 
_cell.angle_alpha_esd              ? 
_cell.angle_beta                   90.000 
_cell.angle_beta_esd               ? 
_cell.angle_gamma                  90.000 
_cell.angle_gamma_esd              ? 
_cell.entry_id                     7ZAE 
_cell.details                      ? 
_cell.formula_units_Z              ? 
_cell.length_a                     37.991 
_cell.length_a_esd                 ? 
_cell.length_b                     43.530 
_cell.length_b_esd                 ? 
_cell.length_c                     79.663 
_cell.length_c_esd                 ? 
_cell.volume                       ? 
_cell.volume_esd                   ? 
_cell.Z_PDB                        4 
_cell.reciprocal_angle_alpha       ? 
_cell.reciprocal_angle_beta        ? 
_cell.reciprocal_angle_gamma       ? 
_cell.reciprocal_angle_alpha_esd   ? 
_cell.reciprocal_angle_beta_esd    ? 
_cell.reciprocal_angle_gamma_esd   ? 
_cell.reciprocal_length_a          ? 
_cell.reciprocal_length_b          ? 
_cell.reciprocal_length_c          ? 
_cell.reciprocal_length_a_esd      ? 
_cell.reciprocal_length_b_esd      ? 
_cell.reciprocal_length_c_esd      ? 
_cell.pdbx_unique_axis             ? 
# 
_symmetry.entry_id                         7ZAE 
_symmetry.cell_setting                     ? 
_symmetry.Int_Tables_number                19 
_symmetry.space_group_name_Hall            ? 
_symmetry.space_group_name_H-M             'P 21 21 21' 
_symmetry.pdbx_full_space_group_name_H-M   ? 
# 
_exptl.absorpt_coefficient_mu     ? 
_exptl.absorpt_correction_T_max   ? 
_exptl.absorpt_correction_T_min   ? 
_exptl.absorpt_correction_type    ? 
_exptl.absorpt_process_details    ? 
_exptl.entry_id                   7ZAE 
_exptl.crystals_number            1 
_exptl.details                    ? 
_exptl.method                     'X-RAY DIFFRACTION' 
_exptl.method_details             ? 
# 
_exptl_crystal.colour                      ? 
_exptl_crystal.density_diffrn              ? 
_exptl_crystal.density_Matthews            2.15 
_exptl_crystal.density_method              ? 
_exptl_crystal.density_percent_sol         42.88 
_exptl_crystal.description                 ? 
_exptl_crystal.F_000                       ? 
_exptl_crystal.id                          1 
_exptl_crystal.preparation                 ? 
_exptl_crystal.size_max                    ? 
_exptl_crystal.size_mid                    ? 
_exptl_crystal.size_min                    ? 
_exptl_crystal.size_rad                    ? 
_exptl_crystal.colour_lustre               ? 
_exptl_crystal.colour_modifier             ? 
_exptl_crystal.colour_primary              ? 
_exptl_crystal.density_meas                ? 
_exptl_crystal.density_meas_esd            ? 
_exptl_crystal.density_meas_gt             ? 
_exptl_crystal.density_meas_lt             ? 
_exptl_crystal.density_meas_temp           ? 
_exptl_crystal.density_meas_temp_esd       ? 
_exptl_crystal.density_meas_temp_gt        ? 
_exptl_crystal.density_meas_temp_lt        ? 
_exptl_crystal.pdbx_crystal_image_url      ? 
_exptl_crystal.pdbx_crystal_image_format   ? 
_exptl_crystal.pdbx_mosaicity              ? 
_exptl_crystal.pdbx_mosaicity_esd          ? 
# 
_exptl_crystal_grow.apparatus       ? 
_exptl_crystal_grow.atmosphere      ? 
_exptl_crystal_grow.crystal_id      1 
_exptl_crystal_grow.details         ? 
_exptl_crystal_grow.method          'VAPOR DIFFUSION, SITTING DROP' 
_exptl_crystal_grow.method_ref      ? 
_exptl_crystal_grow.pH              8.5 
_exptl_crystal_grow.pressure        ? 
_exptl_crystal_grow.pressure_esd    ? 
_exptl_crystal_grow.seeding         ? 
_exptl_crystal_grow.seeding_ref     ? 
_exptl_crystal_grow.temp            293 
_exptl_crystal_grow.temp_details    ? 
_exptl_crystal_grow.temp_esd        ? 
_exptl_crystal_grow.time            ? 
_exptl_crystal_grow.pdbx_details    
;0.1 M Buffer system 3 (1 M Tris, 1 M BICINE, pH 8.5), 34-44% Precipitant Solution 3 (20% PEG 4000, 40%) and 60-80 mM Halogens Mix (NaF, NaBr and NaI) solution
;
_exptl_crystal_grow.pdbx_pH_range   ? 
# 
_diffrn.ambient_environment              ? 
_diffrn.ambient_temp                     100 
_diffrn.ambient_temp_details             ? 
_diffrn.ambient_temp_esd                 ? 
_diffrn.crystal_id                       1 
_diffrn.crystal_support                  ? 
_diffrn.crystal_treatment                ? 
_diffrn.details                          ? 
_diffrn.id                               1 
_diffrn.ambient_pressure                 ? 
_diffrn.ambient_pressure_esd             ? 
_diffrn.ambient_pressure_gt              ? 
_diffrn.ambient_pressure_lt              ? 
_diffrn.ambient_temp_gt                  ? 
_diffrn.ambient_temp_lt                  ? 
_diffrn.pdbx_serial_crystal_experiment   N 
# 
_diffrn_detector.details                      ? 
_diffrn_detector.detector                     PIXEL 
_diffrn_detector.diffrn_id                    1 
_diffrn_detector.type                         'DECTRIS PILATUS 6M' 
_diffrn_detector.area_resol_mean              ? 
_diffrn_detector.dtime                        ? 
_diffrn_detector.pdbx_frames_total            ? 
_diffrn_detector.pdbx_collection_time_total   ? 
_diffrn_detector.pdbx_collection_date         2019-09-25 
_diffrn_detector.pdbx_frequency               ? 
# 
_diffrn_radiation.collimation                      ? 
_diffrn_radiation.diffrn_id                        1 
_diffrn_radiation.filter_edge                      ? 
_diffrn_radiation.inhomogeneity                    ? 
_diffrn_radiation.monochromator                    ? 
_diffrn_radiation.polarisn_norm                    ? 
_diffrn_radiation.polarisn_ratio                   ? 
_diffrn_radiation.probe                            ? 
_diffrn_radiation.type                             ? 
_diffrn_radiation.xray_symbol                      ? 
_diffrn_radiation.wavelength_id                    1 
_diffrn_radiation.pdbx_monochromatic_or_laue_m_l   M 
_diffrn_radiation.pdbx_wavelength_list             ? 
_diffrn_radiation.pdbx_wavelength                  ? 
_diffrn_radiation.pdbx_diffrn_protocol             'SINGLE WAVELENGTH' 
_diffrn_radiation.pdbx_analyzer                    ? 
_diffrn_radiation.pdbx_scattering_type             x-ray 
# 
_diffrn_radiation_wavelength.id           1 
_diffrn_radiation_wavelength.wavelength   0.911635 
_diffrn_radiation_wavelength.wt           1.0 
# 
_diffrn_source.current                     ? 
_diffrn_source.details                     ? 
_diffrn_source.diffrn_id                   1 
_diffrn_source.power                       ? 
_diffrn_source.size                        ? 
_diffrn_source.source                      SYNCHROTRON 
_diffrn_source.target                      ? 
_diffrn_source.type                        'DIAMOND BEAMLINE I04-1' 
_diffrn_source.voltage                     ? 
_diffrn_source.take-off_angle              ? 
_diffrn_source.pdbx_wavelength_list        0.911635 
_diffrn_source.pdbx_wavelength             ? 
_diffrn_source.pdbx_synchrotron_beamline   I04-1 
_diffrn_source.pdbx_synchrotron_site       Diamond 
# 
_reflns.B_iso_Wilson_estimate                          ? 
_reflns.entry_id                                       7ZAE 
_reflns.data_reduction_details                         ? 
_reflns.data_reduction_method                          ? 
_reflns.d_resolution_high                              1.10 
_reflns.d_resolution_low                               39.83 
_reflns.details                                        ? 
_reflns.limit_h_max                                    ? 
_reflns.limit_h_min                                    ? 
_reflns.limit_k_max                                    ? 
_reflns.limit_k_min                                    ? 
_reflns.limit_l_max                                    ? 
_reflns.limit_l_min                                    ? 
_reflns.number_all                                     ? 
_reflns.number_obs                                     54423 
_reflns.observed_criterion                             ? 
_reflns.observed_criterion_F_max                       ? 
_reflns.observed_criterion_F_min                       ? 
_reflns.observed_criterion_I_max                       ? 
_reflns.observed_criterion_I_min                       ? 
_reflns.observed_criterion_sigma_F                     ? 
_reflns.observed_criterion_sigma_I                     ? 
_reflns.percent_possible_obs                           99.8 
_reflns.R_free_details                                 ? 
_reflns.Rmerge_F_all                                   ? 
_reflns.Rmerge_F_obs                                   ? 
_reflns.Friedel_coverage                               ? 
_reflns.number_gt                                      ? 
_reflns.threshold_expression                           ? 
_reflns.pdbx_redundancy                                12.3 
_reflns.pdbx_Rmerge_I_obs                              0.112 
_reflns.pdbx_Rmerge_I_all                              ? 
_reflns.pdbx_Rsym_value                                ? 
_reflns.pdbx_netI_over_av_sigmaI                       ? 
_reflns.pdbx_netI_over_sigmaI                          9.1 
_reflns.pdbx_res_netI_over_av_sigmaI_2                 ? 
_reflns.pdbx_res_netI_over_sigmaI_2                    ? 
_reflns.pdbx_chi_squared                               ? 
_reflns.pdbx_scaling_rejects                           ? 
_reflns.pdbx_d_res_high_opt                            ? 
_reflns.pdbx_d_res_low_opt                             ? 
_reflns.pdbx_d_res_opt_method                          ? 
_reflns.phase_calculation_details                      ? 
_reflns.pdbx_Rrim_I_all                                0.122 
_reflns.pdbx_Rpim_I_all                                0.047 
_reflns.pdbx_d_opt                                     ? 
_reflns.pdbx_number_measured_all                       ? 
_reflns.pdbx_diffrn_id                                 1 
_reflns.pdbx_ordinal                                   1 
_reflns.pdbx_CC_half                                   0.999 
_reflns.pdbx_CC_star                                   ? 
_reflns.pdbx_R_split                                   ? 
_reflns.pdbx_aniso_diffraction_limit_axis_1_ortho[1]   ? 
_reflns.pdbx_aniso_diffraction_limit_axis_1_ortho[2]   ? 
_reflns.pdbx_aniso_diffraction_limit_axis_1_ortho[3]   ? 
_reflns.pdbx_aniso_diffraction_limit_axis_2_ortho[1]   ? 
_reflns.pdbx_aniso_diffraction_limit_axis_2_ortho[2]   ? 
_reflns.pdbx_aniso_diffraction_limit_axis_2_ortho[3]   ? 
_reflns.pdbx_aniso_diffraction_limit_axis_3_ortho[1]   ? 
_reflns.pdbx_aniso_diffraction_limit_axis_3_ortho[2]   ? 
_reflns.pdbx_aniso_diffraction_limit_axis_3_ortho[3]   ? 
_reflns.pdbx_aniso_diffraction_limit_1                 ? 
_reflns.pdbx_aniso_diffraction_limit_2                 ? 
_reflns.pdbx_aniso_diffraction_limit_3                 ? 
_reflns.pdbx_aniso_B_tensor_eigenvector_1_ortho[1]     ? 
_reflns.pdbx_aniso_B_tensor_eigenvector_1_ortho[2]     ? 
_reflns.pdbx_aniso_B_tensor_eigenvector_1_ortho[3]     ? 
_reflns.pdbx_aniso_B_tensor_eigenvector_2_ortho[1]     ? 
_reflns.pdbx_aniso_B_tensor_eigenvector_2_ortho[2]     ? 
_reflns.pdbx_aniso_B_tensor_eigenvector_2_ortho[3]     ? 
_reflns.pdbx_aniso_B_tensor_eigenvector_3_ortho[1]     ? 
_reflns.pdbx_aniso_B_tensor_eigenvector_3_ortho[2]     ? 
_reflns.pdbx_aniso_B_tensor_eigenvector_3_ortho[3]     ? 
_reflns.pdbx_aniso_B_tensor_eigenvalue_1               ? 
_reflns.pdbx_aniso_B_tensor_eigenvalue_2               ? 
_reflns.pdbx_aniso_B_tensor_eigenvalue_3               ? 
_reflns.pdbx_orthogonalization_convention              ? 
_reflns.pdbx_percent_possible_ellipsoidal              ? 
_reflns.pdbx_percent_possible_spherical                ? 
_reflns.pdbx_percent_possible_ellipsoidal_anomalous    ? 
_reflns.pdbx_percent_possible_spherical_anomalous      ? 
_reflns.pdbx_redundancy_anomalous                      ? 
_reflns.pdbx_CC_half_anomalous                         ? 
_reflns.pdbx_absDiff_over_sigma_anomalous              ? 
_reflns.pdbx_percent_possible_anomalous                ? 
_reflns.pdbx_observed_signal_threshold                 ? 
_reflns.pdbx_signal_type                               ? 
_reflns.pdbx_signal_details                            ? 
_reflns.pdbx_signal_software_id                        ? 
# 
loop_
_reflns_shell.d_res_high 
_reflns_shell.d_res_low 
_reflns_shell.meanI_over_sigI_all 
_reflns_shell.meanI_over_sigI_obs 
_reflns_shell.number_measured_all 
_reflns_shell.number_measured_obs 
_reflns_shell.number_possible 
_reflns_shell.number_unique_all 
_reflns_shell.number_unique_obs 
_reflns_shell.percent_possible_all 
_reflns_shell.percent_possible_obs 
_reflns_shell.Rmerge_F_all 
_reflns_shell.Rmerge_F_obs 
_reflns_shell.Rmerge_I_all 
_reflns_shell.Rmerge_I_obs 
_reflns_shell.meanI_over_sigI_gt 
_reflns_shell.meanI_over_uI_all 
_reflns_shell.meanI_over_uI_gt 
_reflns_shell.number_measured_gt 
_reflns_shell.number_unique_gt 
_reflns_shell.percent_possible_gt 
_reflns_shell.Rmerge_F_gt 
_reflns_shell.Rmerge_I_gt 
_reflns_shell.pdbx_redundancy 
_reflns_shell.pdbx_Rsym_value 
_reflns_shell.pdbx_chi_squared 
_reflns_shell.pdbx_netI_over_sigmaI_all 
_reflns_shell.pdbx_netI_over_sigmaI_obs 
_reflns_shell.pdbx_Rrim_I_all 
_reflns_shell.pdbx_Rpim_I_all 
_reflns_shell.pdbx_rejects 
_reflns_shell.pdbx_ordinal 
_reflns_shell.pdbx_diffrn_id 
_reflns_shell.pdbx_CC_half 
_reflns_shell.pdbx_CC_star 
_reflns_shell.pdbx_R_split 
_reflns_shell.pdbx_percent_possible_ellipsoidal 
_reflns_shell.pdbx_percent_possible_spherical 
_reflns_shell.pdbx_percent_possible_ellipsoidal_anomalous 
_reflns_shell.pdbx_percent_possible_spherical_anomalous 
_reflns_shell.pdbx_redundancy_anomalous 
_reflns_shell.pdbx_CC_half_anomalous 
_reflns_shell.pdbx_absDiff_over_sigma_anomalous 
_reflns_shell.pdbx_percent_possible_anomalous 
6.03 39.83 ? ? ? ? ? ? 415  ? ? ? ? ? 0.057 ? ? ? ? ? ? ? ? 10.6 ? ? ? ? 0.062 0.024 ? 1 1 0.999 ? ? ? ? ? ? ? ? ? ? 
1.10 1.12  ? ? ? ? ? ? 2629 ? ? ? ? ? 3.468 ? ? ? ? ? ? ? ? 9.7  ? ? ? ? 3.884 1.722 ? 2 1 0.315 ? ? ? ? ? ? ? ? ? ? 
# 
_refine.aniso_B[1][1]                            0.805 
_refine.aniso_B[1][2]                            0.000 
_refine.aniso_B[1][3]                            0.000 
_refine.aniso_B[2][2]                            -0.114 
_refine.aniso_B[2][3]                            0.000 
_refine.aniso_B[3][3]                            -0.691 
_refine.B_iso_max                                ? 
_refine.B_iso_mean                               16.524 
_refine.B_iso_min                                ? 
_refine.correlation_coeff_Fo_to_Fc               0.964 
_refine.correlation_coeff_Fo_to_Fc_free          0.953 
_refine.details                                  'Hydrogens have been added in their riding positions' 
_refine.diff_density_max                         ? 
_refine.diff_density_max_esd                     ? 
_refine.diff_density_min                         ? 
_refine.diff_density_min_esd                     ? 
_refine.diff_density_rms                         ? 
_refine.diff_density_rms_esd                     ? 
_refine.entry_id                                 7ZAE 
_refine.pdbx_refine_id                           'X-RAY DIFFRACTION' 
_refine.ls_abs_structure_details                 ? 
_refine.ls_abs_structure_Flack                   ? 
_refine.ls_abs_structure_Flack_esd               ? 
_refine.ls_abs_structure_Rogers                  ? 
_refine.ls_abs_structure_Rogers_esd              ? 
_refine.ls_d_res_high                            1.100 
_refine.ls_d_res_low                             39.83 
_refine.ls_extinction_coef                       ? 
_refine.ls_extinction_coef_esd                   ? 
_refine.ls_extinction_expression                 ? 
_refine.ls_extinction_method                     ? 
_refine.ls_goodness_of_fit_all                   ? 
_refine.ls_goodness_of_fit_all_esd               ? 
_refine.ls_goodness_of_fit_obs                   ? 
_refine.ls_goodness_of_fit_obs_esd               ? 
_refine.ls_hydrogen_treatment                    ? 
_refine.ls_matrix_type                           ? 
_refine.ls_number_constraints                    ? 
_refine.ls_number_parameters                     ? 
_refine.ls_number_reflns_all                     ? 
_refine.ls_number_reflns_obs                     54351 
_refine.ls_number_reflns_R_free                  2636 
_refine.ls_number_reflns_R_work                  51715 
_refine.ls_number_restraints                     ? 
_refine.ls_percent_reflns_obs                    99.728 
_refine.ls_percent_reflns_R_free                 4.850 
_refine.ls_R_factor_all                          0.210 
_refine.ls_R_factor_obs                          ? 
_refine.ls_R_factor_R_free                       0.2340 
_refine.ls_R_factor_R_free_error                 ? 
_refine.ls_R_factor_R_free_error_details         ? 
_refine.ls_R_factor_R_work                       0.2084 
_refine.ls_R_Fsqd_factor_obs                     ? 
_refine.ls_R_I_factor_obs                        ? 
_refine.ls_redundancy_reflns_all                 ? 
_refine.ls_redundancy_reflns_obs                 ? 
_refine.ls_restrained_S_all                      ? 
_refine.ls_restrained_S_obs                      ? 
_refine.ls_shift_over_esd_max                    ? 
_refine.ls_shift_over_esd_mean                   ? 
_refine.ls_structure_factor_coef                 ? 
_refine.ls_weighting_details                     ? 
_refine.ls_weighting_scheme                      ? 
_refine.ls_wR_factor_all                         ? 
_refine.ls_wR_factor_obs                         ? 
_refine.ls_wR_factor_R_free                      ? 
_refine.ls_wR_factor_R_work                      ? 
_refine.occupancy_max                            ? 
_refine.occupancy_min                            ? 
_refine.solvent_model_details                    'MASK BULK SOLVENT' 
_refine.solvent_model_param_bsol                 ? 
_refine.solvent_model_param_ksol                 ? 
_refine.pdbx_R_complete                          ? 
_refine.ls_R_factor_gt                           ? 
_refine.ls_goodness_of_fit_gt                    ? 
_refine.ls_goodness_of_fit_ref                   ? 
_refine.ls_shift_over_su_max                     ? 
_refine.ls_shift_over_su_max_lt                  ? 
_refine.ls_shift_over_su_mean                    ? 
_refine.ls_shift_over_su_mean_lt                 ? 
_refine.pdbx_ls_sigma_I                          ? 
_refine.pdbx_ls_sigma_F                          ? 
_refine.pdbx_ls_sigma_Fsqd                       ? 
_refine.pdbx_data_cutoff_high_absF               ? 
_refine.pdbx_data_cutoff_high_rms_absF           ? 
_refine.pdbx_data_cutoff_low_absF                ? 
_refine.pdbx_isotropic_thermal_model             ? 
_refine.pdbx_ls_cross_valid_method               'FREE R-VALUE' 
_refine.pdbx_method_to_determine_struct          'MOLECULAR REPLACEMENT' 
_refine.pdbx_starting_model                      5LRQ 
_refine.pdbx_stereochemistry_target_values       ? 
_refine.pdbx_R_Free_selection_details            ? 
_refine.pdbx_stereochem_target_val_spec_case     ? 
_refine.pdbx_overall_ESU_R                       0.038 
_refine.pdbx_overall_ESU_R_Free                  0.040 
_refine.pdbx_solvent_vdw_probe_radii             1.200 
_refine.pdbx_solvent_ion_probe_radii             0.800 
_refine.pdbx_solvent_shrinkage_radii             0.800 
_refine.pdbx_real_space_R                        ? 
_refine.pdbx_density_correlation                 ? 
_refine.pdbx_pd_number_of_powder_patterns        ? 
_refine.pdbx_pd_number_of_points                 ? 
_refine.pdbx_pd_meas_number_of_points            ? 
_refine.pdbx_pd_proc_ls_prof_R_factor            ? 
_refine.pdbx_pd_proc_ls_prof_wR_factor           ? 
_refine.pdbx_pd_Marquardt_correlation_coeff      ? 
_refine.pdbx_pd_Fsqrd_R_factor                   ? 
_refine.pdbx_pd_ls_matrix_band_width             ? 
_refine.pdbx_overall_phase_error                 ? 
_refine.pdbx_overall_SU_R_free_Cruickshank_DPI   ? 
_refine.pdbx_overall_SU_R_free_Blow_DPI          ? 
_refine.pdbx_overall_SU_R_Blow_DPI               ? 
_refine.pdbx_TLS_residual_ADP_flag               ? 
_refine.pdbx_diffrn_id                           1 
_refine.overall_SU_B                             0.795 
_refine.overall_SU_ML                            0.036 
_refine.overall_SU_R_Cruickshank_DPI             ? 
_refine.overall_SU_R_free                        ? 
_refine.overall_FOM_free_R_set                   ? 
_refine.overall_FOM_work_R_set                   ? 
_refine.pdbx_average_fsc_overall                 ? 
_refine.pdbx_average_fsc_work                    ? 
_refine.pdbx_average_fsc_free                    ? 
# 
_refine_hist.pdbx_refine_id                   'X-RAY DIFFRACTION' 
_refine_hist.cycle_id                         LAST 
_refine_hist.details                          ? 
_refine_hist.d_res_high                       1.100 
_refine_hist.d_res_low                        39.83 
_refine_hist.number_atoms_solvent             102 
_refine_hist.number_atoms_total               1199 
_refine_hist.number_reflns_all                ? 
_refine_hist.number_reflns_obs                ? 
_refine_hist.number_reflns_R_free             ? 
_refine_hist.number_reflns_R_work             ? 
_refine_hist.R_factor_all                     ? 
_refine_hist.R_factor_obs                     ? 
_refine_hist.R_factor_R_free                  ? 
_refine_hist.R_factor_R_work                  ? 
_refine_hist.pdbx_number_residues_total       ? 
_refine_hist.pdbx_B_iso_mean_ligand           ? 
_refine_hist.pdbx_B_iso_mean_solvent          ? 
_refine_hist.pdbx_number_atoms_protein        1076 
_refine_hist.pdbx_number_atoms_nucleic_acid   0 
_refine_hist.pdbx_number_atoms_ligand         21 
_refine_hist.pdbx_number_atoms_lipid          ? 
_refine_hist.pdbx_number_atoms_carb           ? 
_refine_hist.pdbx_pseudo_atom_details         ? 
# 
loop_
_refine_ls_restr.pdbx_refine_id 
_refine_ls_restr.criterion 
_refine_ls_restr.dev_ideal 
_refine_ls_restr.dev_ideal_target 
_refine_ls_restr.number 
_refine_ls_restr.rejects 
_refine_ls_restr.type 
_refine_ls_restr.weight 
_refine_ls_restr.pdbx_restraint_function 
'X-RAY DIFFRACTION' ? 0.012  0.012  1158 ? r_bond_refined_d               ? ? 
'X-RAY DIFFRACTION' ? 1.915  1.654  1578 ? r_angle_refined_deg            ? ? 
'X-RAY DIFFRACTION' ? 5.555  5.000  136  ? r_dihedral_angle_1_deg         ? ? 
'X-RAY DIFFRACTION' ? 35.966 25.000 58   ? r_dihedral_angle_2_deg         ? ? 
'X-RAY DIFFRACTION' ? 11.165 15.000 205  ? r_dihedral_angle_3_deg         ? ? 
'X-RAY DIFFRACTION' ? 30.707 15.000 3    ? r_dihedral_angle_4_deg         ? ? 
'X-RAY DIFFRACTION' ? 0.115  0.200  147  ? r_chiral_restr                 ? ? 
'X-RAY DIFFRACTION' ? 0.014  0.020  895  ? r_gen_planes_refined           ? ? 
'X-RAY DIFFRACTION' ? 0.217  0.200  522  ? r_nbd_refined                  ? ? 
'X-RAY DIFFRACTION' ? 0.325  0.200  804  ? r_nbtor_refined                ? ? 
'X-RAY DIFFRACTION' ? 0.362  0.200  80   ? r_xyhbond_nbd_refined          ? ? 
'X-RAY DIFFRACTION' ? 0.235  0.200  39   ? r_symmetry_nbd_refined         ? ? 
'X-RAY DIFFRACTION' ? 0.194  0.200  18   ? r_symmetry_xyhbond_nbd_refined ? ? 
'X-RAY DIFFRACTION' ? 1.323  1.315  532  ? r_mcbond_it                    ? ? 
'X-RAY DIFFRACTION' ? 1.943  1.974  669  ? r_mcangle_it                   ? ? 
'X-RAY DIFFRACTION' ? 2.655  1.610  626  ? r_scbond_it                    ? ? 
'X-RAY DIFFRACTION' ? 3.727  2.312  908  ? r_scangle_it                   ? ? 
'X-RAY DIFFRACTION' ? 5.106  19.412 1813 ? r_lrange_it                    ? ? 
# 
loop_
_refine_ls_shell.pdbx_refine_id 
_refine_ls_shell.d_res_high 
_refine_ls_shell.d_res_low 
_refine_ls_shell.number_reflns_all 
_refine_ls_shell.number_reflns_obs 
_refine_ls_shell.number_reflns_R_free 
_refine_ls_shell.number_reflns_R_work 
_refine_ls_shell.percent_reflns_obs 
_refine_ls_shell.percent_reflns_R_free 
_refine_ls_shell.R_factor_all 
_refine_ls_shell.R_factor_obs 
_refine_ls_shell.R_factor_R_free 
_refine_ls_shell.R_factor_R_free_error 
_refine_ls_shell.R_factor_R_work 
_refine_ls_shell.redundancy_reflns_all 
_refine_ls_shell.redundancy_reflns_obs 
_refine_ls_shell.wR_factor_all 
_refine_ls_shell.wR_factor_obs 
_refine_ls_shell.wR_factor_R_free 
_refine_ls_shell.wR_factor_R_work 
_refine_ls_shell.pdbx_R_complete 
_refine_ls_shell.pdbx_total_number_of_bins_used 
_refine_ls_shell.pdbx_phase_error 
_refine_ls_shell.pdbx_fsc_work 
_refine_ls_shell.pdbx_fsc_free 
'X-RAY DIFFRACTION' 1.100 1.129 . . 186 3724 97.5792  . . . 0.367 . 0.375 . . . . . . . . . . . 
'X-RAY DIFFRACTION' 1.129 1.159 . . 171 3695 99.5109  . . . 0.343 . 0.340 . . . . . . . . . . . 
'X-RAY DIFFRACTION' 1.159 1.193 . . 191 3554 99.8667  . . . 0.312 . 0.306 . . . . . . . . . . . 
'X-RAY DIFFRACTION' 1.193 1.230 . . 177 3500 99.8913  . . . 0.288 . 0.282 . . . . . . . . . . . 
'X-RAY DIFFRACTION' 1.230 1.270 . . 178 3360 100.0000 . . . 0.275 . 0.278 . . . . . . . . . . . 
'X-RAY DIFFRACTION' 1.270 1.315 . . 189 3271 100.0000 . . . 0.263 . 0.253 . . . . . . . . . . . 
'X-RAY DIFFRACTION' 1.315 1.364 . . 155 3157 99.9397  . . . 0.283 . 0.228 . . . . . . . . . . . 
'X-RAY DIFFRACTION' 1.364 1.420 . . 160 3034 100.0000 . . . 0.242 . 0.217 . . . . . . . . . . . 
'X-RAY DIFFRACTION' 1.420 1.483 . . 162 2918 100.0000 . . . 0.203 . 0.199 . . . . . . . . . . . 
'X-RAY DIFFRACTION' 1.483 1.555 . . 126 2817 100.0000 . . . 0.221 . 0.183 . . . . . . . . . . . 
'X-RAY DIFFRACTION' 1.555 1.640 . . 143 2665 100.0000 . . . 0.188 . 0.185 . . . . . . . . . . . 
'X-RAY DIFFRACTION' 1.640 1.739 . . 150 2519 99.9625  . . . 0.191 . 0.182 . . . . . . . . . . . 
'X-RAY DIFFRACTION' 1.739 1.859 . . 115 2397 100.0000 . . . 0.231 . 0.176 . . . . . . . . . . . 
'X-RAY DIFFRACTION' 1.859 2.008 . . 112 2236 100.0000 . . . 0.189 . 0.175 . . . . . . . . . . . 
'X-RAY DIFFRACTION' 2.008 2.199 . . 96  2062 100.0000 . . . 0.212 . 0.180 . . . . . . . . . . . 
'X-RAY DIFFRACTION' 2.199 2.459 . . 81  1895 100.0000 . . . 0.205 . 0.188 . . . . . . . . . . . 
'X-RAY DIFFRACTION' 2.459 2.839 . . 85  1668 100.0000 . . . 0.214 . 0.196 . . . . . . . . . . . 
'X-RAY DIFFRACTION' 2.839 3.475 . . 83  1418 100.0000 . . . 0.258 . 0.191 . . . . . . . . . . . 
'X-RAY DIFFRACTION' 3.475 4.910 . . 49  1149 100.0000 . . . 0.234 . 0.190 . . . . . . . . . . . 
'X-RAY DIFFRACTION' 4.910 39.83 . . 27  676  100.0000 . . . 0.226 . 0.241 . . . . . . . . . . . 
# 
_struct.entry_id                     7ZAE 
_struct.title                        'BRD4 in complex with FragLite15' 
_struct.pdbx_model_details           ? 
_struct.pdbx_formula_weight          ? 
_struct.pdbx_formula_weight_method   ? 
_struct.pdbx_model_type_details      ? 
_struct.pdbx_CASP_flag               N 
# 
_struct_keywords.entry_id        7ZAE 
_struct_keywords.text            'BRD4, INHIBITOR, FRAGMENT, BROMODOMAIN, FRAGLITE, TRANSCRIPTION' 
_struct_keywords.pdbx_keywords   TRANSCRIPTION 
# 
loop_
_struct_asym.id 
_struct_asym.pdbx_blank_PDB_chainid_flag 
_struct_asym.pdbx_modified 
_struct_asym.entity_id 
_struct_asym.details 
A N N 1 ? 
B N N 2 ? 
C N N 2 ? 
D N N 3 ? 
E N N 4 ? 
# 
_struct_ref.id                         1 
_struct_ref.db_name                    UNP 
_struct_ref.db_code                    BRD4-2_HUMAN 
_struct_ref.pdbx_db_accession          O60885-2 
_struct_ref.pdbx_db_isoform            ? 
_struct_ref.entity_id                  1 
_struct_ref.pdbx_seq_one_letter_code   
;NPPPPETSNPNKPKRQTNQLQYLLRVVLKTLWKHQFAWPFQQPVDAVKLNLPDYYKIIKTPMDMGTIKKRLENNYYWNAQ
ECIQDFNTMFTNCYIYNKPGDDIVLMAEALEKLFLQKINELPTEE
;
_struct_ref.pdbx_align_begin           44 
# 
_struct_ref_seq.align_id                      1 
_struct_ref_seq.ref_id                        1 
_struct_ref_seq.pdbx_PDB_id_code              7ZAE 
_struct_ref_seq.pdbx_strand_id                AAA 
_struct_ref_seq.seq_align_beg                 5 
_struct_ref_seq.pdbx_seq_align_beg_ins_code   ? 
_struct_ref_seq.seq_align_end                 129 
_struct_ref_seq.pdbx_seq_align_end_ins_code   ? 
_struct_ref_seq.pdbx_db_accession             O60885-2 
_struct_ref_seq.db_align_beg                  44 
_struct_ref_seq.pdbx_db_align_beg_ins_code    ? 
_struct_ref_seq.db_align_end                  168 
_struct_ref_seq.pdbx_db_align_end_ins_code    ? 
_struct_ref_seq.pdbx_auth_seq_align_beg       44 
_struct_ref_seq.pdbx_auth_seq_align_end       168 
# 
loop_
_struct_ref_seq_dif.align_id 
_struct_ref_seq_dif.pdbx_pdb_id_code 
_struct_ref_seq_dif.mon_id 
_struct_ref_seq_dif.pdbx_pdb_strand_id 
_struct_ref_seq_dif.seq_num 
_struct_ref_seq_dif.pdbx_pdb_ins_code 
_struct_ref_seq_dif.pdbx_seq_db_name 
_struct_ref_seq_dif.pdbx_seq_db_accession_code 
_struct_ref_seq_dif.db_mon_id 
_struct_ref_seq_dif.pdbx_seq_db_seq_num 
_struct_ref_seq_dif.details 
_struct_ref_seq_dif.pdbx_auth_seq_num 
_struct_ref_seq_dif.pdbx_ordinal 
1 7ZAE GLY AAA 1 ? UNP O60885-2 ? ? 'expression tag' 40 1 
1 7ZAE SER AAA 2 ? UNP O60885-2 ? ? 'expression tag' 41 2 
1 7ZAE HIS AAA 3 ? UNP O60885-2 ? ? 'expression tag' 42 3 
1 7ZAE MET AAA 4 ? UNP O60885-2 ? ? 'expression tag' 43 4 
# 
_pdbx_struct_assembly.id                   1 
_pdbx_struct_assembly.details              author_defined_assembly 
_pdbx_struct_assembly.method_details       ? 
_pdbx_struct_assembly.oligomeric_details   monomeric 
_pdbx_struct_assembly.oligomeric_count     1 
# 
_pdbx_struct_assembly_gen.assembly_id       1 
_pdbx_struct_assembly_gen.oper_expression   1 
_pdbx_struct_assembly_gen.asym_id_list      A,B,C,D,E 
# 
_pdbx_struct_assembly_auth_evidence.id                     1 
_pdbx_struct_assembly_auth_evidence.assembly_id            1 
_pdbx_struct_assembly_auth_evidence.experimental_support   'gel filtration' 
_pdbx_struct_assembly_auth_evidence.details                ? 
# 
_pdbx_struct_oper_list.id                   1 
_pdbx_struct_oper_list.type                 'identity operation' 
_pdbx_struct_oper_list.name                 1_555 
_pdbx_struct_oper_list.symmetry_operation   x,y,z 
_pdbx_struct_oper_list.matrix[1][1]         1.0000000000 
_pdbx_struct_oper_list.matrix[1][2]         0.0000000000 
_pdbx_struct_oper_list.matrix[1][3]         0.0000000000 
_pdbx_struct_oper_list.vector[1]            0.0000000000 
_pdbx_struct_oper_list.matrix[2][1]         0.0000000000 
_pdbx_struct_oper_list.matrix[2][2]         1.0000000000 
_pdbx_struct_oper_list.matrix[2][3]         0.0000000000 
_pdbx_struct_oper_list.vector[2]            0.0000000000 
_pdbx_struct_oper_list.matrix[3][1]         0.0000000000 
_pdbx_struct_oper_list.matrix[3][2]         0.0000000000 
_pdbx_struct_oper_list.matrix[3][3]         1.0000000000 
_pdbx_struct_oper_list.vector[3]            0.0000000000 
# 
loop_
_struct_conf.conf_type_id 
_struct_conf.id 
_struct_conf.pdbx_PDB_helix_id 
_struct_conf.beg_label_comp_id 
_struct_conf.beg_label_asym_id 
_struct_conf.beg_label_seq_id 
_struct_conf.pdbx_beg_PDB_ins_code 
_struct_conf.end_label_comp_id 
_struct_conf.end_label_asym_id 
_struct_conf.end_label_seq_id 
_struct_conf.pdbx_end_PDB_ins_code 
_struct_conf.beg_auth_comp_id 
_struct_conf.beg_auth_asym_id 
_struct_conf.beg_auth_seq_id 
_struct_conf.end_auth_comp_id 
_struct_conf.end_auth_asym_id 
_struct_conf.end_auth_seq_id 
_struct_conf.pdbx_PDB_helix_class 
_struct_conf.details 
_struct_conf.pdbx_PDB_helix_length 
HELX_P HELX_P1 AA1 THR A 21  ? VAL A 30  ? THR AAA 60  VAL AAA 69  1 ? 10 
HELX_P HELX_P2 AA2 VAL A 30  ? LYS A 37  ? VAL AAA 69  LYS AAA 76  1 ? 8  
HELX_P HELX_P3 AA3 ALA A 41  ? GLN A 45  ? ALA AAA 80  GLN AAA 84  5 ? 5  
HELX_P HELX_P4 AA4 ASP A 57  ? ILE A 62  ? ASP AAA 96  ILE AAA 101 1 ? 6  
HELX_P HELX_P5 AA5 ASP A 67  ? ASN A 77  ? ASP AAA 106 ASN AAA 116 1 ? 11 
HELX_P HELX_P6 AA6 ASN A 82  ? ASN A 101 ? ASN AAA 121 ASN AAA 140 1 ? 20 
HELX_P HELX_P7 AA7 ASP A 105 ? GLU A 124 ? ASP AAA 144 GLU AAA 163 1 ? 20 
# 
_struct_conf_type.id          HELX_P 
_struct_conf_type.criteria    ? 
_struct_conf_type.reference   ? 
# 
loop_
_pdbx_validate_close_contact.id 
_pdbx_validate_close_contact.PDB_model_num 
_pdbx_validate_close_contact.auth_atom_id_1 
_pdbx_validate_close_contact.auth_asym_id_1 
_pdbx_validate_close_contact.auth_comp_id_1 
_pdbx_validate_close_contact.auth_seq_id_1 
_pdbx_validate_close_contact.PDB_ins_code_1 
_pdbx_validate_close_contact.label_alt_id_1 
_pdbx_validate_close_contact.auth_atom_id_2 
_pdbx_validate_close_contact.auth_asym_id_2 
_pdbx_validate_close_contact.auth_comp_id_2 
_pdbx_validate_close_contact.auth_seq_id_2 
_pdbx_validate_close_contact.PDB_ins_code_2 
_pdbx_validate_close_contact.label_alt_id_2 
_pdbx_validate_close_contact.dist 
1 1 NZ AAA LYS 99  ? ? O AAA HOH 301 ? ? 2.18 
2 1 O  AAA HOH 305 ? ? O AAA HOH 364 ? ? 2.18 
# 
_pdbx_validate_rmsd_bond.id                        1 
_pdbx_validate_rmsd_bond.PDB_model_num             1 
_pdbx_validate_rmsd_bond.auth_atom_id_1            CD 
_pdbx_validate_rmsd_bond.auth_asym_id_1            AAA 
_pdbx_validate_rmsd_bond.auth_comp_id_1            GLU 
_pdbx_validate_rmsd_bond.auth_seq_id_1             124 
_pdbx_validate_rmsd_bond.PDB_ins_code_1            ? 
_pdbx_validate_rmsd_bond.label_alt_id_1            ? 
_pdbx_validate_rmsd_bond.auth_atom_id_2            OE2 
_pdbx_validate_rmsd_bond.auth_asym_id_2            AAA 
_pdbx_validate_rmsd_bond.auth_comp_id_2            GLU 
_pdbx_validate_rmsd_bond.auth_seq_id_2             124 
_pdbx_validate_rmsd_bond.PDB_ins_code_2            ? 
_pdbx_validate_rmsd_bond.label_alt_id_2            ? 
_pdbx_validate_rmsd_bond.bond_value                1.172 
_pdbx_validate_rmsd_bond.bond_target_value         1.252 
_pdbx_validate_rmsd_bond.bond_deviation            -0.080 
_pdbx_validate_rmsd_bond.bond_standard_deviation   0.011 
_pdbx_validate_rmsd_bond.linker_flag               N 
# 
loop_
_pdbx_validate_rmsd_angle.id 
_pdbx_validate_rmsd_angle.PDB_model_num 
_pdbx_validate_rmsd_angle.auth_atom_id_1 
_pdbx_validate_rmsd_angle.auth_asym_id_1 
_pdbx_validate_rmsd_angle.auth_comp_id_1 
_pdbx_validate_rmsd_angle.auth_seq_id_1 
_pdbx_validate_rmsd_angle.PDB_ins_code_1 
_pdbx_validate_rmsd_angle.label_alt_id_1 
_pdbx_validate_rmsd_angle.auth_atom_id_2 
_pdbx_validate_rmsd_angle.auth_asym_id_2 
_pdbx_validate_rmsd_angle.auth_comp_id_2 
_pdbx_validate_rmsd_angle.auth_seq_id_2 
_pdbx_validate_rmsd_angle.PDB_ins_code_2 
_pdbx_validate_rmsd_angle.label_alt_id_2 
_pdbx_validate_rmsd_angle.auth_atom_id_3 
_pdbx_validate_rmsd_angle.auth_asym_id_3 
_pdbx_validate_rmsd_angle.auth_comp_id_3 
_pdbx_validate_rmsd_angle.auth_seq_id_3 
_pdbx_validate_rmsd_angle.PDB_ins_code_3 
_pdbx_validate_rmsd_angle.label_alt_id_3 
_pdbx_validate_rmsd_angle.angle_value 
_pdbx_validate_rmsd_angle.angle_target_value 
_pdbx_validate_rmsd_angle.angle_deviation 
_pdbx_validate_rmsd_angle.angle_standard_deviation 
_pdbx_validate_rmsd_angle.linker_flag 
1 1 CG AAA ARG 58  ? ? CD AAA ARG 58  ? ? NE AAA ARG 58  ? ? 124.44 111.80 12.64 2.10 N 
2 1 CG AAA MET 149 ? ? SD AAA MET 149 ? ? CE AAA MET 149 ? ? 90.59  100.20 -9.61 1.60 N 
# 
_pdbx_validate_torsion.id              1 
_pdbx_validate_torsion.PDB_model_num   1 
_pdbx_validate_torsion.auth_comp_id    ASN 
_pdbx_validate_torsion.auth_asym_id    AAA 
_pdbx_validate_torsion.auth_seq_id     52 
_pdbx_validate_torsion.PDB_ins_code    ? 
_pdbx_validate_torsion.label_alt_id    ? 
_pdbx_validate_torsion.phi             -169.85 
_pdbx_validate_torsion.psi             108.74 
# 
_pdbx_entry_details.entry_id                 7ZAE 
_pdbx_entry_details.has_ligand_of_interest   Y 
_pdbx_entry_details.compound_details         ? 
_pdbx_entry_details.source_details           ? 
_pdbx_entry_details.nonpolymer_details       ? 
_pdbx_entry_details.sequence_details         ? 
# 
loop_
_chem_comp_atom.comp_id 
_chem_comp_atom.atom_id 
_chem_comp_atom.type_symbol 
_chem_comp_atom.pdbx_aromatic_flag 
_chem_comp_atom.pdbx_stereo_config 
_chem_comp_atom.pdbx_ordinal 
ALA N    N  N N 1   
ALA CA   C  N S 2   
ALA C    C  N N 3   
ALA O    O  N N 4   
ALA CB   C  N N 5   
ALA OXT  O  N N 6   
ALA H    H  N N 7   
ALA H2   H  N N 8   
ALA HA   H  N N 9   
ALA HB1  H  N N 10  
ALA HB2  H  N N 11  
ALA HB3  H  N N 12  
ALA HXT  H  N N 13  
ARG N    N  N N 14  
ARG CA   C  N S 15  
ARG C    C  N N 16  
ARG O    O  N N 17  
ARG CB   C  N N 18  
ARG CG   C  N N 19  
ARG CD   C  N N 20  
ARG NE   N  N N 21  
ARG CZ   C  N N 22  
ARG NH1  N  N N 23  
ARG NH2  N  N N 24  
ARG OXT  O  N N 25  
ARG H    H  N N 26  
ARG H2   H  N N 27  
ARG HA   H  N N 28  
ARG HB2  H  N N 29  
ARG HB3  H  N N 30  
ARG HG2  H  N N 31  
ARG HG3  H  N N 32  
ARG HD2  H  N N 33  
ARG HD3  H  N N 34  
ARG HE   H  N N 35  
ARG HH11 H  N N 36  
ARG HH12 H  N N 37  
ARG HH21 H  N N 38  
ARG HH22 H  N N 39  
ARG HXT  H  N N 40  
ASN N    N  N N 41  
ASN CA   C  N S 42  
ASN C    C  N N 43  
ASN O    O  N N 44  
ASN CB   C  N N 45  
ASN CG   C  N N 46  
ASN OD1  O  N N 47  
ASN ND2  N  N N 48  
ASN OXT  O  N N 49  
ASN H    H  N N 50  
ASN H2   H  N N 51  
ASN HA   H  N N 52  
ASN HB2  H  N N 53  
ASN HB3  H  N N 54  
ASN HD21 H  N N 55  
ASN HD22 H  N N 56  
ASN HXT  H  N N 57  
ASP N    N  N N 58  
ASP CA   C  N S 59  
ASP C    C  N N 60  
ASP O    O  N N 61  
ASP CB   C  N N 62  
ASP CG   C  N N 63  
ASP OD1  O  N N 64  
ASP OD2  O  N N 65  
ASP OXT  O  N N 66  
ASP H    H  N N 67  
ASP H2   H  N N 68  
ASP HA   H  N N 69  
ASP HB2  H  N N 70  
ASP HB3  H  N N 71  
ASP HD2  H  N N 72  
ASP HXT  H  N N 73  
CYS N    N  N N 74  
CYS CA   C  N R 75  
CYS C    C  N N 76  
CYS O    O  N N 77  
CYS CB   C  N N 78  
CYS SG   S  N N 79  
CYS OXT  O  N N 80  
CYS H    H  N N 81  
CYS H2   H  N N 82  
CYS HA   H  N N 83  
CYS HB2  H  N N 84  
CYS HB3  H  N N 85  
CYS HG   H  N N 86  
CYS HXT  H  N N 87  
GLN N    N  N N 88  
GLN CA   C  N S 89  
GLN C    C  N N 90  
GLN O    O  N N 91  
GLN CB   C  N N 92  
GLN CG   C  N N 93  
GLN CD   C  N N 94  
GLN OE1  O  N N 95  
GLN NE2  N  N N 96  
GLN OXT  O  N N 97  
GLN H    H  N N 98  
GLN H2   H  N N 99  
GLN HA   H  N N 100 
GLN HB2  H  N N 101 
GLN HB3  H  N N 102 
GLN HG2  H  N N 103 
GLN HG3  H  N N 104 
GLN HE21 H  N N 105 
GLN HE22 H  N N 106 
GLN HXT  H  N N 107 
GLU N    N  N N 108 
GLU CA   C  N S 109 
GLU C    C  N N 110 
GLU O    O  N N 111 
GLU CB   C  N N 112 
GLU CG   C  N N 113 
GLU CD   C  N N 114 
GLU OE1  O  N N 115 
GLU OE2  O  N N 116 
GLU OXT  O  N N 117 
GLU H    H  N N 118 
GLU H2   H  N N 119 
GLU HA   H  N N 120 
GLU HB2  H  N N 121 
GLU HB3  H  N N 122 
GLU HG2  H  N N 123 
GLU HG3  H  N N 124 
GLU HE2  H  N N 125 
GLU HXT  H  N N 126 
GLY N    N  N N 127 
GLY CA   C  N N 128 
GLY C    C  N N 129 
GLY O    O  N N 130 
GLY OXT  O  N N 131 
GLY H    H  N N 132 
GLY H2   H  N N 133 
GLY HA2  H  N N 134 
GLY HA3  H  N N 135 
GLY HXT  H  N N 136 
GOL C1   C  N N 137 
GOL O1   O  N N 138 
GOL C2   C  N N 139 
GOL O2   O  N N 140 
GOL C3   C  N N 141 
GOL O3   O  N N 142 
GOL H11  H  N N 143 
GOL H12  H  N N 144 
GOL HO1  H  N N 145 
GOL H2   H  N N 146 
GOL HO2  H  N N 147 
GOL H31  H  N N 148 
GOL H32  H  N N 149 
GOL HO3  H  N N 150 
HIS N    N  N N 151 
HIS CA   C  N S 152 
HIS C    C  N N 153 
HIS O    O  N N 154 
HIS CB   C  N N 155 
HIS CG   C  Y N 156 
HIS ND1  N  Y N 157 
HIS CD2  C  Y N 158 
HIS CE1  C  Y N 159 
HIS NE2  N  Y N 160 
HIS OXT  O  N N 161 
HIS H    H  N N 162 
HIS H2   H  N N 163 
HIS HA   H  N N 164 
HIS HB2  H  N N 165 
HIS HB3  H  N N 166 
HIS HD1  H  N N 167 
HIS HD2  H  N N 168 
HIS HE1  H  N N 169 
HIS HE2  H  N N 170 
HIS HXT  H  N N 171 
HOH O    O  N N 172 
HOH H1   H  N N 173 
HOH H2   H  N N 174 
IJO C4   C  Y N 175 
IJO C5   C  Y N 176 
IJO C6   C  Y N 177 
IJO N1   N  Y N 178 
IJO C3   C  Y N 179 
IJO C1   C  N N 180 
IJO O1   O  N N 181 
IJO C2   C  Y N 182 
IJO BR1  BR N N 183 
IJO H1   H  N N 184 
IJO H2   H  N N 185 
IJO H3   H  N N 186 
IJO H4   H  N N 187 
IJO H5   H  N N 188 
IJO H6   H  N N 189 
ILE N    N  N N 190 
ILE CA   C  N S 191 
ILE C    C  N N 192 
ILE O    O  N N 193 
ILE CB   C  N S 194 
ILE CG1  C  N N 195 
ILE CG2  C  N N 196 
ILE CD1  C  N N 197 
ILE OXT  O  N N 198 
ILE H    H  N N 199 
ILE H2   H  N N 200 
ILE HA   H  N N 201 
ILE HB   H  N N 202 
ILE HG12 H  N N 203 
ILE HG13 H  N N 204 
ILE HG21 H  N N 205 
ILE HG22 H  N N 206 
ILE HG23 H  N N 207 
ILE HD11 H  N N 208 
ILE HD12 H  N N 209 
ILE HD13 H  N N 210 
ILE HXT  H  N N 211 
LEU N    N  N N 212 
LEU CA   C  N S 213 
LEU C    C  N N 214 
LEU O    O  N N 215 
LEU CB   C  N N 216 
LEU CG   C  N N 217 
LEU CD1  C  N N 218 
LEU CD2  C  N N 219 
LEU OXT  O  N N 220 
LEU H    H  N N 221 
LEU H2   H  N N 222 
LEU HA   H  N N 223 
LEU HB2  H  N N 224 
LEU HB3  H  N N 225 
LEU HG   H  N N 226 
LEU HD11 H  N N 227 
LEU HD12 H  N N 228 
LEU HD13 H  N N 229 
LEU HD21 H  N N 230 
LEU HD22 H  N N 231 
LEU HD23 H  N N 232 
LEU HXT  H  N N 233 
LYS N    N  N N 234 
LYS CA   C  N S 235 
LYS C    C  N N 236 
LYS O    O  N N 237 
LYS CB   C  N N 238 
LYS CG   C  N N 239 
LYS CD   C  N N 240 
LYS CE   C  N N 241 
LYS NZ   N  N N 242 
LYS OXT  O  N N 243 
LYS H    H  N N 244 
LYS H2   H  N N 245 
LYS HA   H  N N 246 
LYS HB2  H  N N 247 
LYS HB3  H  N N 248 
LYS HG2  H  N N 249 
LYS HG3  H  N N 250 
LYS HD2  H  N N 251 
LYS HD3  H  N N 252 
LYS HE2  H  N N 253 
LYS HE3  H  N N 254 
LYS HZ1  H  N N 255 
LYS HZ2  H  N N 256 
LYS HZ3  H  N N 257 
LYS HXT  H  N N 258 
MET N    N  N N 259 
MET CA   C  N S 260 
MET C    C  N N 261 
MET O    O  N N 262 
MET CB   C  N N 263 
MET CG   C  N N 264 
MET SD   S  N N 265 
MET CE   C  N N 266 
MET OXT  O  N N 267 
MET H    H  N N 268 
MET H2   H  N N 269 
MET HA   H  N N 270 
MET HB2  H  N N 271 
MET HB3  H  N N 272 
MET HG2  H  N N 273 
MET HG3  H  N N 274 
MET HE1  H  N N 275 
MET HE2  H  N N 276 
MET HE3  H  N N 277 
MET HXT  H  N N 278 
PHE N    N  N N 279 
PHE CA   C  N S 280 
PHE C    C  N N 281 
PHE O    O  N N 282 
PHE CB   C  N N 283 
PHE CG   C  Y N 284 
PHE CD1  C  Y N 285 
PHE CD2  C  Y N 286 
PHE CE1  C  Y N 287 
PHE CE2  C  Y N 288 
PHE CZ   C  Y N 289 
PHE OXT  O  N N 290 
PHE H    H  N N 291 
PHE H2   H  N N 292 
PHE HA   H  N N 293 
PHE HB2  H  N N 294 
PHE HB3  H  N N 295 
PHE HD1  H  N N 296 
PHE HD2  H  N N 297 
PHE HE1  H  N N 298 
PHE HE2  H  N N 299 
PHE HZ   H  N N 300 
PHE HXT  H  N N 301 
PRO N    N  N N 302 
PRO CA   C  N S 303 
PRO C    C  N N 304 
PRO O    O  N N 305 
PRO CB   C  N N 306 
PRO CG   C  N N 307 
PRO CD   C  N N 308 
PRO OXT  O  N N 309 
PRO H    H  N N 310 
PRO HA   H  N N 311 
PRO HB2  H  N N 312 
PRO HB3  H  N N 313 
PRO HG2  H  N N 314 
PRO HG3  H  N N 315 
PRO HD2  H  N N 316 
PRO HD3  H  N N 317 
PRO HXT  H  N N 318 
SER N    N  N N 319 
SER CA   C  N S 320 
SER C    C  N N 321 
SER O    O  N N 322 
SER CB   C  N N 323 
SER OG   O  N N 324 
SER OXT  O  N N 325 
SER H    H  N N 326 
SER H2   H  N N 327 
SER HA   H  N N 328 
SER HB2  H  N N 329 
SER HB3  H  N N 330 
SER HG   H  N N 331 
SER HXT  H  N N 332 
THR N    N  N N 333 
THR CA   C  N S 334 
THR C    C  N N 335 
THR O    O  N N 336 
THR CB   C  N R 337 
THR OG1  O  N N 338 
THR CG2  C  N N 339 
THR OXT  O  N N 340 
THR H    H  N N 341 
THR H2   H  N N 342 
THR HA   H  N N 343 
THR HB   H  N N 344 
THR HG1  H  N N 345 
THR HG21 H  N N 346 
THR HG22 H  N N 347 
THR HG23 H  N N 348 
THR HXT  H  N N 349 
TRP N    N  N N 350 
TRP CA   C  N S 351 
TRP C    C  N N 352 
TRP O    O  N N 353 
TRP CB   C  N N 354 
TRP CG   C  Y N 355 
TRP CD1  C  Y N 356 
TRP CD2  C  Y N 357 
TRP NE1  N  Y N 358 
TRP CE2  C  Y N 359 
TRP CE3  C  Y N 360 
TRP CZ2  C  Y N 361 
TRP CZ3  C  Y N 362 
TRP CH2  C  Y N 363 
TRP OXT  O  N N 364 
TRP H    H  N N 365 
TRP H2   H  N N 366 
TRP HA   H  N N 367 
TRP HB2  H  N N 368 
TRP HB3  H  N N 369 
TRP HD1  H  N N 370 
TRP HE1  H  N N 371 
TRP HE3  H  N N 372 
TRP HZ2  H  N N 373 
TRP HZ3  H  N N 374 
TRP HH2  H  N N 375 
TRP HXT  H  N N 376 
TYR N    N  N N 377 
TYR CA   C  N S 378 
TYR C    C  N N 379 
TYR O    O  N N 380 
TYR CB   C  N N 381 
TYR CG   C  Y N 382 
TYR CD1  C  Y N 383 
TYR CD2  C  Y N 384 
TYR CE1  C  Y N 385 
TYR CE2  C  Y N 386 
TYR CZ   C  Y N 387 
TYR OH   O  N N 388 
TYR OXT  O  N N 389 
TYR H    H  N N 390 
TYR H2   H  N N 391 
TYR HA   H  N N 392 
TYR HB2  H  N N 393 
TYR HB3  H  N N 394 
TYR HD1  H  N N 395 
TYR HD2  H  N N 396 
TYR HE1  H  N N 397 
TYR HE2  H  N N 398 
TYR HH   H  N N 399 
TYR HXT  H  N N 400 
VAL N    N  N N 401 
VAL CA   C  N S 402 
VAL C    C  N N 403 
VAL O    O  N N 404 
VAL CB   C  N N 405 
VAL CG1  C  N N 406 
VAL CG2  C  N N 407 
VAL OXT  O  N N 408 
VAL H    H  N N 409 
VAL H2   H  N N 410 
VAL HA   H  N N 411 
VAL HB   H  N N 412 
VAL HG11 H  N N 413 
VAL HG12 H  N N 414 
VAL HG13 H  N N 415 
VAL HG21 H  N N 416 
VAL HG22 H  N N 417 
VAL HG23 H  N N 418 
VAL HXT  H  N N 419 
# 
loop_
_chem_comp_bond.comp_id 
_chem_comp_bond.atom_id_1 
_chem_comp_bond.atom_id_2 
_chem_comp_bond.value_order 
_chem_comp_bond.pdbx_aromatic_flag 
_chem_comp_bond.pdbx_stereo_config 
_chem_comp_bond.pdbx_ordinal 
ALA N   CA   sing N N 1   
ALA N   H    sing N N 2   
ALA N   H2   sing N N 3   
ALA CA  C    sing N N 4   
ALA CA  CB   sing N N 5   
ALA CA  HA   sing N N 6   
ALA C   O    doub N N 7   
ALA C   OXT  sing N N 8   
ALA CB  HB1  sing N N 9   
ALA CB  HB2  sing N N 10  
ALA CB  HB3  sing N N 11  
ALA OXT HXT  sing N N 12  
ARG N   CA   sing N N 13  
ARG N   H    sing N N 14  
ARG N   H2   sing N N 15  
ARG CA  C    sing N N 16  
ARG CA  CB   sing N N 17  
ARG CA  HA   sing N N 18  
ARG C   O    doub N N 19  
ARG C   OXT  sing N N 20  
ARG CB  CG   sing N N 21  
ARG CB  HB2  sing N N 22  
ARG CB  HB3  sing N N 23  
ARG CG  CD   sing N N 24  
ARG CG  HG2  sing N N 25  
ARG CG  HG3  sing N N 26  
ARG CD  NE   sing N N 27  
ARG CD  HD2  sing N N 28  
ARG CD  HD3  sing N N 29  
ARG NE  CZ   sing N N 30  
ARG NE  HE   sing N N 31  
ARG CZ  NH1  sing N N 32  
ARG CZ  NH2  doub N N 33  
ARG NH1 HH11 sing N N 34  
ARG NH1 HH12 sing N N 35  
ARG NH2 HH21 sing N N 36  
ARG NH2 HH22 sing N N 37  
ARG OXT HXT  sing N N 38  
ASN N   CA   sing N N 39  
ASN N   H    sing N N 40  
ASN N   H2   sing N N 41  
ASN CA  C    sing N N 42  
ASN CA  CB   sing N N 43  
ASN CA  HA   sing N N 44  
ASN C   O    doub N N 45  
ASN C   OXT  sing N N 46  
ASN CB  CG   sing N N 47  
ASN CB  HB2  sing N N 48  
ASN CB  HB3  sing N N 49  
ASN CG  OD1  doub N N 50  
ASN CG  ND2  sing N N 51  
ASN ND2 HD21 sing N N 52  
ASN ND2 HD22 sing N N 53  
ASN OXT HXT  sing N N 54  
ASP N   CA   sing N N 55  
ASP N   H    sing N N 56  
ASP N   H2   sing N N 57  
ASP CA  C    sing N N 58  
ASP CA  CB   sing N N 59  
ASP CA  HA   sing N N 60  
ASP C   O    doub N N 61  
ASP C   OXT  sing N N 62  
ASP CB  CG   sing N N 63  
ASP CB  HB2  sing N N 64  
ASP CB  HB3  sing N N 65  
ASP CG  OD1  doub N N 66  
ASP CG  OD2  sing N N 67  
ASP OD2 HD2  sing N N 68  
ASP OXT HXT  sing N N 69  
CYS N   CA   sing N N 70  
CYS N   H    sing N N 71  
CYS N   H2   sing N N 72  
CYS CA  C    sing N N 73  
CYS CA  CB   sing N N 74  
CYS CA  HA   sing N N 75  
CYS C   O    doub N N 76  
CYS C   OXT  sing N N 77  
CYS CB  SG   sing N N 78  
CYS CB  HB2  sing N N 79  
CYS CB  HB3  sing N N 80  
CYS SG  HG   sing N N 81  
CYS OXT HXT  sing N N 82  
GLN N   CA   sing N N 83  
GLN N   H    sing N N 84  
GLN N   H2   sing N N 85  
GLN CA  C    sing N N 86  
GLN CA  CB   sing N N 87  
GLN CA  HA   sing N N 88  
GLN C   O    doub N N 89  
GLN C   OXT  sing N N 90  
GLN CB  CG   sing N N 91  
GLN CB  HB2  sing N N 92  
GLN CB  HB3  sing N N 93  
GLN CG  CD   sing N N 94  
GLN CG  HG2  sing N N 95  
GLN CG  HG3  sing N N 96  
GLN CD  OE1  doub N N 97  
GLN CD  NE2  sing N N 98  
GLN NE2 HE21 sing N N 99  
GLN NE2 HE22 sing N N 100 
GLN OXT HXT  sing N N 101 
GLU N   CA   sing N N 102 
GLU N   H    sing N N 103 
GLU N   H2   sing N N 104 
GLU CA  C    sing N N 105 
GLU CA  CB   sing N N 106 
GLU CA  HA   sing N N 107 
GLU C   O    doub N N 108 
GLU C   OXT  sing N N 109 
GLU CB  CG   sing N N 110 
GLU CB  HB2  sing N N 111 
GLU CB  HB3  sing N N 112 
GLU CG  CD   sing N N 113 
GLU CG  HG2  sing N N 114 
GLU CG  HG3  sing N N 115 
GLU CD  OE1  doub N N 116 
GLU CD  OE2  sing N N 117 
GLU OE2 HE2  sing N N 118 
GLU OXT HXT  sing N N 119 
GLY N   CA   sing N N 120 
GLY N   H    sing N N 121 
GLY N   H2   sing N N 122 
GLY CA  C    sing N N 123 
GLY CA  HA2  sing N N 124 
GLY CA  HA3  sing N N 125 
GLY C   O    doub N N 126 
GLY C   OXT  sing N N 127 
GLY OXT HXT  sing N N 128 
GOL C1  O1   sing N N 129 
GOL C1  C2   sing N N 130 
GOL C1  H11  sing N N 131 
GOL C1  H12  sing N N 132 
GOL O1  HO1  sing N N 133 
GOL C2  O2   sing N N 134 
GOL C2  C3   sing N N 135 
GOL C2  H2   sing N N 136 
GOL O2  HO2  sing N N 137 
GOL C3  O3   sing N N 138 
GOL C3  H31  sing N N 139 
GOL C3  H32  sing N N 140 
GOL O3  HO3  sing N N 141 
HIS N   CA   sing N N 142 
HIS N   H    sing N N 143 
HIS N   H2   sing N N 144 
HIS CA  C    sing N N 145 
HIS CA  CB   sing N N 146 
HIS CA  HA   sing N N 147 
HIS C   O    doub N N 148 
HIS C   OXT  sing N N 149 
HIS CB  CG   sing N N 150 
HIS CB  HB2  sing N N 151 
HIS CB  HB3  sing N N 152 
HIS CG  ND1  sing Y N 153 
HIS CG  CD2  doub Y N 154 
HIS ND1 CE1  doub Y N 155 
HIS ND1 HD1  sing N N 156 
HIS CD2 NE2  sing Y N 157 
HIS CD2 HD2  sing N N 158 
HIS CE1 NE2  sing Y N 159 
HIS CE1 HE1  sing N N 160 
HIS NE2 HE2  sing N N 161 
HIS OXT HXT  sing N N 162 
HOH O   H1   sing N N 163 
HOH O   H2   sing N N 164 
IJO BR1 C4   sing N N 165 
IJO C5  C4   doub Y N 166 
IJO C5  C6   sing Y N 167 
IJO C4  C3   sing Y N 168 
IJO C6  N1   doub Y N 169 
IJO C3  C2   doub Y N 170 
IJO N1  C2   sing Y N 171 
IJO C2  O1   sing N N 172 
IJO O1  C1   sing N N 173 
IJO C5  H1   sing N N 174 
IJO C6  H2   sing N N 175 
IJO C3  H3   sing N N 176 
IJO C1  H4   sing N N 177 
IJO C1  H5   sing N N 178 
IJO C1  H6   sing N N 179 
ILE N   CA   sing N N 180 
ILE N   H    sing N N 181 
ILE N   H2   sing N N 182 
ILE CA  C    sing N N 183 
ILE CA  CB   sing N N 184 
ILE CA  HA   sing N N 185 
ILE C   O    doub N N 186 
ILE C   OXT  sing N N 187 
ILE CB  CG1  sing N N 188 
ILE CB  CG2  sing N N 189 
ILE CB  HB   sing N N 190 
ILE CG1 CD1  sing N N 191 
ILE CG1 HG12 sing N N 192 
ILE CG1 HG13 sing N N 193 
ILE CG2 HG21 sing N N 194 
ILE CG2 HG22 sing N N 195 
ILE CG2 HG23 sing N N 196 
ILE CD1 HD11 sing N N 197 
ILE CD1 HD12 sing N N 198 
ILE CD1 HD13 sing N N 199 
ILE OXT HXT  sing N N 200 
LEU N   CA   sing N N 201 
LEU N   H    sing N N 202 
LEU N   H2   sing N N 203 
LEU CA  C    sing N N 204 
LEU CA  CB   sing N N 205 
LEU CA  HA   sing N N 206 
LEU C   O    doub N N 207 
LEU C   OXT  sing N N 208 
LEU CB  CG   sing N N 209 
LEU CB  HB2  sing N N 210 
LEU CB  HB3  sing N N 211 
LEU CG  CD1  sing N N 212 
LEU CG  CD2  sing N N 213 
LEU CG  HG   sing N N 214 
LEU CD1 HD11 sing N N 215 
LEU CD1 HD12 sing N N 216 
LEU CD1 HD13 sing N N 217 
LEU CD2 HD21 sing N N 218 
LEU CD2 HD22 sing N N 219 
LEU CD2 HD23 sing N N 220 
LEU OXT HXT  sing N N 221 
LYS N   CA   sing N N 222 
LYS N   H    sing N N 223 
LYS N   H2   sing N N 224 
LYS CA  C    sing N N 225 
LYS CA  CB   sing N N 226 
LYS CA  HA   sing N N 227 
LYS C   O    doub N N 228 
LYS C   OXT  sing N N 229 
LYS CB  CG   sing N N 230 
LYS CB  HB2  sing N N 231 
LYS CB  HB3  sing N N 232 
LYS CG  CD   sing N N 233 
LYS CG  HG2  sing N N 234 
LYS CG  HG3  sing N N 235 
LYS CD  CE   sing N N 236 
LYS CD  HD2  sing N N 237 
LYS CD  HD3  sing N N 238 
LYS CE  NZ   sing N N 239 
LYS CE  HE2  sing N N 240 
LYS CE  HE3  sing N N 241 
LYS NZ  HZ1  sing N N 242 
LYS NZ  HZ2  sing N N 243 
LYS NZ  HZ3  sing N N 244 
LYS OXT HXT  sing N N 245 
MET N   CA   sing N N 246 
MET N   H    sing N N 247 
MET N   H2   sing N N 248 
MET CA  C    sing N N 249 
MET CA  CB   sing N N 250 
MET CA  HA   sing N N 251 
MET C   O    doub N N 252 
MET C   OXT  sing N N 253 
MET CB  CG   sing N N 254 
MET CB  HB2  sing N N 255 
MET CB  HB3  sing N N 256 
MET CG  SD   sing N N 257 
MET CG  HG2  sing N N 258 
MET CG  HG3  sing N N 259 
MET SD  CE   sing N N 260 
MET CE  HE1  sing N N 261 
MET CE  HE2  sing N N 262 
MET CE  HE3  sing N N 263 
MET OXT HXT  sing N N 264 
PHE N   CA   sing N N 265 
PHE N   H    sing N N 266 
PHE N   H2   sing N N 267 
PHE CA  C    sing N N 268 
PHE CA  CB   sing N N 269 
PHE CA  HA   sing N N 270 
PHE C   O    doub N N 271 
PHE C   OXT  sing N N 272 
PHE CB  CG   sing N N 273 
PHE CB  HB2  sing N N 274 
PHE CB  HB3  sing N N 275 
PHE CG  CD1  doub Y N 276 
PHE CG  CD2  sing Y N 277 
PHE CD1 CE1  sing Y N 278 
PHE CD1 HD1  sing N N 279 
PHE CD2 CE2  doub Y N 280 
PHE CD2 HD2  sing N N 281 
PHE CE1 CZ   doub Y N 282 
PHE CE1 HE1  sing N N 283 
PHE CE2 CZ   sing Y N 284 
PHE CE2 HE2  sing N N 285 
PHE CZ  HZ   sing N N 286 
PHE OXT HXT  sing N N 287 
PRO N   CA   sing N N 288 
PRO N   CD   sing N N 289 
PRO N   H    sing N N 290 
PRO CA  C    sing N N 291 
PRO CA  CB   sing N N 292 
PRO CA  HA   sing N N 293 
PRO C   O    doub N N 294 
PRO C   OXT  sing N N 295 
PRO CB  CG   sing N N 296 
PRO CB  HB2  sing N N 297 
PRO CB  HB3  sing N N 298 
PRO CG  CD   sing N N 299 
PRO CG  HG2  sing N N 300 
PRO CG  HG3  sing N N 301 
PRO CD  HD2  sing N N 302 
PRO CD  HD3  sing N N 303 
PRO OXT HXT  sing N N 304 
SER N   CA   sing N N 305 
SER N   H    sing N N 306 
SER N   H2   sing N N 307 
SER CA  C    sing N N 308 
SER CA  CB   sing N N 309 
SER CA  HA   sing N N 310 
SER C   O    doub N N 311 
SER C   OXT  sing N N 312 
SER CB  OG   sing N N 313 
SER CB  HB2  sing N N 314 
SER CB  HB3  sing N N 315 
SER OG  HG   sing N N 316 
SER OXT HXT  sing N N 317 
THR N   CA   sing N N 318 
THR N   H    sing N N 319 
THR N   H2   sing N N 320 
THR CA  C    sing N N 321 
THR CA  CB   sing N N 322 
THR CA  HA   sing N N 323 
THR C   O    doub N N 324 
THR C   OXT  sing N N 325 
THR CB  OG1  sing N N 326 
THR CB  CG2  sing N N 327 
THR CB  HB   sing N N 328 
THR OG1 HG1  sing N N 329 
THR CG2 HG21 sing N N 330 
THR CG2 HG22 sing N N 331 
THR CG2 HG23 sing N N 332 
THR OXT HXT  sing N N 333 
TRP N   CA   sing N N 334 
TRP N   H    sing N N 335 
TRP N   H2   sing N N 336 
TRP CA  C    sing N N 337 
TRP CA  CB   sing N N 338 
TRP CA  HA   sing N N 339 
TRP C   O    doub N N 340 
TRP C   OXT  sing N N 341 
TRP CB  CG   sing N N 342 
TRP CB  HB2  sing N N 343 
TRP CB  HB3  sing N N 344 
TRP CG  CD1  doub Y N 345 
TRP CG  CD2  sing Y N 346 
TRP CD1 NE1  sing Y N 347 
TRP CD1 HD1  sing N N 348 
TRP CD2 CE2  doub Y N 349 
TRP CD2 CE3  sing Y N 350 
TRP NE1 CE2  sing Y N 351 
TRP NE1 HE1  sing N N 352 
TRP CE2 CZ2  sing Y N 353 
TRP CE3 CZ3  doub Y N 354 
TRP CE3 HE3  sing N N 355 
TRP CZ2 CH2  doub Y N 356 
TRP CZ2 HZ2  sing N N 357 
TRP CZ3 CH2  sing Y N 358 
TRP CZ3 HZ3  sing N N 359 
TRP CH2 HH2  sing N N 360 
TRP OXT HXT  sing N N 361 
TYR N   CA   sing N N 362 
TYR N   H    sing N N 363 
TYR N   H2   sing N N 364 
TYR CA  C    sing N N 365 
TYR CA  CB   sing N N 366 
TYR CA  HA   sing N N 367 
TYR C   O    doub N N 368 
TYR C   OXT  sing N N 369 
TYR CB  CG   sing N N 370 
TYR CB  HB2  sing N N 371 
TYR CB  HB3  sing N N 372 
TYR CG  CD1  doub Y N 373 
TYR CG  CD2  sing Y N 374 
TYR CD1 CE1  sing Y N 375 
TYR CD1 HD1  sing N N 376 
TYR CD2 CE2  doub Y N 377 
TYR CD2 HD2  sing N N 378 
TYR CE1 CZ   doub Y N 379 
TYR CE1 HE1  sing N N 380 
TYR CE2 CZ   sing Y N 381 
TYR CE2 HE2  sing N N 382 
TYR CZ  OH   sing N N 383 
TYR OH  HH   sing N N 384 
TYR OXT HXT  sing N N 385 
VAL N   CA   sing N N 386 
VAL N   H    sing N N 387 
VAL N   H2   sing N N 388 
VAL CA  C    sing N N 389 
VAL CA  CB   sing N N 390 
VAL CA  HA   sing N N 391 
VAL C   O    doub N N 392 
VAL C   OXT  sing N N 393 
VAL CB  CG1  sing N N 394 
VAL CB  CG2  sing N N 395 
VAL CB  HB   sing N N 396 
VAL CG1 HG11 sing N N 397 
VAL CG1 HG12 sing N N 398 
VAL CG1 HG13 sing N N 399 
VAL CG2 HG21 sing N N 400 
VAL CG2 HG22 sing N N 401 
VAL CG2 HG23 sing N N 402 
VAL OXT HXT  sing N N 403 
# 
loop_
_pdbx_audit_support.funding_organization 
_pdbx_audit_support.country 
_pdbx_audit_support.grant_number 
_pdbx_audit_support.ordinal 
'Cancer Research UK' 'United Kingdom' C57659/A27310 1 
'Cancer Research UK' 'United Kingdom' C1362/A20263  2 
'Cancer Research UK' 'United Kingdom' C2215/A21421  3 
# 
_pdbx_entity_instance_feature.ordinal        1 
_pdbx_entity_instance_feature.comp_id        IJO 
_pdbx_entity_instance_feature.asym_id        ? 
_pdbx_entity_instance_feature.seq_num        ? 
_pdbx_entity_instance_feature.auth_comp_id   IJO 
_pdbx_entity_instance_feature.auth_asym_id   ? 
_pdbx_entity_instance_feature.auth_seq_num   ? 
_pdbx_entity_instance_feature.feature_type   'SUBJECT OF INVESTIGATION' 
_pdbx_entity_instance_feature.details        ? 
# 
_pdbx_initial_refinement_model.id               1 
_pdbx_initial_refinement_model.entity_id_list   ? 
_pdbx_initial_refinement_model.type             'experimental model' 
_pdbx_initial_refinement_model.source_name      PDB 
_pdbx_initial_refinement_model.accession_code   5LRQ 
_pdbx_initial_refinement_model.details          ? 
# 
_atom_sites.entry_id                    7ZAE 
_atom_sites.Cartn_transf_matrix[1][1]   ? 
_atom_sites.Cartn_transf_matrix[1][2]   ? 
_atom_sites.Cartn_transf_matrix[1][3]   ? 
_atom_sites.Cartn_transf_matrix[2][1]   ? 
_atom_sites.Cartn_transf_matrix[2][2]   ? 
_atom_sites.Cartn_transf_matrix[2][3]   ? 
_atom_sites.Cartn_transf_matrix[3][1]   ? 
_atom_sites.Cartn_transf_matrix[3][2]   ? 
_atom_sites.Cartn_transf_matrix[3][3]   ? 
_atom_sites.Cartn_transf_vector[1]      ? 
_atom_sites.Cartn_transf_vector[2]      ? 
_atom_sites.Cartn_transf_vector[3]      ? 
_atom_sites.fract_transf_matrix[1][1]   0.01478790 
_atom_sites.fract_transf_matrix[1][2]   0.01451600 
_atom_sites.fract_transf_matrix[1][3]   -0.01623118 
_atom_sites.fract_transf_matrix[2][1]   0.01899460 
_atom_sites.fract_transf_matrix[2][2]   -0.00803759 
_atom_sites.fract_transf_matrix[2][3]   0.01011736 
_atom_sites.fract_transf_matrix[3][1]   0.00034053 
_atom_sites.fract_transf_matrix[3][2]   -0.00950605 
_atom_sites.fract_transf_matrix[3][3]   -0.00819127 
_atom_sites.fract_transf_vector[1]      -0.320141 
_atom_sites.fract_transf_vector[2]      0.064360 
_atom_sites.fract_transf_vector[3]      -0.117289 
_atom_sites.solution_primary            ? 
_atom_sites.solution_secondary          ? 
_atom_sites.solution_hydrogens          ? 
_atom_sites.special_details             ? 
# 
loop_
_atom_type.symbol 
_atom_type.pdbx_scat_Z 
_atom_type.pdbx_N_electrons 
_atom_type.scat_Cromer_Mann_a1 
_atom_type.scat_Cromer_Mann_b1 
_atom_type.scat_Cromer_Mann_a2 
_atom_type.scat_Cromer_Mann_b2 
_atom_type.scat_Cromer_Mann_a3 
_atom_type.scat_Cromer_Mann_b3 
_atom_type.scat_Cromer_Mann_a4 
_atom_type.scat_Cromer_Mann_b4 
_atom_type.scat_Cromer_Mann_c 
BR 35 35 17.182 2.172  5.237 16.580 5.639 0.261  3.986 41.433 -1.142  
C  6  6  2.310  20.844 1.020 10.208 1.589 0.569  0.865 51.651 0.216   
N  7  7  12.222 0.006  3.135 9.893  2.014 28.997 1.167 0.583  -11.538 
O  8  8  3.049  13.277 2.287 5.701  1.546 0.324  0.867 32.909 0.251   
S  16 16 6.905  1.468  5.203 22.215 1.438 0.254  1.586 56.172 1.030   
# 
loop_
_atom_site.group_PDB 
_atom_site.id 
_atom_site.type_symbol 
_atom_site.label_atom_id 
_atom_site.label_alt_id 
_atom_site.label_comp_id 
_atom_site.label_asym_id 
_atom_site.label_entity_id 
_atom_site.label_seq_id 
_atom_site.pdbx_PDB_ins_code 
_atom_site.Cartn_x 
_atom_site.Cartn_y 
_atom_site.Cartn_z 
_atom_site.occupancy 
_atom_site.B_iso_or_equiv 
_atom_site.pdbx_formal_charge 
_atom_site.auth_seq_id 
_atom_site.auth_comp_id 
_atom_site.auth_asym_id 
_atom_site.auth_atom_id 
_atom_site.pdbx_PDB_model_num 
_atom_site.calc_flag 
ATOM   1    N  N   . GLY A 1 1   ? -13.742 12.316  -7.005  1.000 32.138 ? 40  GLY AAA N   1 ? 
ATOM   2    C  CA  . GLY A 1 1   ? -14.191 11.567  -8.202  1.000 25.386 ? 40  GLY AAA CA  1 ? 
ATOM   3    C  C   . GLY A 1 1   ? -15.632 11.089  -8.006  1.000 21.332 ? 40  GLY AAA C   1 ? 
ATOM   4    O  O   . GLY A 1 1   ? -16.380 11.726  -7.277  1.000 23.784 ? 40  GLY AAA O   1 ? 
ATOM   5    N  N   . SER A 1 2   ? -15.932 9.912   -8.548  1.000 18.624 ? 41  SER AAA N   1 ? 
ATOM   6    C  CA  . SER A 1 2   ? -17.295 9.390   -8.566  1.000 16.267 ? 41  SER AAA CA  1 ? 
ATOM   7    C  C   . SER A 1 2   ? -17.747 9.133   -7.140  1.000 14.725 ? 41  SER AAA C   1 ? 
ATOM   8    O  O   . SER A 1 2   ? -17.027 8.482   -6.352  1.000 14.062 ? 41  SER AAA O   1 ? 
ATOM   9    C  CB  . SER A 1 2   ? -17.395 8.108   -9.373  1.000 14.610 ? 41  SER AAA CB  1 ? 
ATOM   10   O  OG  . SER A 1 2   ? -18.676 7.497   -9.148  1.000 14.232 ? 41  SER AAA OG  1 ? 
ATOM   11   N  N   . HIS A 1 3   ? -18.995 9.496   -6.866  1.000 13.881 ? 42  HIS AAA N   1 ? 
ATOM   12   C  CA  . HIS A 1 3   ? -19.655 9.132   -5.626  1.000 14.842 ? 42  HIS AAA CA  1 ? 
ATOM   13   C  C   . HIS A 1 3   ? -19.753 7.627   -5.422  1.000 14.122 ? 42  HIS AAA C   1 ? 
ATOM   14   O  O   . HIS A 1 3   ? -20.072 7.154   -4.320  1.000 15.668 ? 42  HIS AAA O   1 ? 
ATOM   15   C  CB  . HIS A 1 3   ? -21.055 9.800   -5.535  1.000 16.135 ? 42  HIS AAA CB  1 ? 
ATOM   16   C  CG  . HIS A 1 3   ? -22.081 9.134   -6.394  1.000 15.927 ? 42  HIS AAA CG  1 ? 
ATOM   17   N  ND1 . HIS A 1 3   ? -22.086 9.278   -7.774  1.000 15.899 ? 42  HIS AAA ND1 1 ? 
ATOM   18   C  CD2 . HIS A 1 3   ? -23.130 8.348   -6.085  1.000 17.343 ? 42  HIS AAA CD2 1 ? 
ATOM   19   C  CE1 . HIS A 1 3   ? -23.110 8.587   -8.284  1.000 15.442 ? 42  HIS AAA CE1 1 ? 
ATOM   20   N  NE2 . HIS A 1 3   ? -23.778 8.024   -7.245  1.000 17.484 ? 42  HIS AAA NE2 1 ? 
ATOM   21   N  N   . MET A 1 4   ? -19.589 6.822   -6.487  1.000 11.609 ? 43  MET AAA N   1 ? 
ATOM   22   C  CA  . MET A 1 4   ? -19.664 5.365   -6.353  1.000 13.190 ? 43  MET AAA CA  1 ? 
ATOM   23   C  C   . MET A 1 4   ? -18.355 4.731   -5.915  1.000 14.053 ? 43  MET AAA C   1 ? 
ATOM   24   O  O   . MET A 1 4   ? -18.368 3.539   -5.598  1.000 14.911 ? 43  MET AAA O   1 ? 
ATOM   25   C  CB  . MET A 1 4   ? -20.176 4.708   -7.647  1.000 14.567 ? 43  MET AAA CB  1 ? 
ATOM   26   C  CG  . MET A 1 4   ? -21.491 5.324   -8.040  1.000 14.934 ? 43  MET AAA CG  1 ? 
ATOM   27   S  SD  . MET A 1 4   ? -22.375 4.458   -9.317  1.000 17.331 ? 43  MET AAA SD  1 ? 
ATOM   28   C  CE  . MET A 1 4   ? -21.056 3.643   -10.169 1.000 24.327 ? 43  MET AAA CE  1 ? 
ATOM   29   N  N   . ASN A 1 5   ? -17.268 5.509   -5.880  1.000 11.517 ? 44  ASN AAA N   1 ? 
ATOM   30   C  CA  . ASN A 1 5   ? -16.075 5.025   -5.218  1.000 10.930 ? 44  ASN AAA CA  1 ? 
ATOM   31   C  C   . ASN A 1 5   ? -16.025 5.556   -3.782  1.000 11.190 ? 44  ASN AAA C   1 ? 
ATOM   32   O  O   . ASN A 1 5   ? -16.515 6.666   -3.527  1.000 12.064 ? 44  ASN AAA O   1 ? 
ATOM   33   C  CB  . ASN A 1 5   ? -14.826 5.515   -5.948  1.000 11.118 ? 44  ASN AAA CB  1 ? 
ATOM   34   C  CG  . ASN A 1 5   ? -14.590 4.843   -7.291  1.000 11.858 ? 44  ASN AAA CG  1 ? 
ATOM   35   O  OD1 . ASN A 1 5   ? -14.717 3.615   -7.400  1.000 13.899 ? 44  ASN AAA OD1 1 ? 
ATOM   36   N  ND2 . ASN A 1 5   ? -14.236 5.656   -8.290  1.000 13.044 ? 44  ASN AAA ND2 1 ? 
ATOM   37   N  N   . PRO A 1 6   ? -15.446 4.833   -2.812  1.000 10.657 ? 45  PRO AAA N   1 ? 
ATOM   38   C  CA  . PRO A 1 6   ? -15.400 5.334   -1.453  1.000 12.521 ? 45  PRO AAA CA  1 ? 
ATOM   39   C  C   . PRO A 1 6   ? -14.385 6.437   -1.340  1.000 12.961 ? 45  PRO AAA C   1 ? 
ATOM   40   O  O   . PRO A 1 6   ? -13.466 6.614   -2.147  1.000 13.085 ? 45  PRO AAA O   1 ? 
ATOM   41   C  CB  . PRO A 1 6   ? -14.874 4.138   -0.644  1.000 13.025 ? 45  PRO AAA CB  1 ? 
ATOM   42   C  CG  . PRO A 1 6   ? -14.155 3.260   -1.628  1.000 13.827 ? 45  PRO AAA CG  1 ? 
ATOM   43   C  CD  . PRO A 1 6   ? -14.801 3.518   -2.970  1.000 11.471 ? 45  PRO AAA CD  1 ? 
ATOM   44   N  N   . PRO A 1 7   ? -14.519 7.268   -0.281  1.000 12.821 ? 46  PRO AAA N   1 ? 
ATOM   45   C  CA  . PRO A 1 7   ? -13.459 8.224   0.004   1.000 14.609 ? 46  PRO AAA CA  1 ? 
ATOM   46   C  C   . PRO A 1 7   ? -12.148 7.467   0.232   1.000 13.877 ? 46  PRO AAA C   1 ? 
ATOM   47   O  O   . PRO A 1 7   ? -12.194 6.400   0.816   1.000 13.514 ? 46  PRO AAA O   1 ? 
ATOM   48   C  CB  . PRO A 1 7   ? -13.921 8.901   1.323   1.000 15.223 ? 46  PRO AAA CB  1 ? 
ATOM   49   C  CG  . PRO A 1 7   ? -15.200 8.261   1.746   1.000 18.868 ? 46  PRO AAA CG  1 ? 
ATOM   50   C  CD  . PRO A 1 7   ? -15.538 7.138   0.768   1.000 14.406 ? 46  PRO AAA CD  1 ? 
ATOM   51   N  N   . PRO A 1 8   ? -10.967 7.985   -0.177  1.000 16.211 ? 47  PRO AAA N   1 ? 
ATOM   52   C  CA  . PRO A 1 8   ? -9.702  7.267   0.001   1.000 16.819 ? 47  PRO AAA CA  1 ? 
ATOM   53   C  C   . PRO A 1 8   ? -9.269  7.267   1.464   1.000 16.059 ? 47  PRO AAA C   1 ? 
ATOM   54   O  O   . PRO A 1 8   ? -9.853  7.950   2.300   1.000 16.909 ? 47  PRO AAA O   1 ? 
ATOM   55   C  CB  . PRO A 1 8   ? -8.729  8.026   -0.904  1.000 20.314 ? 47  PRO AAA CB  1 ? 
ATOM   56   C  CG  . PRO A 1 8   ? -9.265  9.425   -0.808  1.000 22.430 ? 47  PRO AAA CG  1 ? 
ATOM   57   C  CD  . PRO A 1 8   ? -10.777 9.291   -0.834  1.000 19.821 ? 47  PRO AAA CD  1 ? 
ATOM   58   N  N   . PRO A 1 9   ? -8.303  6.430   1.826   1.000 13.638 ? 48  PRO AAA N   1 ? 
ATOM   59   C  CA  . PRO A 1 9   ? -7.862  6.391   3.222   1.000 13.199 ? 48  PRO AAA CA  1 ? 
ATOM   60   C  C   . PRO A 1 9   ? -7.261  7.733   3.648   1.000 13.621 ? 48  PRO AAA C   1 ? 
ATOM   61   O  O   . PRO A 1 9   ? -6.622  8.399   2.839   1.000 15.002 ? 48  PRO AAA O   1 ? 
ATOM   62   C  CB  . PRO A 1 9   ? -6.808  5.267   3.247   1.000 12.686 ? 48  PRO AAA CB  1 ? 
ATOM   63   C  CG  . PRO A 1 9   ? -7.176  4.441   2.019   1.000 13.347 ? 48  PRO AAA CG  1 ? 
ATOM   64   C  CD  . PRO A 1 9   ? -7.616  5.422   0.974   1.000 13.334 ? 48  PRO AAA CD  1 ? 
ATOM   65   N  N   . GLU A 1 10  ? -7.418  8.021   4.942   1.000 15.084 ? 49  GLU AAA N   1 ? 
ATOM   66   C  CA  . GLU A 1 10  ? -6.844  9.195   5.600   1.000 15.380 ? 49  GLU AAA CA  1 ? 
ATOM   67   C  C   . GLU A 1 10  ? -5.329  9.256   5.370   1.000 14.194 ? 49  GLU AAA C   1 ? 
ATOM   68   O  O   . GLU A 1 10  ? -4.678  8.221   5.566   1.000 13.291 ? 49  GLU AAA O   1 ? 
ATOM   69   C  CB  . GLU A 1 10  ? -7.066  9.063   7.119   1.000 17.160 ? 49  GLU AAA CB  1 ? 
ATOM   70   C  CG  . GLU A 1 10  ? -6.779  10.340  7.868   1.000 20.093 ? 49  GLU AAA CG  1 ? 
ATOM   71   C  CD  . GLU A 1 10  ? -7.152  10.155  9.309   1.000 18.361 ? 49  GLU AAA CD  1 ? 
ATOM   72   O  OE1 . GLU A 1 10  ? -8.182  10.745  9.743   1.000 20.355 ? 49  GLU AAA OE1 1 ? 
ATOM   73   O  OE2 . GLU A 1 10  ? -6.414  9.482   10.058  1.000 16.454 ? 49  GLU AAA OE2 1 ? 
ATOM   74   N  N   . THR A 1 11  ? -4.775  10.423  4.961   1.000 13.500 ? 50  THR AAA N   1 ? 
ATOM   75   C  CA  . THR A 1 11  ? -3.329  10.611  4.946   1.000 14.255 ? 50  THR AAA CA  1 ? 
ATOM   76   C  C   . THR A 1 11  ? -2.871  11.775  5.842   1.000 12.693 ? 50  THR AAA C   1 ? 
ATOM   77   O  O   . THR A 1 11  ? -1.667  12.021  5.894   1.000 14.034 ? 50  THR AAA O   1 ? 
ATOM   78   C  CB  . THR A 1 11  ? -2.789  10.810  3.537   1.000 15.272 ? 50  THR AAA CB  1 ? 
ATOM   79   O  OG1 . THR A 1 11  ? -3.416  11.974  3.003   1.000 18.029 ? 50  THR AAA OG1 1 ? 
ATOM   80   C  CG2 . THR A 1 11  ? -3.083  9.631   2.633   1.000 16.560 ? 50  THR AAA CG2 1 ? 
ATOM   81   N  N   . SER A 1 12  ? -3.804  12.453  6.484   1.000 13.044 ? 51  SER AAA N   1 ? 
ATOM   82   C  CA  . SER A 1 12  ? -3.522  13.653  7.273   1.000 13.385 ? 51  SER AAA CA  1 ? 
ATOM   83   C  C   . SER A 1 12  ? -4.522  13.619  8.408   1.000 14.953 ? 51  SER AAA C   1 ? 
ATOM   84   O  O   . SER A 1 12  ? -5.726  13.394  8.201   1.000 16.605 ? 51  SER AAA O   1 ? 
ATOM   85   C  CB  . SER A 1 12  ? -3.733  14.881  6.374   1.000 16.207 ? 51  SER AAA CB  1 ? 
ATOM   86   O  OG  . SER A 1 12  ? -3.655  16.085  7.153   1.000 21.856 ? 51  SER AAA OG  1 ? 
ATOM   87   N  N   . ASN A 1 13  ? -4.061  13.969  9.615   1.000 12.507 ? 52  ASN AAA N   1 ? 
ATOM   88   C  CA  . ASN A 1 13  ? -4.963  14.133  10.733  1.000 13.252 ? 52  ASN AAA CA  1 ? 
ATOM   89   C  C   . ASN A 1 13  ? -4.125  14.773  11.842  1.000 11.992 ? 52  ASN AAA C   1 ? 
ATOM   90   O  O   . ASN A 1 13  ? -3.403  14.052  12.510  1.000 12.164 ? 52  ASN AAA O   1 ? 
ATOM   91   C  CB  . ASN A 1 13  ? -5.591  12.828  11.258  1.000 14.620 ? 52  ASN AAA CB  1 ? 
ATOM   92   C  CG  . ASN A 1 13  ? -6.575  13.114  12.376  1.000 14.791 ? 52  ASN AAA CG  1 ? 
ATOM   93   O  OD1 . ASN A 1 13  ? -6.605  14.153  13.023  1.000 15.995 ? 52  ASN AAA OD1 1 ? 
ATOM   94   N  ND2 . ASN A 1 13  ? -7.408  12.135  12.684  1.000 22.373 ? 52  ASN AAA ND2 1 ? 
ATOM   95   N  N   . PRO A 1 14  ? -4.316  16.056  12.200  1.000 11.900 ? 53  PRO AAA N   1 ? 
ATOM   96   C  CA  . PRO A 1 14  ? -3.523  16.656  13.274  1.000 12.725 ? 53  PRO AAA CA  1 ? 
ATOM   97   C  C   . PRO A 1 14  ? -3.687  15.994  14.624  1.000 12.296 ? 53  PRO AAA C   1 ? 
ATOM   98   O  O   . PRO A 1 14  ? -2.843  16.209  15.487  1.000 16.427 ? 53  PRO AAA O   1 ? 
ATOM   99   C  CB  . PRO A 1 14  ? -4.024  18.106  13.338  1.000 14.264 ? 53  PRO AAA CB  1 ? 
ATOM   100  C  CG  . PRO A 1 14  ? -4.580  18.343  11.986  1.000 17.239 ? 53  PRO AAA CG  1 ? 
ATOM   101  C  CD  . PRO A 1 14  ? -5.153  17.020  11.464  1.000 13.723 ? 53  PRO AAA CD  1 ? 
ATOM   102  N  N   . ASN A 1 15  ? -4.788  15.304  14.873  1.000 11.859 ? 54  ASN AAA N   1 ? 
ATOM   103  C  CA  . ASN A 1 15  ? -5.007  14.702  16.179  1.000 12.457 ? 54  ASN AAA CA  1 ? 
ATOM   104  C  C   . ASN A 1 15  ? -4.246  13.405  16.385  1.000 13.173 ? 54  ASN AAA C   1 ? 
ATOM   105  O  O   . ASN A 1 15  ? -4.183  12.899  17.509  1.000 13.829 ? 54  ASN AAA O   1 ? 
ATOM   106  C  CB  . ASN A 1 15  ? -6.469  14.436  16.453  1.000 13.572 ? 54  ASN AAA CB  1 ? 
ATOM   107  C  CG  . ASN A 1 15  ? -7.258  15.730  16.458  1.000 13.937 ? 54  ASN AAA CG  1 ? 
ATOM   108  O  OD1 . ASN A 1 15  ? -6.851  16.728  17.065  1.000 15.683 ? 54  ASN AAA OD1 1 ? 
ATOM   109  N  ND2 . ASN A 1 15  ? -8.406  15.711  15.839  1.000 16.966 ? 54  ASN AAA ND2 1 ? 
ATOM   110  N  N   . LYS A 1 16  ? -3.746  12.809  15.313  1.000 11.426 ? 55  LYS AAA N   1 ? 
ATOM   111  C  CA  . LYS A 1 16  ? -3.037  11.528  15.412  1.000 12.075 ? 55  LYS AAA CA  1 ? 
ATOM   112  C  C   . LYS A 1 16  ? -1.565  11.799  15.724  1.000 11.159 ? 55  LYS AAA C   1 ? 
ATOM   113  O  O   . LYS A 1 16  ? -0.873  12.561  15.032  1.000 12.765 ? 55  LYS AAA O   1 ? 
ATOM   114  C  CB  . LYS A 1 16  ? -3.111  10.791  14.074  1.000 11.983 ? 55  LYS AAA CB  1 ? 
ATOM   115  C  CG  . LYS A 1 16  ? -2.408  9.434   14.058  1.000 11.866 ? 55  LYS AAA CG  1 ? 
ATOM   116  C  CD  . LYS A 1 16  ? -2.414  8.742   12.675  1.000 12.815 ? 55  LYS AAA CD  1 ? 
ATOM   117  C  CE  . LYS A 1 16  ? -1.971  7.288   12.734  1.000 13.047 ? 55  LYS AAA CE  1 ? 
ATOM   118  N  NZ  . LYS A 1 16  ? -0.524  7.175   13.031  1.000 11.810 ? 55  LYS AAA NZ  1 ? 
ATOM   119  N  N   . PRO A 1 17  ? -1.017  11.237  16.834  1.000 12.068 ? 56  PRO AAA N   1 ? 
ATOM   120  C  CA  . PRO A 1 17  ? 0.402   11.463  17.143  1.000 13.995 ? 56  PRO AAA CA  1 ? 
ATOM   121  C  C   . PRO A 1 17  ? 1.338   10.819  16.096  1.000 11.837 ? 56  PRO AAA C   1 ? 
ATOM   122  O  O   . PRO A 1 17  ? 1.027   9.765   15.551  1.000 12.756 ? 56  PRO AAA O   1 ? 
ATOM   123  C  CB  . PRO A 1 17  ? 0.535   10.845  18.548  1.000 14.156 ? 56  PRO AAA CB  1 ? 
ATOM   124  C  CG  . PRO A 1 17  ? -0.565  9.916   18.717  1.000 18.414 ? 56  PRO AAA CG  1 ? 
ATOM   125  C  CD  . PRO A 1 17  ? -1.701  10.424  17.841  1.000 13.538 ? 56  PRO AAA CD  1 ? 
ATOM   126  N  N   . LYS A 1 18  ? 2.436   11.499  15.806  1.000 14.021 ? 57  LYS AAA N   1 ? 
ATOM   127  C  CA  . LYS A 1 18  ? 3.302   11.154  14.663  1.000 15.701 ? 57  LYS AAA CA  1 ? 
ATOM   128  C  C   . LYS A 1 18  ? 4.743   11.110  15.109  1.000 14.055 ? 57  LYS AAA C   1 ? 
ATOM   129  O  O   . LYS A 1 18  ? 5.115   11.835  16.028  1.000 14.602 ? 57  LYS AAA O   1 ? 
ATOM   130  C  CB  . LYS A 1 18  ? 3.361   12.316  13.636  1.000 17.621 ? 57  LYS AAA CB  1 ? 
ATOM   131  C  CG  . LYS A 1 18  ? 2.019   12.920  13.286  1.000 16.826 ? 57  LYS AAA CG  1 ? 
ATOM   132  C  CD  . LYS A 1 18  ? 1.148   11.915  12.589  1.000 18.897 ? 57  LYS AAA CD  1 ? 
ATOM   133  C  CE  . LYS A 1 18  ? 0.115   12.622  11.702  1.000 16.418 ? 57  LYS AAA CE  1 ? 
ATOM   134  N  NZ  . LYS A 1 18  ? -0.638  13.624  12.496  1.000 13.515 ? 57  LYS AAA NZ  1 ? 
ATOM   135  N  N   . ARG A 1 19  ? 5.542   10.304  14.434  1.000 13.656 ? 58  ARG AAA N   1 ? 
ATOM   136  C  CA  . ARG A 1 19  ? 6.968   10.303  14.706  1.000 15.843 ? 58  ARG AAA CA  1 ? 
ATOM   137  C  C   . ARG A 1 19  ? 7.672   9.994   13.397  1.000 16.392 ? 58  ARG AAA C   1 ? 
ATOM   138  O  O   . ARG A 1 19  ? 7.073   9.470   12.474  1.000 19.682 ? 58  ARG AAA O   1 ? 
ATOM   139  C  CB  . ARG A 1 19  ? 7.163   9.138   15.709  1.000 22.207 ? 58  ARG AAA CB  1 ? 
ATOM   140  C  CG  . ARG A 1 19  ? 8.351   9.156   16.653  1.000 24.388 ? 58  ARG AAA CG  1 ? 
ATOM   141  C  CD  . ARG A 1 19  ? 7.977   8.038   17.625  1.000 14.666 ? 58  ARG AAA CD  1 ? 
ATOM   142  N  NE  . ARG A 1 19  ? 7.617   6.666   17.221  1.000 12.560 ? 58  ARG AAA NE  1 ? 
ATOM   143  C  CZ  . ARG A 1 19  ? 8.020   5.609   17.857  1.000 13.357 ? 58  ARG AAA CZ  1 ? 
ATOM   144  N  NH1 . ARG A 1 19  ? 8.717   5.753   18.969  1.000 15.963 ? 58  ARG AAA NH1 1 ? 
ATOM   145  N  NH2 . ARG A 1 19  ? 7.722   4.375   17.401  1.000 14.324 ? 58  ARG AAA NH2 1 ? 
ATOM   146  N  N   . GLN A 1 20  ? 8.920   10.447  13.288  1.000 18.137 ? 59  GLN AAA N   1 ? 
ATOM   147  C  CA  . GLN A 1 20  ? 9.835   9.969   12.265  1.000 21.152 ? 59  GLN AAA CA  1 ? 
ATOM   148  C  C   . GLN A 1 20  ? 10.761  9.047   13.057  1.000 21.729 ? 59  GLN AAA C   1 ? 
ATOM   149  O  O   . GLN A 1 20  ? 11.222  9.390   14.151  1.000 27.701 ? 59  GLN AAA O   1 ? 
ATOM   150  C  CB  . GLN A 1 20  ? 10.545  11.152  11.597  1.000 24.574 ? 59  GLN AAA CB  1 ? 
ATOM   151  C  CG  . GLN A 1 20  ? 9.622   12.086  10.837  1.000 30.490 ? 59  GLN AAA CG  1 ? 
ATOM   152  C  CD  . GLN A 1 20  ? 10.207  13.359  10.261  1.000 37.950 ? 59  GLN AAA CD  1 ? 
ATOM   153  O  OE1 . GLN A 1 20  ? 9.495   14.154  9.650   1.000 46.304 ? 59  GLN AAA OE1 1 ? 
ATOM   154  N  NE2 . GLN A 1 20  ? 11.501  13.581  10.449  1.000 40.772 ? 59  GLN AAA NE2 1 ? 
ATOM   155  N  N   . THR A 1 21  ? 10.865  7.799   12.629  1.000 16.289 ? 60  THR AAA N   1 ? 
ATOM   156  C  CA  . THR A 1 21  ? 11.841  6.904   13.203  1.000 15.138 ? 60  THR AAA CA  1 ? 
ATOM   157  C  C   . THR A 1 21  ? 12.779  6.512   12.068  1.000 14.582 ? 60  THR AAA C   1 ? 
ATOM   158  O  O   . THR A 1 21  ? 12.473  6.647   10.875  1.000 14.028 ? 60  THR AAA O   1 ? 
ATOM   159  C  CB  . THR A 1 21  ? 11.228  5.652   13.848  1.000 14.727 ? 60  THR AAA CB  1 ? 
ATOM   160  O  OG1 . THR A 1 21  ? 10.713  4.829   12.809  1.000 14.608 ? 60  THR AAA OG1 1 ? 
ATOM   161  C  CG2 . THR A 1 21  ? 10.154  5.926   14.892  1.000 16.709 ? 60  THR AAA CG2 1 ? 
ATOM   162  N  N   . ASN A 1 22  ? 13.943  5.972   12.442  1.000 14.067 ? 61  ASN AAA N   1 ? 
ATOM   163  C  CA  . ASN A 1 22  ? 14.857  5.434   11.443  1.000 14.547 ? 61  ASN AAA CA  1 ? 
ATOM   164  C  C   . ASN A 1 22  ? 14.197  4.340   10.599  1.000 12.183 ? 61  ASN AAA C   1 ? 
ATOM   165  O  O   . ASN A 1 22  ? 14.441  4.248   9.399   1.000 14.114 ? 61  ASN AAA O   1 ? 
ATOM   166  C  CB  . ASN A 1 22  ? 16.172  4.953   12.075  1.000 16.510 ? 61  ASN AAA CB  1 ? 
ATOM   167  C  CG  . ASN A 1 22  ? 16.001  3.723   12.925  1.000 16.514 ? 61  ASN AAA CG  1 ? 
ATOM   168  O  OD1 . ASN A 1 22  ? 15.066  3.642   13.713  1.000 19.370 ? 61  ASN AAA OD1 1 ? 
ATOM   169  N  ND2 . ASN A 1 22  ? 16.889  2.750   12.738  1.000 19.423 ? 61  ASN AAA ND2 1 ? 
ATOM   170  N  N   . GLN A 1 23  ? 13.319  3.537   11.217  1.000 11.932 ? 62  GLN AAA N   1 ? 
ATOM   171  C  CA  . GLN A 1 23  ? 12.652  2.482   10.480  1.000 11.984 ? 62  GLN AAA CA  1 ? 
ATOM   172  C  C   . GLN A 1 23  ? 11.700  3.084   9.452   1.000 11.803 ? 62  GLN AAA C   1 ? 
ATOM   173  O  O   . GLN A 1 23  ? 11.627  2.579   8.338   1.000 12.469 ? 62  GLN AAA O   1 ? 
ATOM   174  C  CB  . GLN A 1 23  ? 11.868  1.586   11.425  1.000 12.336 ? 62  GLN AAA CB  1 ? 
ATOM   175  C  CG  . GLN A 1 23  ? 12.791  0.822   12.410  1.000 13.916 ? 62  GLN AAA CG  1 ? 
ATOM   176  C  CD  . GLN A 1 23  ? 12.016  -0.161  13.231  1.000 14.573 ? 62  GLN AAA CD  1 ? 
ATOM   177  O  OE1 . GLN A 1 23  ? 10.867  0.113   13.576  1.000 17.019 ? 62  GLN AAA OE1 1 ? 
ATOM   178  N  NE2 . GLN A 1 23  ? 12.592  -1.324  13.446  1.000 16.526 ? 62  GLN AAA NE2 1 ? 
ATOM   179  N  N   . LEU A 1 24  ? 10.939  4.129   9.850   1.000 12.618 ? 63  LEU AAA N   1 ? 
ATOM   180  C  CA  . LEU A 1 24  ? 10.055  4.801   8.909   1.000 11.991 ? 63  LEU AAA CA  1 ? 
ATOM   181  C  C   . LEU A 1 24  ? 10.826  5.489   7.781   1.000 12.386 ? 63  LEU AAA C   1 ? 
ATOM   182  O  O   . LEU A 1 24  ? 10.409  5.432   6.624   1.000 13.188 ? 63  LEU AAA O   1 ? 
ATOM   183  C  CB  . LEU A 1 24  ? 9.141   5.757   9.684   1.000 12.350 ? 63  LEU AAA CB  1 ? 
ATOM   184  C  CG  . LEU A 1 24  ? 7.978   5.041   10.371  1.000 12.208 ? 63  LEU AAA CG  1 ? 
ATOM   185  C  CD1 . LEU A 1 24  ? 7.363   5.945   11.438  1.000 13.157 ? 63  LEU AAA CD1 1 ? 
ATOM   186  C  CD2 . LEU A 1 24  ? 6.920   4.659   9.335   1.000 13.252 ? 63  LEU AAA CD2 1 ? 
ATOM   187  N  N   . GLN A 1 25  ? 11.991  6.070   8.099   1.000 13.133 ? 64  GLN AAA N   1 ? 
ATOM   188  C  CA  . GLN A 1 25  ? 12.811  6.674   7.053   1.000 13.927 ? 64  GLN AAA CA  1 ? 
ATOM   189  C  C   . GLN A 1 25  ? 13.270  5.576   6.088   1.000 13.329 ? 64  GLN AAA C   1 ? 
ATOM   190  O  O   . GLN A 1 25  ? 13.242  5.828   4.873   1.000 14.284 ? 64  GLN AAA O   1 ? 
ATOM   191  C  CB  . GLN A 1 25  ? 14.036  7.312   7.694   1.000 16.099 ? 64  GLN AAA CB  1 ? 
ATOM   192  C  CG  . GLN A 1 25  ? 13.708  8.618   8.426   1.000 19.218 ? 64  GLN AAA CG  1 ? 
ATOM   193  C  CD  . GLN A 1 25  ? 14.874  9.058   9.284   0.500 22.945 ? 64  GLN AAA CD  1 ? 
ATOM   194  O  OE1 . GLN A 1 25  ? 15.830  8.313   9.502   0.500 26.766 ? 64  GLN AAA OE1 1 ? 
ATOM   195  N  NE2 . GLN A 1 25  ? 14.794  10.276  9.798   0.500 25.495 ? 64  GLN AAA NE2 1 ? 
ATOM   196  N  N   . TYR A 1 26  ? 13.627  4.392   6.602   1.000 13.032 ? 65  TYR AAA N   1 ? 
ATOM   197  C  CA  . TYR A 1 26  ? 14.041  3.311   5.721   1.000 12.838 ? 65  TYR AAA CA  1 ? 
ATOM   198  C  C   . TYR A 1 26  ? 12.846  2.873   4.851   1.000 12.714 ? 65  TYR AAA C   1 ? 
ATOM   199  O  O   . TYR A 1 26  ? 12.978  2.551   3.650   1.000 13.295 ? 65  TYR AAA O   1 ? 
ATOM   200  C  CB  . TYR A 1 26  ? 14.604  2.196   6.618   1.000 13.473 ? 65  TYR AAA CB  1 ? 
ATOM   201  C  CG  . TYR A 1 26  ? 14.858  0.904   5.868   1.000 14.240 ? 65  TYR AAA CG  1 ? 
ATOM   202  C  CD1 . TYR A 1 26  ? 13.860  -0.068  5.768   1.000 15.361 ? 65  TYR AAA CD1 1 ? 
ATOM   203  C  CD2 . TYR A 1 26  ? 16.112  0.603   5.342   1.000 15.542 ? 65  TYR AAA CD2 1 ? 
ATOM   204  C  CE1 . TYR A 1 26  ? 14.076  -1.272  5.136   1.000 15.487 ? 65  TYR AAA CE1 1 ? 
ATOM   205  C  CE2 . TYR A 1 26  ? 16.346  -0.598  4.650   1.000 15.883 ? 65  TYR AAA CE2 1 ? 
ATOM   206  C  CZ  . TYR A 1 26  ? 15.316  -1.516  4.574   1.000 14.968 ? 65  TYR AAA CZ  1 ? 
ATOM   207  O  OH  . TYR A 1 26  ? 15.555  -2.709  3.961   1.000 16.784 ? 65  TYR AAA OH  1 ? 
ATOM   208  N  N   . LEU A 1 27  ? 11.647  2.832   5.471   1.000 12.309 ? 66  LEU AAA N   1 ? 
ATOM   209  C  CA  . LEU A 1 27  ? 10.469  2.468   4.664   1.000 12.413 ? 66  LEU AAA CA  1 ? 
ATOM   210  C  C   . LEU A 1 27  ? 10.197  3.447   3.520   1.000 13.191 ? 66  LEU AAA C   1 ? 
ATOM   211  O  O   . LEU A 1 27  ? 9.747   3.002   2.459   1.000 14.602 ? 66  LEU AAA O   1 ? 
ATOM   212  C  CB  . LEU A 1 27  ? 9.225   2.312   5.552   1.000 13.397 ? 66  LEU AAA CB  1 ? 
ATOM   213  C  CG  . LEU A 1 27  ? 9.191   1.021   6.347   1.000 13.944 ? 66  LEU AAA CG  1 ? 
ATOM   214  C  CD1 . LEU A 1 27  ? 8.292   1.145   7.569   1.000 17.132 ? 66  LEU AAA CD1 1 ? 
ATOM   215  C  CD2 . LEU A 1 27  ? 8.728   -0.141  5.497   1.000 18.778 ? 66  LEU AAA CD2 1 ? 
ATOM   216  N  N   . LEU A 1 28  ? 10.446  4.732   3.691   1.000 13.442 ? 67  LEU AAA N   1 ? 
ATOM   217  C  CA  . LEU A 1 28  ? 10.251  5.654   2.581   1.000 13.199 ? 67  LEU AAA CA  1 ? 
ATOM   218  C  C   . LEU A 1 28  ? 11.426  5.563   1.597   1.000 14.570 ? 67  LEU AAA C   1 ? 
ATOM   219  O  O   . LEU A 1 28  ? 11.206  5.421   0.384   1.000 15.279 ? 67  LEU AAA O   1 ? 
ATOM   220  C  CB  . LEU A 1 28  ? 10.137  7.067   3.157   1.000 15.021 ? 67  LEU AAA CB  1 ? 
ATOM   221  C  CG  . LEU A 1 28  ? 10.044  8.175   2.119   1.000 15.307 ? 67  LEU AAA CG  1 ? 
ATOM   222  C  CD1 . LEU A 1 28  ? 8.887   7.952   1.160   1.000 17.894 ? 67  LEU AAA CD1 1 ? 
ATOM   223  C  CD2 . LEU A 1 28  ? 9.900   9.512   2.823   1.000 17.867 ? 67  LEU AAA CD2 1 ? 
ATOM   224  N  N   . ARG A 1 29  ? 12.655  5.677   2.105   1.000 14.179 ? 68  ARG AAA N   1 ? 
ATOM   225  C  CA  . ARG A 1 29  ? 13.828  5.917   1.270   1.000 15.468 ? 68  ARG AAA CA  1 ? 
ATOM   226  C  C   . ARG A 1 29  ? 14.295  4.635   0.592   1.000 16.631 ? 68  ARG AAA C   1 ? 
ATOM   227  O  O   . ARG A 1 29  ? 14.984  4.730   -0.434  1.000 18.456 ? 68  ARG AAA O   1 ? 
ATOM   228  C  CB  . ARG A 1 29  ? 14.995  6.490   2.090   1.000 18.374 ? 68  ARG AAA CB  1 ? 
ATOM   229  C  CG  . ARG A 1 29  ? 14.685  7.863   2.655   1.000 21.714 ? 68  ARG AAA CG  1 ? 
ATOM   230  C  CD  . ARG A 1 29  ? 15.578  8.431   3.739   1.000 28.944 ? 68  ARG AAA CD  1 ? 
ATOM   231  N  NE  . ARG A 1 29  ? 15.124  9.731   4.204   0.500 30.825 ? 68  ARG AAA NE  1 ? 
ATOM   232  C  CZ  . ARG A 1 29  ? 14.985  10.824  3.462   0.500 33.311 ? 68  ARG AAA CZ  1 ? 
ATOM   233  N  NH1 . ARG A 1 29  ? 15.248  10.805  2.167   0.500 35.099 ? 68  ARG AAA NH1 1 ? 
ATOM   234  N  NH2 . ARG A 1 29  ? 14.580  11.946  4.028   0.500 34.990 ? 68  ARG AAA NH2 1 ? 
ATOM   235  N  N   . VAL A 1 30  ? 14.046  3.471   1.174   1.000 14.604 ? 69  VAL AAA N   1 ? 
ATOM   236  C  CA  . VAL A 1 30  ? 14.481  2.213   0.596   1.000 15.898 ? 69  VAL AAA CA  1 ? 
ATOM   237  C  C   . VAL A 1 30  ? 13.279  1.397   0.118   1.000 16.566 ? 69  VAL AAA C   1 ? 
ATOM   238  O  O   . VAL A 1 30  ? 13.211  0.975   -1.049  1.000 16.123 ? 69  VAL AAA O   1 ? 
ATOM   239  C  CB  . VAL A 1 30  ? 15.378  1.416   1.574   1.000 16.071 ? 69  VAL AAA CB  1 ? 
ATOM   240  C  CG1 . VAL A 1 30  ? 15.770  0.086   0.941   1.000 16.058 ? 69  VAL AAA CG1 1 ? 
ATOM   241  C  CG2 . VAL A 1 30  ? 16.634  2.188   1.948   1.000 16.344 ? 69  VAL AAA CG2 1 ? 
ATOM   242  N  N   . VAL A 1 31  ? 12.319  1.086   0.992   1.000 15.931 ? 70  VAL AAA N   1 ? 
ATOM   243  C  CA  . VAL A 1 31  ? 11.278  0.143   0.650   1.000 15.133 ? 70  VAL AAA CA  1 ? 
ATOM   244  C  C   . VAL A 1 31  ? 10.310  0.733   -0.391  1.000 13.384 ? 70  VAL AAA C   1 ? 
ATOM   245  O  O   . VAL A 1 31  ? 10.124  0.143   -1.462  1.000 15.167 ? 70  VAL AAA O   1 ? 
ATOM   246  C  CB  . VAL A 1 31  ? 10.542  -0.366  1.912   1.000 15.170 ? 70  VAL AAA CB  1 ? 
ATOM   247  C  CG1 . VAL A 1 31  ? 9.514   -1.433  1.507   1.000 16.157 ? 70  VAL AAA CG1 1 ? 
ATOM   248  C  CG2 . VAL A 1 31  ? 11.514  -0.928  2.951   1.000 17.678 ? 70  VAL AAA CG2 1 ? 
ATOM   249  N  N   A LEU A 1 32  ? 9.683   1.870   -0.069  0.500 14.315 ? 71  LEU AAA N   1 ? 
ATOM   250  N  N   B LEU A 1 32  ? 9.687   1.868   -0.047  0.500 14.267 ? 71  LEU AAA N   1 ? 
ATOM   251  C  CA  A LEU A 1 32  ? 8.715   2.418   -1.017  0.500 14.678 ? 71  LEU AAA CA  1 ? 
ATOM   252  C  CA  B LEU A 1 32  ? 8.726   2.477   -0.964  0.500 14.930 ? 71  LEU AAA CA  1 ? 
ATOM   253  C  C   A LEU A 1 32  ? 9.429   2.832   -2.300  0.500 15.756 ? 71  LEU AAA C   1 ? 
ATOM   254  C  C   B LEU A 1 32  ? 9.432   2.814   -2.272  0.500 15.653 ? 71  LEU AAA C   1 ? 
ATOM   255  O  O   A LEU A 1 32  ? 8.896   2.623   -3.394  0.500 15.262 ? 71  LEU AAA O   1 ? 
ATOM   256  O  O   B LEU A 1 32  ? 8.897   2.516   -3.348  0.500 15.201 ? 71  LEU AAA O   1 ? 
ATOM   257  C  CB  A LEU A 1 32  ? 7.990   3.613   -0.385  0.500 15.726 ? 71  LEU AAA CB  1 ? 
ATOM   258  C  CB  B LEU A 1 32  ? 8.133   3.739   -0.317  0.500 15.407 ? 71  LEU AAA CB  1 ? 
ATOM   259  C  CG  A LEU A 1 32  ? 7.033   4.386   -1.306  0.500 15.706 ? 71  LEU AAA CG  1 ? 
ATOM   260  C  CG  B LEU A 1 32  ? 6.922   4.361   -1.031  0.500 16.160 ? 71  LEU AAA CG  1 ? 
ATOM   261  C  CD1 A LEU A 1 32  ? 5.721   3.634   -1.508  0.500 16.258 ? 71  LEU AAA CD1 1 ? 
ATOM   262  C  CD1 B LEU A 1 32  ? 7.397   5.387   -2.030  0.500 16.309 ? 71  LEU AAA CD1 1 ? 
ATOM   263  C  CD2 A LEU A 1 32  ? 6.750   5.738   -0.701  0.500 17.355 ? 71  LEU AAA CD2 1 ? 
ATOM   264  C  CD2 B LEU A 1 32  ? 6.081   3.299   -1.736  0.500 16.298 ? 71  LEU AAA CD2 1 ? 
ATOM   265  N  N   . LYS A 1 33  ? 10.627  3.409   -2.187  1.000 17.173 ? 72  LYS AAA N   1 ? 
ATOM   266  C  CA  . LYS A 1 33  ? 11.382  3.832   -3.357  1.000 19.247 ? 72  LYS AAA CA  1 ? 
ATOM   267  C  C   . LYS A 1 33  ? 11.597  2.643   -4.288  1.000 17.967 ? 72  LYS AAA C   1 ? 
ATOM   268  O  O   . LYS A 1 33  ? 11.405  2.770   -5.507  1.000 18.995 ? 72  LYS AAA O   1 ? 
ATOM   269  C  CB  . LYS A 1 33  ? 12.711  4.458   -2.919  1.000 22.297 ? 72  LYS AAA CB  1 ? 
ATOM   270  C  CG  . LYS A 1 33  ? 13.502  5.101   -4.050  0.500 20.053 ? 72  LYS AAA CG  1 ? 
ATOM   271  C  CD  . LYS A 1 33  ? 14.982  5.155   -3.768  0.500 23.135 ? 72  LYS AAA CD  1 ? 
ATOM   272  C  CE  . LYS A 1 33  ? 15.805  5.479   -5.002  0.500 25.337 ? 72  LYS AAA CE  1 ? 
ATOM   273  N  NZ  . LYS A 1 33  ? 17.079  4.714   -5.001  0.500 29.536 ? 72  LYS AAA NZ  1 ? 
ATOM   274  N  N   . THR A 1 34  ? 11.969  1.476   -3.732  1.000 16.337 ? 73  THR AAA N   1 ? 
ATOM   275  C  CA  . THR A 1 34  ? 12.257  0.308   -4.544  1.000 17.123 ? 73  THR AAA CA  1 ? 
ATOM   276  C  C   . THR A 1 34  ? 10.987  -0.213  -5.215  1.000 16.420 ? 73  THR AAA C   1 ? 
ATOM   277  O  O   . THR A 1 34  ? 10.966  -0.578  -6.396  1.000 17.163 ? 73  THR AAA O   1 ? 
ATOM   278  C  CB  . THR A 1 34  ? 12.831  -0.811  -3.665  1.000 17.393 ? 73  THR AAA CB  1 ? 
ATOM   279  O  OG1 . THR A 1 34  ? 14.123  -0.360  -3.227  1.000 22.536 ? 73  THR AAA OG1 1 ? 
ATOM   280  C  CG2 . THR A 1 34  ? 13.025  -2.109  -4.417  1.000 22.068 ? 73  THR AAA CG2 1 ? 
ATOM   281  N  N   A LEU A 1 35  ? 9.888   -0.282  -4.451  0.500 15.078 ? 74  LEU AAA N   1 ? 
ATOM   282  N  N   B LEU A 1 35  ? 9.881   -0.261  -4.465  0.500 14.612 ? 74  LEU AAA N   1 ? 
ATOM   283  C  CA  A LEU A 1 35  ? 8.656   -0.841  -4.991  0.500 14.967 ? 74  LEU AAA CA  1 ? 
ATOM   284  C  CA  B LEU A 1 35  ? 8.662   -0.830  -5.024  0.500 14.227 ? 74  LEU AAA CA  1 ? 
ATOM   285  C  C   A LEU A 1 35  ? 8.004   0.110   -5.997  0.500 14.122 ? 74  LEU AAA C   1 ? 
ATOM   286  C  C   B LEU A 1 35  ? 8.011   0.122   -6.024  0.500 13.708 ? 74  LEU AAA C   1 ? 
ATOM   287  O  O   A LEU A 1 35  ? 7.446   -0.352  -6.984  0.500 14.576 ? 74  LEU AAA O   1 ? 
ATOM   288  O  O   B LEU A 1 35  ? 7.456   -0.327  -7.018  0.500 14.647 ? 74  LEU AAA O   1 ? 
ATOM   289  C  CB  A LEU A 1 35  ? 7.678   -1.193  -3.861  0.500 15.499 ? 74  LEU AAA CB  1 ? 
ATOM   290  C  CB  B LEU A 1 35  ? 7.681   -1.172  -3.900  0.500 14.016 ? 74  LEU AAA CB  1 ? 
ATOM   291  C  CG  A LEU A 1 35  ? 7.701   -2.640  -3.364  0.500 15.624 ? 74  LEU AAA CG  1 ? 
ATOM   292  C  CG  B LEU A 1 35  ? 8.227   -2.178  -2.896  0.500 12.589 ? 74  LEU AAA CG  1 ? 
ATOM   293  C  CD1 A LEU A 1 35  ? 9.044   -3.000  -2.752  0.500 16.999 ? 74  LEU AAA CD1 1 ? 
ATOM   294  C  CD1 B LEU A 1 35  ? 7.305   -2.302  -1.675  0.500 14.258 ? 74  LEU AAA CD1 1 ? 
ATOM   295  C  CD2 A LEU A 1 35  ? 6.598   -2.892  -2.343  0.500 14.406 ? 74  LEU AAA CD2 1 ? 
ATOM   296  C  CD2 B LEU A 1 35  ? 8.439   -3.530  -3.582  0.500 14.323 ? 74  LEU AAA CD2 1 ? 
ATOM   297  N  N   . TRP A 1 36  ? 8.038   1.406   -5.709  1.000 13.437 ? 75  TRP AAA N   1 ? 
ATOM   298  C  CA  . TRP A 1 36  ? 7.376   2.428   -6.518  1.000 14.135 ? 75  TRP AAA CA  1 ? 
ATOM   299  C  C   . TRP A 1 36  ? 7.902   2.454   -7.943  1.000 15.321 ? 75  TRP AAA C   1 ? 
ATOM   300  O  O   . TRP A 1 36  ? 7.115   2.674   -8.863  1.000 16.157 ? 75  TRP AAA O   1 ? 
ATOM   301  C  CB  . TRP A 1 36  ? 7.540   3.797   -5.866  1.000 14.543 ? 75  TRP AAA CB  1 ? 
ATOM   302  C  CG  . TRP A 1 36  ? 6.752   4.896   -6.521  1.000 14.632 ? 75  TRP AAA CG  1 ? 
ATOM   303  C  CD1 . TRP A 1 36  ? 7.157   5.770   -7.500  1.000 17.652 ? 75  TRP AAA CD1 1 ? 
ATOM   304  C  CD2 . TRP A 1 36  ? 5.357   5.170   -6.294  1.000 12.859 ? 75  TRP AAA CD2 1 ? 
ATOM   305  N  NE1 . TRP A 1 36  ? 6.115   6.605   -7.830  1.000 16.839 ? 75  TRP AAA NE1 1 ? 
ATOM   306  C  CE2 . TRP A 1 36  ? 4.983   6.237   -7.135  1.000 14.456 ? 75  TRP AAA CE2 1 ? 
ATOM   307  C  CE3 . TRP A 1 36  ? 4.376   4.620   -5.448  1.000 12.340 ? 75  TRP AAA CE3 1 ? 
ATOM   308  C  CZ2 . TRP A 1 36  ? 3.684   6.774   -7.148  1.000 14.619 ? 75  TRP AAA CZ2 1 ? 
ATOM   309  C  CZ3 . TRP A 1 36  ? 3.111   5.165   -5.413  1.000 12.584 ? 75  TRP AAA CZ3 1 ? 
ATOM   310  C  CH2 . TRP A 1 36  ? 2.769   6.214   -6.278  1.000 13.933 ? 75  TRP AAA CH2 1 ? 
ATOM   311  N  N   . LYS A 1 37  ? 9.203   2.145   -8.123  1.000 16.135 ? 76  LYS AAA N   1 ? 
ATOM   312  C  CA  . LYS A 1 37  ? 9.827   2.287   -9.433  1.000 16.825 ? 76  LYS AAA CA  1 ? 
ATOM   313  C  C   . LYS A 1 37  ? 9.877   0.950   -10.160 1.000 17.706 ? 76  LYS AAA C   1 ? 
ATOM   314  O  O   . LYS A 1 37  ? 10.364  0.856   -11.281 1.000 18.351 ? 76  LYS AAA O   1 ? 
ATOM   315  C  CB  . LYS A 1 37  ? 11.183  2.992   -9.303  1.000 19.364 ? 76  LYS AAA CB  1 ? 
ATOM   316  C  CG  . LYS A 1 37  ? 12.271  2.149   -8.646  1.000 22.775 ? 76  LYS AAA CG  1 ? 
ATOM   317  C  CD  . LYS A 1 37  ? 13.573  2.960   -8.422  1.000 26.848 ? 76  LYS AAA CD  1 ? 
ATOM   318  C  CE  . LYS A 1 37  ? 14.560  2.431   -7.398  1.000 33.679 ? 76  LYS AAA CE  1 ? 
ATOM   319  N  NZ  . LYS A 1 37  ? 15.025  1.054   -7.679  1.000 35.557 ? 76  LYS AAA NZ  1 ? 
ATOM   320  N  N   . HIS A 1 38  ? 9.334   -0.110  -9.568  1.000 15.387 ? 77  HIS AAA N   1 ? 
ATOM   321  C  CA  . HIS A 1 38  ? 9.329   -1.407  -10.191 1.000 14.735 ? 77  HIS AAA CA  1 ? 
ATOM   322  C  C   . HIS A 1 38  ? 8.410   -1.407  -11.411 1.000 13.912 ? 77  HIS AAA C   1 ? 
ATOM   323  O  O   . HIS A 1 38  ? 7.395   -0.746  -11.429 1.000 14.680 ? 77  HIS AAA O   1 ? 
ATOM   324  C  CB  . HIS A 1 38  ? 8.836   -2.430  -9.139  1.000 15.181 ? 77  HIS AAA CB  1 ? 
ATOM   325  C  CG  . HIS A 1 38  ? 9.051   -3.848  -9.514  1.000 15.712 ? 77  HIS AAA CG  1 ? 
ATOM   326  N  ND1 . HIS A 1 38  ? 8.242   -4.504  -10.389 1.000 14.564 ? 77  HIS AAA ND1 1 ? 
ATOM   327  C  CD2 . HIS A 1 38  ? 9.983   -4.749  -9.091  1.000 17.693 ? 77  HIS AAA CD2 1 ? 
ATOM   328  C  CE1 . HIS A 1 38  ? 8.622   -5.760  -10.508 1.000 18.754 ? 77  HIS AAA CE1 1 ? 
ATOM   329  N  NE2 . HIS A 1 38  ? 9.739   -5.923  -9.723  1.000 16.641 ? 77  HIS AAA NE2 1 ? 
ATOM   330  N  N   . GLN A 1 39  ? 8.776   -2.198  -12.411 1.000 13.632 ? 78  GLN AAA N   1 ? 
ATOM   331  C  CA  . GLN A 1 39  ? 7.961   -2.352  -13.617 1.000 14.545 ? 78  GLN AAA CA  1 ? 
ATOM   332  C  C   . GLN A 1 39  ? 6.503   -2.705  -13.303 1.000 13.415 ? 78  GLN AAA C   1 ? 
ATOM   333  O  O   . GLN A 1 39  ? 5.597   -2.331  -14.023 1.000 14.751 ? 78  GLN AAA O   1 ? 
ATOM   334  C  CB  . GLN A 1 39  ? 8.574   -3.440  -14.525 1.000 16.159 ? 78  GLN AAA CB  1 ? 
ATOM   335  C  CG  . GLN A 1 39  ? 7.913   -3.584  -15.909 1.000 17.959 ? 78  GLN AAA CG  1 ? 
ATOM   336  C  CD  . GLN A 1 39  ? 8.557   -4.659  -16.762 1.000 22.617 ? 78  GLN AAA CD  1 ? 
ATOM   337  O  OE1 . GLN A 1 39  ? 9.060   -4.405  -17.878 1.000 25.551 ? 78  GLN AAA OE1 1 ? 
ATOM   338  N  NE2 . GLN A 1 39  ? 8.584   -5.869  -16.247 1.000 18.074 ? 78  GLN AAA NE2 1 ? 
ATOM   339  N  N   . PHE A 1 40  ? 6.289   -3.480  -12.222 1.000 13.111 ? 79  PHE AAA N   1 ? 
ATOM   340  C  CA  . PHE A 1 40  ? 4.933   -3.918  -11.939 1.000 12.974 ? 79  PHE AAA CA  1 ? 
ATOM   341  C  C   . PHE A 1 40  ? 4.204   -3.032  -10.922 1.000 12.031 ? 79  PHE AAA C   1 ? 
ATOM   342  O  O   . PHE A 1 40  ? 3.140   -3.444  -10.424 1.000 12.774 ? 79  PHE AAA O   1 ? 
ATOM   343  C  CB  . PHE A 1 40  ? 5.057   -5.313  -11.345 1.000 13.232 ? 79  PHE AAA CB  1 ? 
ATOM   344  C  CG  . PHE A 1 40  ? 5.407   -6.414  -12.313 1.000 13.338 ? 79  PHE AAA CG  1 ? 
ATOM   345  C  CD1 . PHE A 1 40  ? 5.358   -6.247  -13.699 1.000 14.845 ? 79  PHE AAA CD1 1 ? 
ATOM   346  C  CD2 . PHE A 1 40  ? 5.855   -7.631  -11.791 1.000 14.639 ? 79  PHE AAA CD2 1 ? 
ATOM   347  C  CE1 . PHE A 1 40  ? 5.643   -7.320  -14.558 1.000 15.146 ? 79  PHE AAA CE1 1 ? 
ATOM   348  C  CE2 . PHE A 1 40  ? 6.132   -8.695  -12.632 1.000 17.020 ? 79  PHE AAA CE2 1 ? 
ATOM   349  C  CZ  . PHE A 1 40  ? 6.062   -8.530  -14.012 1.000 17.146 ? 79  PHE AAA CZ  1 ? 
ATOM   350  N  N   . ALA A 1 41  ? 4.737   -1.849  -10.598 1.000 11.863 ? 80  ALA AAA N   1 ? 
ATOM   351  C  CA  . ALA A 1 41  ? 4.156   -0.981  -9.577  1.000 12.392 ? 80  ALA AAA CA  1 ? 
ATOM   352  C  C   . ALA A 1 41  ? 2.823   -0.386  -9.999  1.000 11.673 ? 80  ALA AAA C   1 ? 
ATOM   353  O  O   . ALA A 1 41  ? 1.981   -0.113  -9.143  1.000 11.141 ? 80  ALA AAA O   1 ? 
ATOM   354  C  CB  . ALA A 1 41  ? 5.074   0.140   -9.210  1.000 14.814 ? 80  ALA AAA CB  1 ? 
ATOM   355  N  N   . TRP A 1 42  ? 2.614   -0.124  -11.301 1.000 10.935 ? 81  TRP AAA N   1 ? 
ATOM   356  C  CA  . TRP A 1 42  ? 1.554   0.799   -11.707 1.000 11.578 ? 81  TRP AAA CA  1 ? 
ATOM   357  C  C   . TRP A 1 42  ? 0.144   0.395   -11.261 1.000 11.265 ? 81  TRP AAA C   1 ? 
ATOM   358  O  O   . TRP A 1 42  ? -0.615  1.329   -10.943 1.000 11.789 ? 81  TRP AAA O   1 ? 
ATOM   359  C  CB  . TRP A 1 42  ? 1.581   1.103   -13.231 1.000 11.418 ? 81  TRP AAA CB  1 ? 
ATOM   360  C  CG  . TRP A 1 42  ? 1.381   -0.093  -14.115 1.000 11.189 ? 81  TRP AAA CG  1 ? 
ATOM   361  C  CD1 . TRP A 1 42  ? 2.344   -0.930  -14.595 1.000 12.225 ? 81  TRP AAA CD1 1 ? 
ATOM   362  C  CD2 . TRP A 1 42  ? 0.126   -0.658  -14.559 1.000 11.043 ? 81  TRP AAA CD2 1 ? 
ATOM   363  N  NE1 . TRP A 1 42  ? 1.795   -1.934  -15.331 1.000 12.538 ? 81  TRP AAA NE1 1 ? 
ATOM   364  C  CE2 . TRP A 1 42  ? 0.431   -1.809  -15.331 1.000 11.500 ? 81  TRP AAA CE2 1 ? 
ATOM   365  C  CE3 . TRP A 1 42  ? -1.223  -0.287  -14.413 1.000 12.430 ? 81  TRP AAA CE3 1 ? 
ATOM   366  C  CZ2 . TRP A 1 42  ? -0.556  -2.581  -15.943 1.000 13.039 ? 81  TRP AAA CZ2 1 ? 
ATOM   367  C  CZ3 . TRP A 1 42  ? -2.191  -1.077  -14.991 1.000 13.611 ? 81  TRP AAA CZ3 1 ? 
ATOM   368  C  CH2 . TRP A 1 42  ? -1.866  -2.190  -15.760 1.000 13.631 ? 81  TRP AAA CH2 1 ? 
ATOM   369  N  N   . PRO A 1 43  ? -0.272  -0.895  -11.166 1.000 10.128 ? 82  PRO AAA N   1 ? 
ATOM   370  C  CA  . PRO A 1 43  ? -1.649  -1.192  -10.719 1.000 11.502 ? 82  PRO AAA CA  1 ? 
ATOM   371  C  C   . PRO A 1 43  ? -1.831  -0.818  -9.243  1.000 10.896 ? 82  PRO AAA C   1 ? 
ATOM   372  O  O   . PRO A 1 43  ? -2.971  -0.759  -8.798  1.000 11.835 ? 82  PRO AAA O   1 ? 
ATOM   373  C  CB  . PRO A 1 43  ? -1.826  -2.706  -10.880 1.000 11.259 ? 82  PRO AAA CB  1 ? 
ATOM   374  C  CG  . PRO A 1 43  ? -0.723  -3.061  -11.907 1.000 11.750 ? 82  PRO AAA CG  1 ? 
ATOM   375  C  CD  . PRO A 1 43  ? 0.437   -2.128  -11.611 1.000 10.513 ? 82  PRO AAA CD  1 ? 
ATOM   376  N  N   . PHE A 1 44  ? -0.742  -0.597  -8.523  1.000 9.496  ? 83  PHE AAA N   1 ? 
ATOM   377  C  CA  . PHE A 1 44  ? -0.775  -0.348  -7.082  1.000 10.209 ? 83  PHE AAA CA  1 ? 
ATOM   378  C  C   . PHE A 1 44  ? -0.522  1.091   -6.709  1.000 10.704 ? 83  PHE AAA C   1 ? 
ATOM   379  O  O   . PHE A 1 44  ? -0.489  1.423   -5.492  1.000 11.984 ? 83  PHE AAA O   1 ? 
ATOM   380  C  CB  . PHE A 1 44  ? 0.229   -1.282  -6.382  1.000 11.118 ? 83  PHE AAA CB  1 ? 
ATOM   381  C  CG  . PHE A 1 44  ? 0.029   -2.711  -6.810  1.000 10.532 ? 83  PHE AAA CG  1 ? 
ATOM   382  C  CD1 . PHE A 1 44  ? -0.958  -3.494  -6.202  1.000 11.635 ? 83  PHE AAA CD1 1 ? 
ATOM   383  C  CD2 . PHE A 1 44  ? 0.788   -3.280  -7.835  1.000 10.945 ? 83  PHE AAA CD2 1 ? 
ATOM   384  C  CE1 . PHE A 1 44  ? -1.167  -4.813  -6.655  1.000 13.272 ? 83  PHE AAA CE1 1 ? 
ATOM   385  C  CE2 . PHE A 1 44  ? 0.591   -4.602  -8.250  1.000 11.764 ? 83  PHE AAA CE2 1 ? 
ATOM   386  C  CZ  . PHE A 1 44  ? -0.396  -5.350  -7.649  1.000 12.891 ? 83  PHE AAA CZ  1 ? 
ATOM   387  N  N   . GLN A 1 45  ? -0.296  1.976   -7.696  1.000 10.441 ? 84  GLN AAA N   1 ? 
ATOM   388  C  CA  . GLN A 1 45  ? 0.190   3.320   -7.362  1.000 11.255 ? 84  GLN AAA CA  1 ? 
ATOM   389  C  C   . GLN A 1 45  ? -0.938  4.301   -7.030  1.000 11.498 ? 84  GLN AAA C   1 ? 
ATOM   390  O  O   . GLN A 1 45  ? -0.667  5.439   -6.660  1.000 12.137 ? 84  GLN AAA O   1 ? 
ATOM   391  C  CB  . GLN A 1 45  ? 1.030   3.915   -8.505  1.000 11.659 ? 84  GLN AAA CB  1 ? 
ATOM   392  C  CG  . GLN A 1 45  ? 2.420   3.295   -8.585  1.000 13.230 ? 84  GLN AAA CG  1 ? 
ATOM   393  C  CD  . GLN A 1 45  ? 3.162   3.772   -9.818  1.000 14.655 ? 84  GLN AAA CD  1 ? 
ATOM   394  O  OE1 . GLN A 1 45  ? 2.555   4.057   -10.862 1.000 16.523 ? 84  GLN AAA OE1 1 ? 
ATOM   395  N  NE2 . GLN A 1 45  ? 4.470   3.784   -9.752  1.000 16.211 ? 84  GLN AAA NE2 1 ? 
ATOM   396  N  N   . GLN A 1 46  ? -2.191  3.871   -7.101  1.000 11.380 ? 85  GLN AAA N   1 ? 
ATOM   397  C  CA  . GLN A 1 46  ? -3.315  4.742   -6.775  1.000 12.008 ? 85  GLN AAA CA  1 ? 
ATOM   398  C  C   . GLN A 1 46  ? -4.475  3.863   -6.347  1.000 11.870 ? 85  GLN AAA C   1 ? 
ATOM   399  O  O   . GLN A 1 46  ? -4.475  2.670   -6.656  1.000 11.938 ? 85  GLN AAA O   1 ? 
ATOM   400  C  CB  . GLN A 1 46  ? -3.726  5.586   -7.984  1.000 13.968 ? 85  GLN AAA CB  1 ? 
ATOM   401  C  CG  . GLN A 1 46  ? -4.127  4.755   -9.219  1.000 14.971 ? 85  GLN AAA CG  1 ? 
ATOM   402  C  CD  . GLN A 1 46  ? -2.933  4.059   -9.847  1.000 15.880 ? 85  GLN AAA CD  1 ? 
ATOM   403  O  OE1 . GLN A 1 46  ? -1.951  4.706   -10.209 1.000 18.132 ? 85  GLN AAA OE1 1 ? 
ATOM   404  N  NE2 . GLN A 1 46  ? -2.981  2.736   -10.045 1.000 14.893 ? 85  GLN AAA NE2 1 ? 
ATOM   405  N  N   . PRO A 1 47  ? -5.502  4.418   -5.697  1.000 12.460 ? 86  PRO AAA N   1 ? 
ATOM   406  C  CA  . PRO A 1 47  ? -6.693  3.623   -5.363  1.000 13.115 ? 86  PRO AAA CA  1 ? 
ATOM   407  C  C   . PRO A 1 47  ? -7.353  3.002   -6.587  1.000 13.686 ? 86  PRO AAA C   1 ? 
ATOM   408  O  O   . PRO A 1 47  ? -7.324  3.571   -7.675  1.000 14.821 ? 86  PRO AAA O   1 ? 
ATOM   409  C  CB  . PRO A 1 47  ? -7.644  4.653   -4.740  1.000 13.919 ? 86  PRO AAA CB  1 ? 
ATOM   410  C  CG  . PRO A 1 47  ? -6.697  5.683   -4.142  1.000 14.731 ? 86  PRO AAA CG  1 ? 
ATOM   411  C  CD  . PRO A 1 47  ? -5.559  5.784   -5.146  1.000 14.959 ? 86  PRO AAA CD  1 ? 
ATOM   412  N  N   . VAL A 1 48  ? -8.026  1.875   -6.387  1.000 12.653 ? 87  VAL AAA N   1 ? 
ATOM   413  C  CA  . VAL A 1 48  ? -8.794  1.244   -7.451  1.000 12.629 ? 87  VAL AAA CA  1 ? 
ATOM   414  C  C   . VAL A 1 48  ? -10.017 2.096   -7.789  1.000 11.413 ? 87  VAL AAA C   1 ? 
ATOM   415  O  O   . VAL A 1 48  ? -10.873 2.363   -6.922  1.000 11.841 ? 87  VAL AAA O   1 ? 
ATOM   416  C  CB  . VAL A 1 48  ? -9.224  -0.166  -7.028  1.000 12.745 ? 87  VAL AAA CB  1 ? 
ATOM   417  C  CG1 . VAL A 1 48  ? -10.155 -0.768  -8.083  1.000 14.188 ? 87  VAL AAA CG1 1 ? 
ATOM   418  C  CG2 . VAL A 1 48  ? -7.970  -1.042  -6.911  1.000 14.667 ? 87  VAL AAA CG2 1 ? 
ATOM   419  N  N   . ASP A 1 49  ? -10.095 2.540   -9.061  1.000 12.182 ? 88  ASP AAA N   1 ? 
ATOM   420  C  CA  . ASP A 1 49  ? -11.287 3.236   -9.524  1.000 12.559 ? 88  ASP AAA CA  1 ? 
ATOM   421  C  C   . ASP A 1 49  ? -12.213 2.180   -10.095 1.000 11.791 ? 88  ASP AAA C   1 ? 
ATOM   422  O  O   . ASP A 1 49  ? -12.106 1.731   -11.240 1.000 12.346 ? 88  ASP AAA O   1 ? 
ATOM   423  C  CB  . ASP A 1 49  ? -10.938 4.325   -10.544 1.000 13.101 ? 88  ASP AAA CB  1 ? 
ATOM   424  C  CG  . ASP A 1 49  ? -12.149 5.058   -11.059 1.000 13.190 ? 88  ASP AAA CG  1 ? 
ATOM   425  O  OD1 . ASP A 1 49  ? -13.261 4.617   -10.845 1.000 12.137 ? 88  ASP AAA OD1 1 ? 
ATOM   426  O  OD2 . ASP A 1 49  ? -11.916 6.081   -11.749 1.000 17.456 ? 88  ASP AAA OD2 1 ? 
ATOM   427  N  N   . ALA A 1 50  ? -13.110 1.675   -9.232  1.000 11.781 ? 89  ALA AAA N   1 ? 
ATOM   428  C  CA  . ALA A 1 50  ? -13.986 0.570   -9.561  1.000 13.394 ? 89  ALA AAA CA  1 ? 
ATOM   429  C  C   . ALA A 1 50  ? -14.997 0.986   -10.640 1.000 12.536 ? 89  ALA AAA C   1 ? 
ATOM   430  O  O   . ALA A 1 50  ? -15.527 0.135   -11.354 1.000 13.922 ? 89  ALA AAA O   1 ? 
ATOM   431  C  CB  . ALA A 1 50  ? -14.638 0.008   -8.310  1.000 16.481 ? 89  ALA AAA CB  1 ? 
ATOM   432  N  N   . VAL A 1 51  ? -15.323 2.269   -10.745 1.000 12.877 ? 90  VAL AAA N   1 ? 
ATOM   433  C  CA  . VAL A 1 51  ? -16.195 2.716   -11.823 1.000 14.754 ? 90  VAL AAA CA  1 ? 
ATOM   434  C  C   . VAL A 1 51  ? -15.492 2.628   -13.174 1.000 13.763 ? 90  VAL AAA C   1 ? 
ATOM   435  O  O   . VAL A 1 51  ? -16.006 1.998   -14.119 1.000 14.776 ? 90  VAL AAA O   1 ? 
ATOM   436  C  CB  . VAL A 1 51  ? -16.680 4.137   -11.522 1.000 14.192 ? 90  VAL AAA CB  1 ? 
ATOM   437  C  CG1 . VAL A 1 51  ? -17.473 4.688   -12.712 1.000 17.461 ? 90  VAL AAA CG1 1 ? 
ATOM   438  C  CG2 . VAL A 1 51  ? -17.485 4.161   -10.240 1.000 15.440 ? 90  VAL AAA CG2 1 ? 
ATOM   439  N  N   . LYS A 1 52  ? -14.271 3.156   -13.254 1.000 13.661 ? 91  LYS AAA N   1 ? 
ATOM   440  C  CA  . LYS A 1 52  ? -13.504 3.147   -14.499 1.000 13.757 ? 91  LYS AAA CA  1 ? 
ATOM   441  C  C   . LYS A 1 52  ? -13.219 1.718   -14.948 1.000 13.805 ? 91  LYS AAA C   1 ? 
ATOM   442  O  O   . LYS A 1 52  ? -13.223 1.427   -16.174 1.000 15.005 ? 91  LYS AAA O   1 ? 
ATOM   443  C  CB  . LYS A 1 52  ? -12.214 3.953   -14.415 1.000 13.382 ? 91  LYS AAA CB  1 ? 
ATOM   444  C  CG  . LYS A 1 52  ? -11.592 4.280   -15.785 1.000 15.371 ? 91  LYS AAA CG  1 ? 
ATOM   445  C  CD  . LYS A 1 52  ? -10.466 5.258   -15.722 1.000 15.948 ? 91  LYS AAA CD  1 ? 
ATOM   446  C  CE  . LYS A 1 52  ? -10.109 5.772   -17.098 1.000 16.106 ? 91  LYS AAA CE  1 ? 
ATOM   447  N  NZ  . LYS A 1 52  ? -8.904  6.599   -16.971 1.000 17.334 ? 91  LYS AAA NZ  1 ? 
ATOM   448  N  N   . LEU A 1 53  ? -12.971 0.804   -14.001 1.000 12.863 ? 92  LEU AAA N   1 ? 
ATOM   449  C  CA  . LEU A 1 53  ? -12.628 -0.583  -14.338 1.000 13.151 ? 92  LEU AAA CA  1 ? 
ATOM   450  C  C   . LEU A 1 53  ? -13.877 -1.434  -14.523 1.000 13.189 ? 92  LEU AAA C   1 ? 
ATOM   451  O  O   . LEU A 1 53  ? -13.740 -2.625  -14.840 1.000 14.812 ? 92  LEU AAA O   1 ? 
ATOM   452  C  CB  . LEU A 1 53  ? -11.740 -1.210  -13.261 1.000 13.877 ? 92  LEU AAA CB  1 ? 
ATOM   453  C  CG  . LEU A 1 53  ? -10.388 -0.515  -13.126 1.000 14.580 ? 92  LEU AAA CG  1 ? 
ATOM   454  C  CD1 . LEU A 1 53  ? -9.573  -1.095  -11.999 1.000 16.882 ? 92  LEU AAA CD1 1 ? 
ATOM   455  C  CD2 . LEU A 1 53  ? -9.603  -0.469  -14.450 1.000 19.879 ? 92  LEU AAA CD2 1 ? 
ATOM   456  N  N   . ASN A 1 54  ? -15.047 -0.897  -14.282 1.000 13.815 ? 93  ASN AAA N   1 ? 
ATOM   457  C  CA  . ASN A 1 54  ? -16.307 -1.636  -14.410 1.000 15.048 ? 93  ASN AAA CA  1 ? 
ATOM   458  C  C   . ASN A 1 54  ? -16.302 -2.836  -13.469 1.000 15.298 ? 93  ASN AAA C   1 ? 
ATOM   459  O  O   . ASN A 1 54  ? -16.630 -3.967  -13.888 1.000 15.373 ? 93  ASN AAA O   1 ? 
ATOM   460  C  CB  . ASN A 1 54  ? -16.562 -2.064  -15.872 1.000 19.050 ? 93  ASN AAA CB  1 ? 
ATOM   461  C  CG  . ASN A 1 54  ? -17.977 -2.529  -16.090 1.000 27.060 ? 93  ASN AAA CG  1 ? 
ATOM   462  O  OD1 . ASN A 1 54  ? -18.881 -2.078  -15.394 1.000 28.435 ? 93  ASN AAA OD1 1 ? 
ATOM   463  N  ND2 . ASN A 1 54  ? -18.149 -3.482  -16.999 1.000 29.848 ? 93  ASN AAA ND2 1 ? 
ATOM   464  N  N   . LEU A 1 55  ? -15.938 -2.601  -12.198 1.000 13.636 ? 94  LEU AAA N   1 ? 
ATOM   465  C  CA  . LEU A 1 55  ? -15.895 -3.623  -11.161 1.000 12.464 ? 94  LEU AAA CA  1 ? 
ATOM   466  C  C   . LEU A 1 55  ? -16.849 -3.181  -10.054 1.000 12.539 ? 94  LEU AAA C   1 ? 
ATOM   467  O  O   . LEU A 1 55  ? -16.398 -2.818  -8.956  1.000 11.075 ? 94  LEU AAA O   1 ? 
ATOM   468  C  CB  . LEU A 1 55  ? -14.483 -3.773  -10.606 1.000 13.427 ? 94  LEU AAA CB  1 ? 
ATOM   469  C  CG  . LEU A 1 55  ? -13.477 -4.275  -11.642 1.000 15.519 ? 94  LEU AAA CG  1 ? 
ATOM   470  C  CD1 . LEU A 1 55  ? -12.055 -4.284  -11.063 1.000 18.248 ? 94  LEU AAA CD1 1 ? 
ATOM   471  C  CD2 . LEU A 1 55  ? -13.888 -5.603  -12.237 1.000 17.316 ? 94  LEU AAA CD2 1 ? 
ATOM   472  N  N   . PRO A 1 56  ? -18.186 -3.198  -10.272 1.000 11.427 ? 95  PRO AAA N   1 ? 
ATOM   473  C  CA  . PRO A 1 56  ? -19.068 -2.623  -9.256  1.000 11.831 ? 95  PRO AAA CA  1 ? 
ATOM   474  C  C   . PRO A 1 56  ? -19.052 -3.361  -7.922  1.000 11.391 ? 95  PRO AAA C   1 ? 
ATOM   475  O  O   . PRO A 1 56  ? -19.392 -2.767  -6.895  1.000 12.569 ? 95  PRO AAA O   1 ? 
ATOM   476  C  CB  . PRO A 1 56  ? -20.457 -2.707  -9.927  1.000 12.582 ? 95  PRO AAA CB  1 ? 
ATOM   477  C  CG  . PRO A 1 56  ? -20.261 -3.833  -10.934 1.000 12.433 ? 95  PRO AAA CG  1 ? 
ATOM   478  C  CD  . PRO A 1 56  ? -18.897 -3.578  -11.517 1.000 12.144 ? 95  PRO AAA CD  1 ? 
ATOM   479  N  N   . ASP A 1 57  ? -18.588 -4.619  -7.880  1.000 10.530 ? 96  ASP AAA N   1 ? 
ATOM   480  C  CA  . ASP A 1 57  ? -18.515 -5.350  -6.633  1.000 11.315 ? 96  ASP AAA CA  1 ? 
ATOM   481  C  C   . ASP A 1 57  ? -17.197 -5.103  -5.890  1.000 9.801  ? 96  ASP AAA C   1 ? 
ATOM   482  O  O   . ASP A 1 57  ? -17.012 -5.701  -4.840  1.000 10.934 ? 96  ASP AAA O   1 ? 
ATOM   483  C  CB  . ASP A 1 57  ? -18.740 -6.854  -6.802  1.000 12.805 ? 96  ASP AAA CB  1 ? 
ATOM   484  C  CG  . ASP A 1 57  ? -17.618 -7.558  -7.513  1.000 12.842 ? 96  ASP AAA CG  1 ? 
ATOM   485  O  OD1 . ASP A 1 57  ? -16.759 -6.917  -8.153  1.000 13.157 ? 96  ASP AAA OD1 1 ? 
ATOM   486  O  OD2 . ASP A 1 57  ? -17.692 -8.803  -7.524  1.000 17.177 ? 96  ASP AAA OD2 1 ? 
ATOM   487  N  N   . TYR A 1 58  ? -16.275 -4.311  -6.455  1.000 10.478 ? 97  TYR AAA N   1 ? 
ATOM   488  C  CA  . TYR A 1 58  ? -14.938 -4.267  -5.832  1.000 10.575 ? 97  TYR AAA CA  1 ? 
ATOM   489  C  C   . TYR A 1 58  ? -14.980 -3.820  -4.370  1.000 10.442 ? 97  TYR AAA C   1 ? 
ATOM   490  O  O   . TYR A 1 58  ? -14.445 -4.494  -3.503  1.000 10.453 ? 97  TYR AAA O   1 ? 
ATOM   491  C  CB  . TYR A 1 58  ? -13.994 -3.352  -6.626  1.000 10.214 ? 97  TYR AAA CB  1 ? 
ATOM   492  C  CG  . TYR A 1 58  ? -12.561 -3.365  -6.113  1.000 9.946  ? 97  TYR AAA CG  1 ? 
ATOM   493  C  CD1 . TYR A 1 58  ? -11.713 -4.399  -6.489  1.000 11.053 ? 97  TYR AAA CD1 1 ? 
ATOM   494  C  CD2 . TYR A 1 58  ? -12.146 -2.471  -5.136  1.000 10.945 ? 97  TYR AAA CD2 1 ? 
ATOM   495  C  CE1 . TYR A 1 58  ? -10.432 -4.466  -5.958  1.000 11.648 ? 97  TYR AAA CE1 1 ? 
ATOM   496  C  CE2 . TYR A 1 58  ? -10.857 -2.515  -4.622  1.000 10.419 ? 97  TYR AAA CE2 1 ? 
ATOM   497  C  CZ  . TYR A 1 58  ? -10.034 -3.567  -4.975  1.000 11.118 ? 97  TYR AAA CZ  1 ? 
ATOM   498  O  OH  . TYR A 1 58  ? -8.739  -3.653  -4.478  1.000 12.734 ? 97  TYR AAA OH  1 ? 
ATOM   499  N  N   . TYR A 1 59  ? -15.704 -2.714  -4.089  1.000 9.982  ? 98  TYR AAA N   1 ? 
ATOM   500  C  CA  . TYR A 1 59  ? -15.774 -2.224  -2.707  1.000 9.600  ? 98  TYR AAA CA  1 ? 
ATOM   501  C  C   . TYR A 1 59  ? -16.918 -2.899  -1.936  1.000 11.214 ? 98  TYR AAA C   1 ? 
ATOM   502  O  O   . TYR A 1 59  ? -17.116 -2.530  -0.765  1.000 12.753 ? 98  TYR AAA O   1 ? 
ATOM   503  C  CB  . TYR A 1 59  ? -15.833 -0.694  -2.698  1.000 10.262 ? 98  TYR AAA CB  1 ? 
ATOM   504  C  CG  . TYR A 1 59  ? -14.556 -0.082  -3.203  1.000 9.237  ? 98  TYR AAA CG  1 ? 
ATOM   505  C  CD1 . TYR A 1 59  ? -13.403 -0.180  -2.424  1.000 9.820  ? 98  TYR AAA CD1 1 ? 
ATOM   506  C  CD2 . TYR A 1 59  ? -14.433 0.563   -4.396  1.000 9.187  ? 98  TYR AAA CD2 1 ? 
ATOM   507  C  CE1 . TYR A 1 59  ? -12.205 0.360   -2.857  1.000 9.036  ? 98  TYR AAA CE1 1 ? 
ATOM   508  C  CE2 . TYR A 1 59  ? -13.255 1.104   -4.848  1.000 9.469  ? 98  TYR AAA CE2 1 ? 
ATOM   509  C  CZ  . TYR A 1 59  ? -12.122 1.017   -4.051  1.000 9.628  ? 98  TYR AAA CZ  1 ? 
ATOM   510  O  OH  . TYR A 1 59  ? -10.916 1.544   -4.405  1.000 11.045 ? 98  TYR AAA OH  1 ? 
ATOM   511  N  N   . LYS A 1 60  ? -17.653 -3.831  -2.557  1.000 11.064 ? 99  LYS AAA N   1 ? 
ATOM   512  C  CA  . LYS A 1 60  ? -18.457 -4.777  -1.791  1.000 11.578 ? 99  LYS AAA CA  1 ? 
ATOM   513  C  C   . LYS A 1 60  ? -17.561 -5.824  -1.127  1.000 12.752 ? 99  LYS AAA C   1 ? 
ATOM   514  O  O   . LYS A 1 60  ? -17.837 -6.240  0.021   1.000 15.598 ? 99  LYS AAA O   1 ? 
ATOM   515  C  CB  . LYS A 1 60  ? -19.486 -5.476  -2.688  1.000 12.565 ? 99  LYS AAA CB  1 ? 
ATOM   516  C  CG  . LYS A 1 60  ? -20.309 -6.490  -1.923  1.000 14.879 ? 99  LYS AAA CG  1 ? 
ATOM   517  C  CD  . LYS A 1 60  ? -21.405 -7.020  -2.814  1.000 18.787 ? 99  LYS AAA CD  1 ? 
ATOM   518  C  CE  . LYS A 1 60  ? -22.229 -8.072  -2.094  1.000 18.887 ? 99  LYS AAA CE  1 ? 
ATOM   519  N  NZ  . LYS A 1 60  ? -23.375 -8.523  -2.934  1.000 24.946 ? 99  LYS AAA NZ  1 ? 
ATOM   520  N  N   A ILE A 1 61  ? -16.514 -6.278  -1.855  0.500 12.461 ? 100 ILE AAA N   1 ? 
ATOM   521  N  N   B ILE A 1 61  ? -16.480 -6.264  -1.817  0.500 12.156 ? 100 ILE AAA N   1 ? 
ATOM   522  C  CA  A ILE A 1 61  ? -15.624 -7.317  -1.364  0.500 12.482 ? 100 ILE AAA CA  1 ? 
ATOM   523  C  CA  B ILE A 1 61  ? -15.599 -7.337  -1.360  0.500 11.868 ? 100 ILE AAA CA  1 ? 
ATOM   524  C  C   A ILE A 1 61  ? -14.516 -6.699  -0.490  0.500 11.402 ? 100 ILE AAA C   1 ? 
ATOM   525  C  C   B ILE A 1 61  ? -14.418 -6.782  -0.548  0.500 11.316 ? 100 ILE AAA C   1 ? 
ATOM   526  O  O   A ILE A 1 61  ? -14.239 -7.191  0.595   0.500 13.004 ? 100 ILE AAA O   1 ? 
ATOM   527  O  O   B ILE A 1 61  ? -13.986 -7.417  0.408   0.500 12.645 ? 100 ILE AAA O   1 ? 
ATOM   528  C  CB  A ILE A 1 61  ? -15.086 -8.141  -2.556  0.500 12.622 ? 100 ILE AAA CB  1 ? 
ATOM   529  C  CB  B ILE A 1 61  ? -15.171 -8.177  -2.587  0.500 11.521 ? 100 ILE AAA CB  1 ? 
ATOM   530  C  CG1 A ILE A 1 61  ? -16.213 -8.675  -3.457  0.500 14.779 ? 100 ILE AAA CG1 1 ? 
ATOM   531  C  CG1 B ILE A 1 61  ? -16.343 -9.052  -3.056  0.500 12.616 ? 100 ILE AAA CG1 1 ? 
ATOM   532  C  CG2 A ILE A 1 61  ? -14.237 -9.287  -2.041  0.500 12.774 ? 100 ILE AAA CG2 1 ? 
ATOM   533  C  CG2 B ILE A 1 61  ? -13.923 -9.027  -2.343  0.500 11.606 ? 100 ILE AAA CG2 1 ? 
ATOM   534  C  CD1 A ILE A 1 61  ? -17.229 -9.486  -2.701  0.500 16.238 ? 100 ILE AAA CD1 1 ? 
ATOM   535  C  CD1 B ILE A 1 61  ? -16.277 -9.435  -4.502  0.500 12.878 ? 100 ILE AAA CD1 1 ? 
ATOM   536  N  N   . ILE A 1 62  ? -13.855 -5.657  -1.023  1.000 10.438 ? 101 ILE AAA N   1 ? 
ATOM   537  C  CA  . ILE A 1 62  ? -12.702 -5.065  -0.346  1.000 10.847 ? 101 ILE AAA CA  1 ? 
ATOM   538  C  C   . ILE A 1 62  ? -13.187 -3.920  0.548   1.000 10.633 ? 101 ILE AAA C   1 ? 
ATOM   539  O  O   . ILE A 1 62  ? -13.498 -2.812  0.091   1.000 11.056 ? 101 ILE AAA O   1 ? 
ATOM   540  C  CB  . ILE A 1 62  ? -11.673 -4.581  -1.392  1.000 10.454 ? 101 ILE AAA CB  1 ? 
ATOM   541  C  CG1 . ILE A 1 62  ? -11.220 -5.759  -2.266  1.000 10.585 ? 101 ILE AAA CG1 1 ? 
ATOM   542  C  CG2 . ILE A 1 62  ? -10.492 -3.873  -0.742  1.000 11.211 ? 101 ILE AAA CG2 1 ? 
ATOM   543  C  CD1 . ILE A 1 62  ? -10.627 -6.903  -1.488  1.000 11.802 ? 101 ILE AAA CD1 1 ? 
ATOM   544  N  N   . LYS A 1 63  ? -13.160 -4.200  1.847   1.000 10.308 ? 102 LYS AAA N   1 ? 
ATOM   545  C  CA  . LYS A 1 63  ? -13.621 -3.239  2.849   1.000 11.166 ? 102 LYS AAA CA  1 ? 
ATOM   546  C  C   . LYS A 1 63  ? -12.465 -2.529  3.508   1.000 12.003 ? 102 LYS AAA C   1 ? 
ATOM   547  O  O   . LYS A 1 63  ? -12.677 -1.617  4.322   1.000 13.842 ? 102 LYS AAA O   1 ? 
ATOM   548  C  CB  . LYS A 1 63  ? -14.467 -3.948  3.905   1.000 12.593 ? 102 LYS AAA CB  1 ? 
ATOM   549  C  CG  . LYS A 1 63  ? -15.803 -4.481  3.397   1.000 13.927 ? 102 LYS AAA CG  1 ? 
ATOM   550  C  CD  . LYS A 1 63  ? -16.567 -3.437  2.579   1.000 14.570 ? 102 LYS AAA CD  1 ? 
ATOM   551  C  CE  . LYS A 1 63  ? -18.003 -3.865  2.410   1.000 17.009 ? 102 LYS AAA CE  1 ? 
ATOM   552  N  NZ  . LYS A 1 63  ? -18.695 -2.889  1.549   1.000 14.806 ? 102 LYS AAA NZ  1 ? 
ATOM   553  N  N   . THR A 1 64  ? -11.226 -2.923  3.235   1.000 12.067 ? 103 THR AAA N   1 ? 
ATOM   554  C  CA  . THR A 1 64  ? -10.058 -2.281  3.801   1.000 13.614 ? 103 THR AAA CA  1 ? 
ATOM   555  C  C   . THR A 1 64  ? -9.124  -1.882  2.684   1.000 12.633 ? 103 THR AAA C   1 ? 
ATOM   556  O  O   . THR A 1 64  ? -7.995  -2.381  2.599   1.000 12.890 ? 103 THR AAA O   1 ? 
ATOM   557  C  CB  . THR A 1 64  ? -9.344  -3.178  4.828   1.000 17.154 ? 103 THR AAA CB  1 ? 
ATOM   558  O  OG1 . THR A 1 64  ? -8.751  -4.274  4.139   1.000 27.593 ? 103 THR AAA OG1 1 ? 
ATOM   559  C  CG2 . THR A 1 64  ? -10.292 -3.639  5.915   1.000 18.269 ? 103 THR AAA CG2 1 ? 
ATOM   560  N  N   . PRO A 1 65  ? -9.528  -1.027  1.745   1.000 12.100 ? 104 PRO AAA N   1 ? 
ATOM   561  C  CA  . PRO A 1 65  ? -8.647  -0.681  0.640   1.000 12.289 ? 104 PRO AAA CA  1 ? 
ATOM   562  C  C   . PRO A 1 65  ? -7.352  -0.012  1.078   1.000 10.868 ? 104 PRO AAA C   1 ? 
ATOM   563  O  O   . PRO A 1 65  ? -7.293  0.787   2.020   1.000 10.905 ? 104 PRO AAA O   1 ? 
ATOM   564  C  CB  . PRO A 1 65  ? -9.441  0.245   -0.250  1.000 14.511 ? 104 PRO AAA CB  1 ? 
ATOM   565  C  CG  . PRO A 1 65  ? -10.603 0.707   0.644   1.000 14.004 ? 104 PRO AAA CG  1 ? 
ATOM   566  C  CD  . PRO A 1 65  ? -10.801 -0.268  1.757   1.000 12.758 ? 104 PRO AAA CD  1 ? 
ATOM   567  N  N   . MET A 1 66  ? -6.296  -0.273  0.340   1.000 11.304 ? 105 MET AAA N   1 ? 
ATOM   568  C  CA  . MET A 1 66  ? -5.021  0.369   0.581   1.000 10.319 ? 105 MET AAA CA  1 ? 
ATOM   569  C  C   . MET A 1 66  ? -4.231  0.260   -0.696  1.000 10.464 ? 105 MET AAA C   1 ? 
ATOM   570  O  O   . MET A 1 66  ? -4.398  -0.719  -1.473  1.000 13.339 ? 105 MET AAA O   1 ? 
ATOM   571  C  CB  . MET A 1 66  ? -4.284  -0.304  1.724   1.000 10.404 ? 105 MET AAA CB  1 ? 
ATOM   572  C  CG  . MET A 1 66  ? -2.991  0.382   2.163   1.000 11.465 ? 105 MET AAA CG  1 ? 
ATOM   573  S  SD  . MET A 1 66  ? -3.087  2.180   2.437   1.000 11.071 ? 105 MET AAA SD  1 ? 
ATOM   574  C  CE  . MET A 1 66  ? -4.337  2.270   3.743   1.000 13.174 ? 105 MET AAA CE  1 ? 
ATOM   575  N  N   . ASP A 1 67  ? -3.463  1.266   -1.025  1.000 11.251 ? 106 ASP AAA N   1 ? 
ATOM   576  C  CA  . ASP A 1 67  ? -2.692  1.363   -2.257  1.000 10.292 ? 106 ASP AAA CA  1 ? 
ATOM   577  C  C   . ASP A 1 67  ? -1.358  2.012   -1.940  1.000 10.154 ? 106 ASP AAA C   1 ? 
ATOM   578  O  O   . ASP A 1 67  ? -1.208  2.677   -0.892  1.000 9.577  ? 106 ASP AAA O   1 ? 
ATOM   579  C  CB  . ASP A 1 67  ? -3.456  2.075   -3.372  1.000 11.123 ? 106 ASP AAA CB  1 ? 
ATOM   580  C  CG  . ASP A 1 67  ? -3.622  3.521   -2.933  1.000 11.224 ? 106 ASP AAA CG  1 ? 
ATOM   581  O  OD1 . ASP A 1 67  ? -4.562  3.779   -2.147  1.000 11.574 ? 106 ASP AAA OD1 1 ? 
ATOM   582  O  OD2 . ASP A 1 67  ? -2.834  4.358   -3.420  1.000 11.303 ? 106 ASP AAA OD2 1 ? 
ATOM   583  N  N   . MET A 1 68  ? -0.347  1.865   -2.800  1.000 11.192 ? 107 MET AAA N   1 ? 
ATOM   584  C  CA  . MET A 1 68  ? 0.951   2.440   -2.555  1.000 11.405 ? 107 MET AAA CA  1 ? 
ATOM   585  C  C   . MET A 1 68  ? 0.945   3.956   -2.684  1.000 11.485 ? 107 MET AAA C   1 ? 
ATOM   586  O  O   . MET A 1 68  ? 1.845   4.598   -2.142  1.000 12.116 ? 107 MET AAA O   1 ? 
ATOM   587  C  CB  . MET A 1 68  ? 2.006   1.919   -3.539  1.000 14.390 ? 107 MET AAA CB  1 ? 
ATOM   588  C  CG  . MET A 1 68  ? 2.450   0.546   -3.292  1.000 15.892 ? 107 MET AAA CG  1 ? 
ATOM   589  S  SD  . MET A 1 68  ? 4.160   0.207   -3.812  1.000 16.599 ? 107 MET AAA SD  1 ? 
ATOM   590  C  CE  . MET A 1 68  ? 4.072   0.413   -5.585  1.000 15.574 ? 107 MET AAA CE  1 ? 
ATOM   591  N  N   . GLY A 1 69  ? 0.015   4.572   -3.457  1.000 11.020 ? 108 GLY AAA N   1 ? 
ATOM   592  C  CA  . GLY A 1 69  ? -0.061  6.019   -3.483  1.000 11.485 ? 108 GLY AAA CA  1 ? 
ATOM   593  C  C   . GLY A 1 69  ? -0.440  6.602   -2.121  1.000 10.344 ? 108 GLY AAA C   1 ? 
ATOM   594  O  O   . GLY A 1 69  ? 0.140   7.570   -1.616  1.000 11.602 ? 108 GLY AAA O   1 ? 
ATOM   595  N  N   . THR A 1 70  ? -1.394  5.908   -1.465  1.000 10.404 ? 109 THR AAA N   1 ? 
ATOM   596  C  CA  . THR A 1 70  ? -1.768  6.281   -0.115  1.000 10.406 ? 109 THR AAA CA  1 ? 
ATOM   597  C  C   . THR A 1 70  ? -0.583  6.077   0.835   1.000 10.399 ? 109 THR AAA C   1 ? 
ATOM   598  O  O   . THR A 1 70  ? -0.326  6.929   1.711   1.000 10.359 ? 109 THR AAA O   1 ? 
ATOM   599  C  CB  . THR A 1 70  ? -2.964  5.454   0.365   1.000 10.967 ? 109 THR AAA CB  1 ? 
ATOM   600  O  OG1 . THR A 1 70  ? -4.088  5.774   -0.446  1.000 11.561 ? 109 THR AAA OG1 1 ? 
ATOM   601  C  CG2 . THR A 1 70  ? -3.328  5.726   1.814   1.000 11.046 ? 109 THR AAA CG2 1 ? 
ATOM   602  N  N   . ILE A 1 71  ? 0.124   4.941   0.736   1.000 10.373 ? 110 ILE AAA N   1 ? 
ATOM   603  C  CA  . ILE A 1 71  ? 1.261   4.719   1.629   1.000 10.282 ? 110 ILE AAA CA  1 ? 
ATOM   604  C  C   . ILE A 1 71  ? 2.347   5.757   1.377   1.000 10.756 ? 110 ILE AAA C   1 ? 
ATOM   605  O  O   . ILE A 1 71  ? 2.902   6.289   2.334   1.000 10.902 ? 110 ILE AAA O   1 ? 
ATOM   606  C  CB  . ILE A 1 71  ? 1.798   3.291   1.361   1.000 10.072 ? 110 ILE AAA CB  1 ? 
ATOM   607  C  CG1 . ILE A 1 71  ? 0.792   2.250   1.839   1.000 10.329 ? 110 ILE AAA CG1 1 ? 
ATOM   608  C  CG2 . ILE A 1 71  ? 3.128   3.101   2.149   1.000 11.402 ? 110 ILE AAA CG2 1 ? 
ATOM   609  C  CD1 . ILE A 1 71  ? 1.100   0.819   1.387   1.000 10.718 ? 110 ILE AAA CD1 1 ? 
ATOM   610  N  N   . LYS A 1 72  ? 2.622   6.109   0.120   1.000 10.765 ? 111 LYS AAA N   1 ? 
ATOM   611  C  CA  . LYS A 1 72  ? 3.595   7.126   -0.217  1.000 12.056 ? 111 LYS AAA CA  1 ? 
ATOM   612  C  C   . LYS A 1 72  ? 3.191   8.447   0.447   1.000 12.978 ? 111 LYS AAA C   1 ? 
ATOM   613  O  O   . LYS A 1 72  ? 4.040   9.118   1.061   1.000 13.155 ? 111 LYS AAA O   1 ? 
ATOM   614  C  CB  . LYS A 1 72  ? 3.711   7.241   -1.733  1.000 12.583 ? 111 LYS AAA CB  1 ? 
ATOM   615  C  CG  . LYS A 1 72  ? 4.709   8.315   -2.198  1.000 14.397 ? 111 LYS AAA CG  1 ? 
ATOM   616  C  CD  . LYS A 1 72  ? 4.882   8.168   -3.709  1.000 16.590 ? 111 LYS AAA CD  1 ? 
ATOM   617  C  CE  . LYS A 1 72  ? 5.819   9.165   -4.363  1.000 19.045 ? 111 LYS AAA CE  1 ? 
ATOM   618  N  NZ  . LYS A 1 72  ? 5.312   10.541  -4.193  1.000 23.688 ? 111 LYS AAA NZ  1 ? 
ATOM   619  N  N   . LYS A 1 73  ? 1.915   8.838   0.339   1.000 13.274 ? 112 LYS AAA N   1 ? 
ATOM   620  C  CA  . LYS A 1 73  ? 1.512   10.099  0.946   1.000 14.066 ? 112 LYS AAA CA  1 ? 
ATOM   621  C  C   . LYS A 1 73  ? 1.622   10.003  2.467   1.000 12.472 ? 112 LYS AAA C   1 ? 
ATOM   622  O  O   . LYS A 1 73  ? 2.012   10.984  3.126   1.000 13.777 ? 112 LYS AAA O   1 ? 
ATOM   623  C  CB  . LYS A 1 73  ? 0.059   10.364  0.578   1.000 15.277 ? 112 LYS AAA CB  1 ? 
ATOM   624  C  CG  . LYS A 1 73  ? -0.171  10.874  -0.821  1.000 22.824 ? 112 LYS AAA CG  1 ? 
ATOM   625  C  CD  . LYS A 1 73  ? -1.550  11.481  -0.938  1.000 28.096 ? 112 LYS AAA CD  1 ? 
ATOM   626  C  CE  . LYS A 1 73  ? -1.797  12.047  -2.316  1.000 32.994 ? 112 LYS AAA CE  1 ? 
ATOM   627  N  NZ  . LYS A 1 73  ? -3.180  12.577  -2.405  1.000 42.081 ? 112 LYS AAA NZ  1 ? 
ATOM   628  N  N   . ARG A 1 74  ? 1.193   8.894   3.084   1.000 11.220 ? 113 ARG AAA N   1 ? 
ATOM   629  C  CA  . ARG A 1 74  ? 1.373   8.704   4.524   1.000 11.295 ? 113 ARG AAA CA  1 ? 
ATOM   630  C  C   . ARG A 1 74  ? 2.833   8.915   4.907   1.000 10.651 ? 113 ARG AAA C   1 ? 
ATOM   631  O  O   . ARG A 1 74  ? 3.111   9.600   5.910   1.000 11.567 ? 113 ARG AAA O   1 ? 
ATOM   632  C  CB  . ARG A 1 74  ? 0.790   7.374   5.006   1.000 10.480 ? 113 ARG AAA CB  1 ? 
ATOM   633  C  CG  . ARG A 1 74  ? -0.728  7.352   4.959   1.000 10.959 ? 113 ARG AAA CG  1 ? 
ATOM   634  C  CD  . ARG A 1 74  ? -1.263  5.995   5.415   1.000 10.294 ? 113 ARG AAA CD  1 ? 
ATOM   635  N  NE  . ARG A 1 74  ? -2.712  6.104   5.548   1.000 10.416 ? 113 ARG AAA NE  1 ? 
ATOM   636  C  CZ  . ARG A 1 74  ? -3.488  5.260   6.182   1.000 9.666  ? 113 ARG AAA CZ  1 ? 
ATOM   637  N  NH1 . ARG A 1 74  ? -2.999  4.112   6.635   1.000 11.308 ? 113 ARG AAA NH1 1 ? 
ATOM   638  N  NH2 . ARG A 1 74  ? -4.765  5.536   6.377   1.000 12.267 ? 113 ARG AAA NH2 1 ? 
ATOM   639  N  N   . LEU A 1 75  ? 3.751   8.230   4.229   1.000 11.465 ? 114 LEU AAA N   1 ? 
ATOM   640  C  CA  . LEU A 1 75  ? 5.148   8.410   4.583   1.000 12.043 ? 114 LEU AAA CA  1 ? 
ATOM   641  C  C   . LEU A 1 75  ? 5.607   9.855   4.405   1.000 13.497 ? 114 LEU AAA C   1 ? 
ATOM   642  O  O   . LEU A 1 75  ? 6.327   10.394  5.276   1.000 14.253 ? 114 LEU AAA O   1 ? 
ATOM   643  C  CB  . LEU A 1 75  ? 6.005   7.441   3.748   1.000 11.742 ? 114 LEU AAA CB  1 ? 
ATOM   644  C  CG  . LEU A 1 75  ? 5.872   5.980   4.188   1.000 12.441 ? 114 LEU AAA CG  1 ? 
ATOM   645  C  CD1 . LEU A 1 75  ? 6.480   5.017   3.157   1.000 12.307 ? 114 LEU AAA CD1 1 ? 
ATOM   646  C  CD2 . LEU A 1 75  ? 6.567   5.729   5.522   1.000 12.882 ? 114 LEU AAA CD2 1 ? 
ATOM   647  N  N   . GLU A 1 76  ? 5.233   10.503  3.298   1.000 13.672 ? 115 GLU AAA N   1 ? 
ATOM   648  C  CA  . GLU A 1 76  ? 5.646   11.871  3.002   1.000 15.984 ? 115 GLU AAA CA  1 ? 
ATOM   649  C  C   . GLU A 1 76  ? 5.055   12.814  4.044   1.000 16.006 ? 115 GLU AAA C   1 ? 
ATOM   650  O  O   . GLU A 1 76  ? 5.667   13.866  4.340   1.000 21.024 ? 115 GLU AAA O   1 ? 
ATOM   651  C  CB  . GLU A 1 76  ? 5.210   12.290  1.606   1.000 17.989 ? 115 GLU AAA CB  1 ? 
ATOM   652  C  CG  . GLU A 1 76  ? 6.016   11.550  0.557   1.000 19.240 ? 115 GLU AAA CG  1 ? 
ATOM   653  C  CD  . GLU A 1 76  ? 5.534   11.763  -0.858  1.000 22.282 ? 115 GLU AAA CD  1 ? 
ATOM   654  O  OE1 . GLU A 1 76  ? 4.391   12.213  -1.019  1.000 26.137 ? 115 GLU AAA OE1 1 ? 
ATOM   655  O  OE2 . GLU A 1 76  ? 6.282   11.402  -1.755  1.000 26.467 ? 115 GLU AAA OE2 1 ? 
ATOM   656  N  N   . ASN A 1 77  ? 3.894   12.487  4.587   1.000 14.585 ? 116 ASN AAA N   1 ? 
ATOM   657  C  CA  . ASN A 1 77  ? 3.251   13.370  5.537   1.000 15.765 ? 116 ASN AAA CA  1 ? 
ATOM   658  C  C   . ASN A 1 77  ? 3.603   12.997  6.968   1.000 15.408 ? 116 ASN AAA C   1 ? 
ATOM   659  O  O   . ASN A 1 77  ? 3.067   13.568  7.924   1.000 16.356 ? 116 ASN AAA O   1 ? 
ATOM   660  C  CB  . ASN A 1 77  ? 1.730   13.212  5.445   1.000 17.756 ? 116 ASN AAA CB  1 ? 
ATOM   661  C  CG  . ASN A 1 77  ? 1.133   13.931  4.269   1.000 21.327 ? 116 ASN AAA CG  1 ? 
ATOM   662  O  OD1 . ASN A 1 77  ? 1.862   14.575  3.507   1.000 24.745 ? 116 ASN AAA OD1 1 ? 
ATOM   663  N  ND2 . ASN A 1 77  ? -0.158  13.707  4.043   1.000 19.907 ? 116 ASN AAA ND2 1 ? 
ATOM   664  N  N   . ASN A 1 78  ? 4.494   12.063  7.169   1.000 14.147 ? 117 ASN AAA N   1 ? 
ATOM   665  C  CA  . ASN A 1 78  ? 4.894   11.574  8.480   1.000 14.430 ? 117 ASN AAA CA  1 ? 
ATOM   666  C  C   . ASN A 1 78  ? 3.667   11.144  9.295   1.000 15.913 ? 117 ASN AAA C   1 ? 
ATOM   667  O  O   . ASN A 1 78  ? 3.582   11.458  10.496  1.000 19.112 ? 117 ASN AAA O   1 ? 
ATOM   668  C  CB  . ASN A 1 78  ? 5.734   12.588  9.294   1.000 17.672 ? 117 ASN AAA CB  1 ? 
ATOM   669  C  CG  . ASN A 1 78  ? 6.977   13.005  8.551   1.000 21.924 ? 117 ASN AAA CG  1 ? 
ATOM   670  O  OD1 . ASN A 1 78  ? 7.797   12.157  8.227   1.000 22.161 ? 117 ASN AAA OD1 1 ? 
ATOM   671  N  ND2 . ASN A 1 78  ? 7.094   14.275  8.211   1.000 25.632 ? 117 ASN AAA ND2 1 ? 
ATOM   672  N  N   . TYR A 1 79  ? 2.724   10.430  8.664   1.000 12.047 ? 118 TYR AAA N   1 ? 
ATOM   673  C  CA  . TYR A 1 79  ? 1.451   10.095  9.248   1.000 11.754 ? 118 TYR AAA CA  1 ? 
ATOM   674  C  C   . TYR A 1 79  ? 1.582   9.051   10.334  1.000 10.928 ? 118 TYR AAA C   1 ? 
ATOM   675  O  O   . TYR A 1 79  ? 0.687   8.911   11.166  1.000 11.409 ? 118 TYR AAA O   1 ? 
ATOM   676  C  CB  . TYR A 1 79  ? 0.544   9.614   8.111   1.000 12.372 ? 118 TYR AAA CB  1 ? 
ATOM   677  C  CG  . TYR A 1 79  ? -0.815  9.112   8.507   1.000 12.485 ? 118 TYR AAA CG  1 ? 
ATOM   678  C  CD1 . TYR A 1 79  ? -1.843  10.006  8.777   1.000 12.262 ? 118 TYR AAA CD1 1 ? 
ATOM   679  C  CD2 . TYR A 1 79  ? -1.079  7.750   8.621   1.000 12.563 ? 118 TYR AAA CD2 1 ? 
ATOM   680  C  CE1 . TYR A 1 79  ? -3.109  9.572   9.149   1.000 12.813 ? 118 TYR AAA CE1 1 ? 
ATOM   681  C  CE2 . TYR A 1 79  ? -2.337  7.294   8.964   1.000 13.111 ? 118 TYR AAA CE2 1 ? 
ATOM   682  C  CZ  . TYR A 1 79  ? -3.347  8.198   9.217   1.000 12.210 ? 118 TYR AAA CZ  1 ? 
ATOM   683  O  OH  . TYR A 1 79  ? -4.584  7.730   9.588   1.000 14.048 ? 118 TYR AAA OH  1 ? 
ATOM   684  N  N   . TYR A 1 80  ? 2.623   8.184   10.254  1.000 10.693 ? 119 TYR AAA N   1 ? 
ATOM   685  C  CA  . TYR A 1 80  ? 2.722   7.046   11.133  1.000 10.597 ? 119 TYR AAA CA  1 ? 
ATOM   686  C  C   . TYR A 1 80  ? 3.402   7.389   12.459  1.000 12.065 ? 119 TYR AAA C   1 ? 
ATOM   687  O  O   . TYR A 1 80  ? 4.215   8.299   12.513  1.000 13.178 ? 119 TYR AAA O   1 ? 
ATOM   688  C  CB  . TYR A 1 80  ? 3.526   5.960   10.398  1.000 11.100 ? 119 TYR AAA CB  1 ? 
ATOM   689  C  CG  . TYR A 1 80  ? 2.910   5.451   9.107   1.000 9.762  ? 119 TYR AAA CG  1 ? 
ATOM   690  C  CD1 . TYR A 1 80  ? 1.745   4.723   9.131   1.000 10.166 ? 119 TYR AAA CD1 1 ? 
ATOM   691  C  CD2 . TYR A 1 80  ? 3.504   5.746   7.887   1.000 11.206 ? 119 TYR AAA CD2 1 ? 
ATOM   692  C  CE1 . TYR A 1 80  ? 1.238   4.173   7.955   1.000 10.173 ? 119 TYR AAA CE1 1 ? 
ATOM   693  C  CE2 . TYR A 1 80  ? 3.025   5.185   6.715   1.000 11.321 ? 119 TYR AAA CE2 1 ? 
ATOM   694  C  CZ  . TYR A 1 80  ? 1.871   4.440   6.755   1.000 10.220 ? 119 TYR AAA CZ  1 ? 
ATOM   695  O  OH  . TYR A 1 80  ? 1.457   3.864   5.578   1.000 10.450 ? 119 TYR AAA OH  1 ? 
ATOM   696  N  N   . TRP A 1 81  ? 3.098   6.572   13.461  1.000 11.073 ? 120 TRP AAA N   1 ? 
ATOM   697  C  CA  . TRP A 1 81  ? 3.888   6.566   14.710  1.000 11.190 ? 120 TRP AAA CA  1 ? 
ATOM   698  C  C   . TRP A 1 81  ? 4.986   5.515   14.612  1.000 12.086 ? 120 TRP AAA C   1 ? 
ATOM   699  O  O   . TRP A 1 81  ? 6.088   5.676   15.094  1.000 12.989 ? 120 TRP AAA O   1 ? 
ATOM   700  C  CB  . TRP A 1 81  ? 2.998   6.231   15.899  1.000 12.287 ? 120 TRP AAA CB  1 ? 
ATOM   701  C  CG  . TRP A 1 81  ? 3.720   6.324   17.218  1.000 11.014 ? 120 TRP AAA CG  1 ? 
ATOM   702  C  CD1 . TRP A 1 81  ? 4.243   5.275   17.937  1.000 11.752 ? 120 TRP AAA CD1 1 ? 
ATOM   703  C  CD2 . TRP A 1 81  ? 4.030   7.512   17.949  1.000 10.870 ? 120 TRP AAA CD2 1 ? 
ATOM   704  N  NE1 . TRP A 1 81  ? 4.808   5.758   19.089  1.000 12.139 ? 120 TRP AAA NE1 1 ? 
ATOM   705  C  CE2 . TRP A 1 81  ? 4.699   7.110   19.137  1.000 11.328 ? 120 TRP AAA CE2 1 ? 
ATOM   706  C  CE3 . TRP A 1 81  ? 3.766   8.877   17.749  1.000 11.453 ? 120 TRP AAA CE3 1 ? 
ATOM   707  C  CZ2 . TRP A 1 81  ? 5.146   8.015   20.093  1.000 12.254 ? 120 TRP AAA CZ2 1 ? 
ATOM   708  C  CZ3 . TRP A 1 81  ? 4.214   9.763   18.708  1.000 11.694 ? 120 TRP AAA CZ3 1 ? 
ATOM   709  C  CH2 . TRP A 1 81  ? 4.886   9.337   19.867  1.000 11.740 ? 120 TRP AAA CH2 1 ? 
ATOM   710  N  N   . ASN A 1 82  ? 4.710   4.404   13.941  1.000 13.122 ? 121 ASN AAA N   1 ? 
ATOM   711  C  CA  . ASN A 1 82  ? 5.739   3.372   13.884  1.000 13.186 ? 121 ASN AAA CA  1 ? 
ATOM   712  C  C   . ASN A 1 82  ? 5.702   2.588   12.593  1.000 13.611 ? 121 ASN AAA C   1 ? 
ATOM   713  O  O   . ASN A 1 82  ? 4.772   2.700   11.761  1.000 14.299 ? 121 ASN AAA O   1 ? 
ATOM   714  C  CB  . ASN A 1 82  ? 5.656   2.466   15.072  1.000 14.263 ? 121 ASN AAA CB  1 ? 
ATOM   715  C  CG  . ASN A 1 82  ? 4.405   1.639   15.108  1.000 12.427 ? 121 ASN AAA CG  1 ? 
ATOM   716  O  OD1 . ASN A 1 82  ? 3.934   1.175   14.048  1.000 15.463 ? 121 ASN AAA OD1 1 ? 
ATOM   717  N  ND2 . ASN A 1 82  ? 3.921   1.260   16.263  1.000 15.285 ? 121 ASN AAA ND2 1 ? 
ATOM   718  N  N   . ALA A 1 83  ? 6.786   1.826   12.410  1.000 12.928 ? 122 ALA AAA N   1 ? 
ATOM   719  C  CA  . ALA A 1 83  ? 6.948   1.090   11.163  1.000 12.678 ? 122 ALA AAA CA  1 ? 
ATOM   720  C  C   . ALA A 1 83  ? 5.864   0.058   10.983  1.000 10.806 ? 122 ALA AAA C   1 ? 
ATOM   721  O  O   . ALA A 1 83  ? 5.518   -0.240  9.839   1.000 11.400 ? 122 ALA AAA O   1 ? 
ATOM   722  C  CB  . ALA A 1 83  ? 8.360   0.516   11.136  1.000 15.253 ? 122 ALA AAA CB  1 ? 
ATOM   723  N  N   . GLN A 1 84  ? 5.406   -0.581  12.044  1.000 11.139 ? 123 GLN AAA N   1 ? 
ATOM   724  C  CA  . GLN A 1 84  ? 4.424   -1.637  11.908  1.000 12.226 ? 123 GLN AAA CA  1 ? 
ATOM   725  C  C   . GLN A 1 84  ? 3.155   -1.121  11.255  1.000 10.738 ? 123 GLN AAA C   1 ? 
ATOM   726  O  O   . GLN A 1 84  ? 2.549   -1.864  10.478  1.000 10.695 ? 123 GLN AAA O   1 ? 
ATOM   727  C  CB  . GLN A 1 84  ? 4.106   -2.292  13.250  1.000 13.581 ? 123 GLN AAA CB  1 ? 
ATOM   728  C  CG  . GLN A 1 84  ? 3.236   -3.544  13.106  1.000 18.696 ? 123 GLN AAA CG  1 ? 
ATOM   729  C  CD  . GLN A 1 84  ? 3.763   -4.632  12.191  0.500 16.927 ? 123 GLN AAA CD  1 ? 
ATOM   730  O  OE1 . GLN A 1 84  ? 3.003   -5.390  11.596  0.500 22.894 ? 123 GLN AAA OE1 1 ? 
ATOM   731  N  NE2 . GLN A 1 84  ? 5.070   -4.734  12.077  0.500 15.919 ? 123 GLN AAA NE2 1 ? 
ATOM   732  N  N   . GLU A 1 85  ? 2.757   0.118   11.556  1.000 10.411 ? 124 GLU AAA N   1 ? 
ATOM   733  C  CA  . GLU A 1 85  ? 1.560   0.623   10.879  1.000 11.478 ? 124 GLU AAA CA  1 ? 
ATOM   734  C  C   . GLU A 1 85  ? 1.761   0.636   9.364   1.000 10.053 ? 124 GLU AAA C   1 ? 
ATOM   735  O  O   . GLU A 1 85  ? 0.814   0.328   8.620   1.000 10.729 ? 124 GLU AAA O   1 ? 
ATOM   736  C  CB  . GLU A 1 85  ? 1.319   2.075   11.305  1.000 11.327 ? 124 GLU AAA CB  1 ? 
ATOM   737  C  CG  . GLU A 1 85  ? 0.836   2.276   12.758  1.000 12.733 ? 124 GLU AAA CG  1 ? 
ATOM   738  C  CD  . GLU A 1 85  ? 0.766   3.782   12.996  1.000 13.664 ? 124 GLU AAA CD  1 ? 
ATOM   739  O  OE1 . GLU A 1 85  ? -0.195  4.425   12.557  1.000 16.896 ? 124 GLU AAA OE1 1 ? 
ATOM   740  O  OE2 . GLU A 1 85  ? 1.734   4.302   13.401  1.000 16.283 ? 124 GLU AAA OE2 1 ? 
ATOM   741  N  N   . CYS A 1 86  ? 2.941   1.027   8.908   1.000 9.657  ? 125 CYS AAA N   1 ? 
ATOM   742  C  CA  . CYS A 1 86  ? 3.230   1.102   7.482   1.000 10.389 ? 125 CYS AAA CA  1 ? 
ATOM   743  C  C   . CYS A 1 86  ? 3.342   -0.283  6.861   1.000 9.705  ? 125 CYS AAA C   1 ? 
ATOM   744  O  O   . CYS A 1 86  ? 2.759   -0.541  5.797   1.000 9.917  ? 125 CYS AAA O   1 ? 
ATOM   745  C  CB  . CYS A 1 86  ? 4.462   1.966   7.294   1.000 11.327 ? 125 CYS AAA CB  1 ? 
ATOM   746  S  SG  . CYS A 1 86  ? 4.967   2.075   5.560   1.000 12.234 ? 125 CYS AAA SG  1 ? 
ATOM   747  N  N   . ILE A 1 87  ? 4.021   -1.203  7.556   1.000 9.693  ? 126 ILE AAA N   1 ? 
ATOM   748  C  CA  . ILE A 1 87  ? 4.117   -2.569  7.063   1.000 9.914  ? 126 ILE AAA CA  1 ? 
ATOM   749  C  C   . ILE A 1 87  ? 2.720   -3.140  6.934   1.000 10.127 ? 126 ILE AAA C   1 ? 
ATOM   750  O  O   . ILE A 1 87  ? 2.448   -3.869  5.974   1.000 10.704 ? 126 ILE AAA O   1 ? 
ATOM   751  C  CB  . ILE A 1 87  ? 5.007   -3.338  8.051   1.000 10.561 ? 126 ILE AAA CB  1 ? 
ATOM   752  C  CG1 . ILE A 1 87  ? 6.463   -2.858  7.895   1.000 12.730 ? 126 ILE AAA CG1 1 ? 
ATOM   753  C  CG2 . ILE A 1 87  ? 4.874   -4.853  7.794   1.000 12.810 ? 126 ILE AAA CG2 1 ? 
ATOM   754  C  CD1 . ILE A 1 87  ? 7.354   -3.329  9.046   1.000 13.441 ? 126 ILE AAA CD1 1 ? 
ATOM   755  N  N   . GLN A 1 88  ? 1.837   -2.883  7.911   1.000 10.729 ? 127 GLN AAA N   1 ? 
ATOM   756  C  CA  . GLN A 1 88  ? 0.492   -3.391  7.852   1.000 10.648 ? 127 GLN AAA CA  1 ? 
ATOM   757  C  C   . GLN A 1 88  ? -0.203  -2.842  6.620   1.000 9.678  ? 127 GLN AAA C   1 ? 
ATOM   758  O  O   . GLN A 1 88  ? -0.981  -3.574  5.968   1.000 10.127 ? 127 GLN AAA O   1 ? 
ATOM   759  C  CB  . GLN A 1 88  ? -0.282  -3.063  9.137   1.000 12.856 ? 127 GLN AAA CB  1 ? 
ATOM   760  C  CG  . GLN A 1 88  ? -1.764  -3.413  9.106   1.000 16.906 ? 127 GLN AAA CG  1 ? 
ATOM   761  C  CD  . GLN A 1 88  ? -1.931  -4.889  8.855   1.000 23.878 ? 127 GLN AAA CD  1 ? 
ATOM   762  O  OE1 . GLN A 1 88  ? -2.475  -5.323  7.822   1.000 29.341 ? 127 GLN AAA OE1 1 ? 
ATOM   763  N  NE2 . GLN A 1 88  ? -1.360  -5.688  9.745   1.000 25.831 ? 127 GLN AAA NE2 1 ? 
ATOM   764  N  N   . ASP A 1 89  ? -0.027  -1.568  6.279   1.000 9.125  ? 128 ASP AAA N   1 ? 
ATOM   765  C  CA  . ASP A 1 89  ? -0.646  -1.038  5.068   1.000 9.010  ? 128 ASP AAA CA  1 ? 
ATOM   766  C  C   . ASP A 1 89  ? -0.200  -1.817  3.833   1.000 9.092  ? 128 ASP AAA C   1 ? 
ATOM   767  O  O   . ASP A 1 89  ? -1.008  -2.131  2.950   1.000 9.489  ? 128 ASP AAA O   1 ? 
ATOM   768  C  CB  . ASP A 1 89  ? -0.363  0.471   4.940   1.000 10.083 ? 128 ASP AAA CB  1 ? 
ATOM   769  C  CG  . ASP A 1 89  ? -1.162  1.368   5.879   1.000 9.855  ? 128 ASP AAA CG  1 ? 
ATOM   770  O  OD1 . ASP A 1 89  ? -2.134  0.861   6.458   1.000 10.753 ? 128 ASP AAA OD1 1 ? 
ATOM   771  O  OD2 . ASP A 1 89  ? -0.775  2.557   6.007   1.000 10.930 ? 128 ASP AAA OD2 1 ? 
ATOM   772  N  N   . PHE A 1 90  ? 1.125   -2.037  3.703   1.000 9.062  ? 129 PHE AAA N   1 ? 
ATOM   773  C  CA  . PHE A 1 90  ? 1.595   -2.864  2.587   1.000 9.492  ? 129 PHE AAA CA  1 ? 
ATOM   774  C  C   . PHE A 1 90  ? 0.931   -4.248  2.580   1.000 9.924  ? 129 PHE AAA C   1 ? 
ATOM   775  O  O   . PHE A 1 90  ? 0.458   -4.733  1.550   1.000 10.431 ? 129 PHE AAA O   1 ? 
ATOM   776  C  CB  . PHE A 1 90  ? 3.129   -3.014  2.595   1.000 9.966  ? 129 PHE AAA CB  1 ? 
ATOM   777  C  CG  . PHE A 1 90  ? 3.904   -1.866  2.017   1.000 10.279 ? 129 PHE AAA CG  1 ? 
ATOM   778  C  CD1 . PHE A 1 90  ? 4.016   -1.729  0.636   1.000 12.215 ? 129 PHE AAA CD1 1 ? 
ATOM   779  C  CD2 . PHE A 1 90  ? 4.501   -0.940  2.847   1.000 10.952 ? 129 PHE AAA CD2 1 ? 
ATOM   780  C  CE1 . PHE A 1 90  ? 4.785   -0.703  0.086   1.000 12.996 ? 129 PHE AAA CE1 1 ? 
ATOM   781  C  CE2 . PHE A 1 90  ? 5.270   0.083   2.283   1.000 11.908 ? 129 PHE AAA CE2 1 ? 
ATOM   782  C  CZ  . PHE A 1 90  ? 5.388   0.212   0.927   1.000 13.783 ? 129 PHE AAA CZ  1 ? 
ATOM   783  N  N   . ASN A 1 91  ? 0.876   -4.913  3.719   1.000 10.604 ? 130 ASN AAA N   1 ? 
ATOM   784  C  CA  . ASN A 1 91  ? 0.297   -6.243  3.805   1.000 11.751 ? 130 ASN AAA CA  1 ? 
ATOM   785  C  C   . ASN A 1 91  ? -1.181  -6.205  3.417   1.000 10.044 ? 130 ASN AAA C   1 ? 
ATOM   786  O  O   . ASN A 1 91  ? -1.651  -7.106  2.723   1.000 10.882 ? 130 ASN AAA O   1 ? 
ATOM   787  C  CB  . ASN A 1 91  ? 0.449   -6.823  5.199   1.000 13.285 ? 130 ASN AAA CB  1 ? 
ATOM   788  C  CG  . ASN A 1 91  ? 1.881   -7.250  5.480   1.000 17.789 ? 130 ASN AAA CG  1 ? 
ATOM   789  O  OD1 . ASN A 1 91  ? 2.640   -7.496  4.559   1.000 23.573 ? 130 ASN AAA OD1 1 ? 
ATOM   790  N  ND2 . ASN A 1 91  ? 2.255   -7.251  6.747   1.000 23.667 ? 130 ASN AAA ND2 1 ? 
ATOM   791  N  N   . THR A 1 92  ? -1.909  -5.168  3.842   1.000 9.946  ? 131 THR AAA N   1 ? 
ATOM   792  C  CA  . THR A 1 92  ? -3.304  -5.014  3.460   1.000 10.708 ? 131 THR AAA CA  1 ? 
ATOM   793  C  C   . THR A 1 92  ? -3.431  -4.878  1.938   1.000 9.769  ? 131 THR AAA C   1 ? 
ATOM   794  O  O   . THR A 1 92  ? -4.321  -5.486  1.311   1.000 10.151 ? 131 THR AAA O   1 ? 
ATOM   795  C  CB  . THR A 1 92  ? -3.895  -3.781  4.160   1.000 10.763 ? 131 THR AAA CB  1 ? 
ATOM   796  O  OG1 . THR A 1 92  ? -3.876  -4.042  5.574   1.000 12.875 ? 131 THR AAA OG1 1 ? 
ATOM   797  C  CG2 . THR A 1 92  ? -5.317  -3.527  3.730   1.000 11.843 ? 131 THR AAA CG2 1 ? 
ATOM   798  N  N   . MET A 1 93  ? -2.609  -4.027  1.315   1.000 9.985  ? 132 MET AAA N   1 ? 
ATOM   799  C  CA  . MET A 1 93  ? -2.655  -3.888  -0.135  1.000 10.035 ? 132 MET AAA CA  1 ? 
ATOM   800  C  C   . MET A 1 93  ? -2.463  -5.238  -0.838  1.000 10.005 ? 132 MET AAA C   1 ? 
ATOM   801  O  O   . MET A 1 93  ? -3.229  -5.573  -1.750  1.000 10.070 ? 132 MET AAA O   1 ? 
ATOM   802  C  CB  . MET A 1 93  ? -1.504  -2.958  -0.504  1.000 10.061 ? 132 MET AAA CB  1 ? 
ATOM   803  C  CG  . MET A 1 93  ? -1.430  -2.644  -1.988  1.000 11.820 ? 132 MET AAA CG  1 ? 
ATOM   804  S  SD  . MET A 1 93  ? -0.074  -1.663  -2.475  1.000 12.516 ? 132 MET AAA SD  1 ? 
ATOM   805  C  CE  . MET A 1 93  ? 1.229   -2.912  -2.439  1.000 14.820 ? 132 MET AAA CE  1 ? 
ATOM   806  N  N   . PHE A 1 94  ? -1.435  -5.999  -0.447  1.000 8.721  ? 133 PHE AAA N   1 ? 
ATOM   807  C  CA  . PHE A 1 94  ? -1.235  -7.266  -1.136  1.000 9.480  ? 133 PHE AAA CA  1 ? 
ATOM   808  C  C   . PHE A 1 94  ? -2.424  -8.180  -0.861  1.000 9.661  ? 133 PHE AAA C   1 ? 
ATOM   809  O  O   . PHE A 1 94  ? -2.867  -8.859  -1.783  1.000 10.497 ? 133 PHE AAA O   1 ? 
ATOM   810  C  CB  . PHE A 1 94  ? 0.083   -7.915  -0.653  1.000 10.435 ? 133 PHE AAA CB  1 ? 
ATOM   811  C  CG  . PHE A 1 94  ? 1.328   -7.193  -1.047  1.000 10.389 ? 133 PHE AAA CG  1 ? 
ATOM   812  C  CD1 . PHE A 1 94  ? 1.559   -6.897  -2.362  1.000 11.788 ? 133 PHE AAA CD1 1 ? 
ATOM   813  C  CD2 . PHE A 1 94  ? 2.262   -6.792  -0.105  1.000 10.853 ? 133 PHE AAA CD2 1 ? 
ATOM   814  C  CE1 . PHE A 1 94  ? 2.690   -6.220  -2.768  1.000 12.238 ? 133 PHE AAA CE1 1 ? 
ATOM   815  C  CE2 . PHE A 1 94  ? 3.394   -6.107  -0.526  1.000 11.489 ? 133 PHE AAA CE2 1 ? 
ATOM   816  C  CZ  . PHE A 1 94  ? 3.588   -5.776  -1.844  1.000 12.687 ? 133 PHE AAA CZ  1 ? 
ATOM   817  N  N   . THR A 1 95  ? -2.883  -8.294  0.371   1.000 10.689 ? 134 THR AAA N   1 ? 
ATOM   818  C  CA  A THR A 1 95  ? -3.976  -9.186  0.684   0.500 12.119 ? 134 THR AAA CA  1 ? 
ATOM   819  C  CA  B THR A 1 95  ? -4.006  -9.126  0.751   0.500 10.126 ? 134 THR AAA CA  1 ? 
ATOM   820  C  C   . THR A 1 95  ? -5.231  -8.804  -0.106  1.000 11.192 ? 134 THR AAA C   1 ? 
ATOM   821  O  O   . THR A 1 95  ? -5.903  -9.707  -0.616  1.000 11.305 ? 134 THR AAA O   1 ? 
ATOM   822  C  CB  A THR A 1 95  ? -4.103  -9.406  2.188   0.500 14.597 ? 134 THR AAA CB  1 ? 
ATOM   823  C  CB  B THR A 1 95  ? -4.366  -8.974  2.228   0.500 9.523  ? 134 THR AAA CB  1 ? 
ATOM   824  O  OG1 A THR A 1 95  ? -4.362  -8.117  2.727   0.500 20.312 ? 134 THR AAA OG1 1 ? 
ATOM   825  O  OG1 B THR A 1 95  ? -3.272  -9.450  3.006   0.500 10.544 ? 134 THR AAA OG1 1 ? 
ATOM   826  C  CG2 A THR A 1 95  ? -2.868  -10.052 2.769   0.500 14.193 ? 134 THR AAA CG2 1 ? 
ATOM   827  C  CG2 B THR A 1 95  ? -5.503  -9.902  2.589   0.500 8.632  ? 134 THR AAA CG2 1 ? 
ATOM   828  N  N   . ASN A 1 96  ? -5.519  -7.518  -0.277  1.000 10.684 ? 135 ASN AAA N   1 ? 
ATOM   829  C  CA  . ASN A 1 96  ? -6.700  -7.134  -1.030  1.000 11.321 ? 135 ASN AAA CA  1 ? 
ATOM   830  C  C   . ASN A 1 96  ? -6.576  -7.649  -2.464  1.000 9.596  ? 135 ASN AAA C   1 ? 
ATOM   831  O  O   . ASN A 1 96  ? -7.566  -8.109  -3.025  1.000 10.681 ? 135 ASN AAA O   1 ? 
ATOM   832  C  CB  . ASN A 1 96  ? -6.853  -5.618  -1.074  1.000 12.004 ? 135 ASN AAA CB  1 ? 
ATOM   833  C  CG  . ASN A 1 96  ? -7.203  -4.944  0.252   1.000 12.382 ? 135 ASN AAA CG  1 ? 
ATOM   834  O  OD1 . ASN A 1 96  ? -7.719  -5.600  1.125   1.000 15.045 ? 135 ASN AAA OD1 1 ? 
ATOM   835  N  ND2 . ASN A 1 96  ? -6.822  -3.701  0.332   1.000 15.672 ? 135 ASN AAA ND2 1 ? 
ATOM   836  N  N   . CYS A 1 97  ? -5.379  -7.531  -3.016  1.000 9.489  ? 136 CYS AAA N   1 ? 
ATOM   837  C  CA  . CYS A 1 97  ? -5.153  -8.020  -4.395  1.000 9.457  ? 136 CYS AAA CA  1 ? 
ATOM   838  C  C   . CYS A 1 97  ? -5.451  -9.528  -4.518  1.000 9.349  ? 136 CYS AAA C   1 ? 
ATOM   839  O  O   . CYS A 1 97  ? -6.143  -9.957  -5.436  1.000 10.150 ? 136 CYS AAA O   1 ? 
ATOM   840  C  CB  . CYS A 1 97  ? -3.720  -7.670  -4.796  1.000 9.559  ? 136 CYS AAA CB  1 ? 
ATOM   841  S  SG  . CYS A 1 97  ? -3.387  -8.123  -6.506  1.000 12.063 ? 136 CYS AAA SG  1 ? 
ATOM   842  N  N   . TYR A 1 98  ? -4.932  -10.302 -3.554  1.000 9.280  ? 137 TYR AAA N   1 ? 
ATOM   843  C  CA  . TYR A 1 98  ? -5.087  -11.744 -3.563  1.000 10.302 ? 137 TYR AAA CA  1 ? 
ATOM   844  C  C   . TYR A 1 98  ? -6.538  -12.131 -3.277  1.000 10.948 ? 137 TYR AAA C   1 ? 
ATOM   845  O  O   . TYR A 1 98  ? -7.023  -13.088 -3.887  1.000 12.617 ? 137 TYR AAA O   1 ? 
ATOM   846  C  CB  . TYR A 1 98  ? -4.178  -12.387 -2.517  1.000 11.017 ? 137 TYR AAA CB  1 ? 
ATOM   847  C  CG  . TYR A 1 98  ? -2.714  -12.096 -2.746  1.000 10.792 ? 137 TYR AAA CG  1 ? 
ATOM   848  C  CD1 . TYR A 1 98  ? -2.186  -11.967 -4.024  1.000 11.514 ? 137 TYR AAA CD1 1 ? 
ATOM   849  C  CD2 . TYR A 1 98  ? -1.864  -11.888 -1.673  1.000 10.602 ? 137 TYR AAA CD2 1 ? 
ATOM   850  C  CE1 . TYR A 1 98  ? -0.846  -11.700 -4.228  1.000 12.236 ? 137 TYR AAA CE1 1 ? 
ATOM   851  C  CE2 . TYR A 1 98  ? -0.520  -11.664 -1.852  1.000 11.839 ? 137 TYR AAA CE2 1 ? 
ATOM   852  C  CZ  . TYR A 1 98  ? -0.012  -11.547 -3.133  1.000 11.971 ? 137 TYR AAA CZ  1 ? 
ATOM   853  O  OH  . TYR A 1 98  ? 1.312   -11.246 -3.336  1.000 13.543 ? 137 TYR AAA OH  1 ? 
ATOM   854  N  N   . ILE A 1 99  ? -7.296  -11.368 -2.485  1.000 10.178 ? 138 ILE AAA N   1 ? 
ATOM   855  C  CA  . ILE A 1 99  ? -8.696  -11.688 -2.202  1.000 10.952 ? 138 ILE AAA CA  1 ? 
ATOM   856  C  C   . ILE A 1 99  ? -9.523  -11.423 -3.447  1.000 11.568 ? 138 ILE AAA C   1 ? 
ATOM   857  O  O   . ILE A 1 99  ? -10.357 -12.250 -3.858  1.000 12.706 ? 138 ILE AAA O   1 ? 
ATOM   858  C  CB  . ILE A 1 99  ? -9.215  -10.817 -1.031  1.000 12.031 ? 138 ILE AAA CB  1 ? 
ATOM   859  C  CG1 . ILE A 1 99  ? -8.618  -11.346 0.274   1.000 13.269 ? 138 ILE AAA CG1 1 ? 
ATOM   860  C  CG2 . ILE A 1 99  ? -10.725 -10.905 -0.976  1.000 11.550 ? 138 ILE AAA CG2 1 ? 
ATOM   861  C  CD1 . ILE A 1 99  ? -8.885  -10.418 1.422   1.000 18.880 ? 138 ILE AAA CD1 1 ? 
ATOM   862  N  N   . TYR A 1 100 ? -9.359  -10.258 -4.062  1.000 11.158 ? 139 TYR AAA N   1 ? 
ATOM   863  C  CA  . TYR A 1 100 ? -10.260 -9.882  -5.143  1.000 11.599 ? 139 TYR AAA CA  1 ? 
ATOM   864  C  C   . TYR A 1 100 ? -9.992  -10.751 -6.375  1.000 11.011 ? 139 TYR AAA C   1 ? 
ATOM   865  O  O   . TYR A 1 100 ? -10.923 -11.059 -7.120  1.000 12.033 ? 139 TYR AAA O   1 ? 
ATOM   866  C  CB  . TYR A 1 100 ? -10.225 -8.371  -5.457  1.000 11.367 ? 139 TYR AAA CB  1 ? 
ATOM   867  C  CG  . TYR A 1 100 ? -11.318 -8.039  -6.440  1.000 10.872 ? 139 TYR AAA CG  1 ? 
ATOM   868  C  CD1 . TYR A 1 100 ? -12.622 -7.898  -5.984  1.000 12.284 ? 139 TYR AAA CD1 1 ? 
ATOM   869  C  CD2 . TYR A 1 100 ? -11.061 -7.879  -7.781  1.000 11.413 ? 139 TYR AAA CD2 1 ? 
ATOM   870  C  CE1 . TYR A 1 100 ? -13.674 -7.691  -6.865  1.000 11.657 ? 139 TYR AAA CE1 1 ? 
ATOM   871  C  CE2 . TYR A 1 100 ? -12.093 -7.634  -8.681  1.000 11.690 ? 139 TYR AAA CE2 1 ? 
ATOM   872  C  CZ  . TYR A 1 100 ? -13.397 -7.542  -8.216  1.000 12.042 ? 139 TYR AAA CZ  1 ? 
ATOM   873  O  OH  . TYR A 1 100 ? -14.377 -7.302  -9.141  1.000 13.151 ? 139 TYR AAA OH  1 ? 
ATOM   874  N  N   . ASN A 1 101 ? -8.724  -10.998 -6.689  1.000 10.996 ? 140 ASN AAA N   1 ? 
ATOM   875  C  CA  . ASN A 1 101 ? -8.351  -11.662 -7.933  1.000 11.813 ? 140 ASN AAA CA  1 ? 
ATOM   876  C  C   . ASN A 1 101 ? -8.113  -13.158 -7.732  1.000 13.218 ? 140 ASN AAA C   1 ? 
ATOM   877  O  O   . ASN A 1 101 ? -8.376  -13.699 -6.692  1.000 16.139 ? 140 ASN AAA O   1 ? 
ATOM   878  C  CB  . ASN A 1 101 ? -7.140  -10.918 -8.472  1.000 10.796 ? 140 ASN AAA CB  1 ? 
ATOM   879  C  CG  . ASN A 1 101 ? -7.452  -9.473  -8.734  1.000 11.487 ? 140 ASN AAA CG  1 ? 
ATOM   880  O  OD1 . ASN A 1 101 ? -8.132  -9.136  -9.691  1.000 12.436 ? 140 ASN AAA OD1 1 ? 
ATOM   881  N  ND2 . ASN A 1 101 ? -7.042  -8.610  -7.821  1.000 11.547 ? 140 ASN AAA ND2 1 ? 
ATOM   882  N  N   . LYS A 1 102 ? -7.717  -13.854 -8.808  1.000 15.812 ? 141 LYS AAA N   1 ? 
ATOM   883  C  CA  . LYS A 1 102 ? -7.545  -15.312 -8.833  1.000 16.118 ? 141 LYS AAA CA  1 ? 
ATOM   884  C  C   . LYS A 1 102 ? -6.048  -15.641 -8.871  1.000 14.906 ? 141 LYS AAA C   1 ? 
ATOM   885  O  O   . LYS A 1 102 ? -5.248  -14.937 -9.467  1.000 14.595 ? 141 LYS AAA O   1 ? 
ATOM   886  C  CB  . LYS A 1 102 ? -8.178  -15.892 -10.114 1.000 21.327 ? 141 LYS AAA CB  1 ? 
ATOM   887  C  CG  . LYS A 1 102 ? -9.651  -15.605 -10.320 1.000 29.173 ? 141 LYS AAA CG  1 ? 
ATOM   888  C  CD  . LYS A 1 102 ? -10.242 -16.400 -11.463 0.500 29.784 ? 141 LYS AAA CD  1 ? 
ATOM   889  C  CE  . LYS A 1 102 ? -11.665 -15.997 -11.774 0.500 35.544 ? 141 LYS AAA CE  1 ? 
ATOM   890  N  NZ  . LYS A 1 102 ? -11.737 -14.673 -12.443 1.000 43.440 ? 141 LYS AAA NZ  1 ? 
ATOM   891  N  N   . PRO A 1 103 ? -5.624  -16.826 -8.368  1.000 18.866 ? 142 PRO AAA N   1 ? 
ATOM   892  C  CA  . PRO A 1 103 ? -4.241  -17.276 -8.563  1.000 19.522 ? 142 PRO AAA CA  1 ? 
ATOM   893  C  C   . PRO A 1 103 ? -3.878  -17.246 -10.047 1.000 17.242 ? 142 PRO AAA C   1 ? 
ATOM   894  O  O   . PRO A 1 103 ? -4.682  -17.609 -10.906 1.000 19.262 ? 142 PRO AAA O   1 ? 
ATOM   895  C  CB  . PRO A 1 103 ? -4.213  -18.705 -7.980  1.000 21.025 ? 142 PRO AAA CB  1 ? 
ATOM   896  C  CG  . PRO A 1 103 ? -5.334  -18.673 -6.974  1.000 23.595 ? 142 PRO AAA CG  1 ? 
ATOM   897  C  CD  . PRO A 1 103 ? -6.411  -17.747 -7.527  1.000 20.360 ? 142 PRO AAA CD  1 ? 
ATOM   898  N  N   . GLY A 1 104 ? -2.699  -16.712 -10.343 1.000 17.419 ? 143 GLY AAA N   1 ? 
ATOM   899  C  CA  . GLY A 1 104 ? -2.247  -16.675 -11.721 1.000 18.213 ? 143 GLY AAA CA  1 ? 
ATOM   900  C  C   . GLY A 1 104 ? -2.791  -15.533 -12.572 1.000 17.975 ? 143 GLY AAA C   1 ? 
ATOM   901  O  O   . GLY A 1 104 ? -2.276  -15.330 -13.681 1.000 19.009 ? 143 GLY AAA O   1 ? 
ATOM   902  N  N   . ASP A 1 105 ? -3.728  -14.694 -12.060 1.000 15.110 ? 144 ASP AAA N   1 ? 
ATOM   903  C  CA  . ASP A 1 105 ? -4.107  -13.487 -12.793 1.000 14.137 ? 144 ASP AAA CA  1 ? 
ATOM   904  C  C   . ASP A 1 105 ? -2.885  -12.579 -12.896 1.000 12.540 ? 144 ASP AAA C   1 ? 
ATOM   905  O  O   . ASP A 1 105 ? -2.056  -12.575 -11.977 1.000 11.957 ? 144 ASP AAA O   1 ? 
ATOM   906  C  CB  . ASP A 1 105 ? -5.169  -12.703 -12.028 1.000 13.566 ? 144 ASP AAA CB  1 ? 
ATOM   907  C  CG  . ASP A 1 105 ? -6.581  -13.220 -12.158 1.000 16.358 ? 144 ASP AAA CG  1 ? 
ATOM   908  O  OD1 . ASP A 1 105 ? -6.824  -14.102 -13.021 1.000 19.635 ? 144 ASP AAA OD1 1 ? 
ATOM   909  O  OD2 . ASP A 1 105 ? -7.456  -12.736 -11.464 1.000 16.685 ? 144 ASP AAA OD2 1 ? 
ATOM   910  N  N   . ASP A 1 106 ? -2.785  -11.766 -13.957 1.000 12.000 ? 145 ASP AAA N   1 ? 
ATOM   911  C  CA  . ASP A 1 106 ? -1.633  -10.905 -14.134 1.000 11.918 ? 145 ASP AAA CA  1 ? 
ATOM   912  C  C   . ASP A 1 106 ? -1.420  -10.029 -12.876 1.000 10.835 ? 145 ASP AAA C   1 ? 
ATOM   913  O  O   . ASP A 1 106 ? -0.263  -9.882  -12.463 1.000 11.636 ? 145 ASP AAA O   1 ? 
ATOM   914  C  CB  . ASP A 1 106 ? -1.826  -10.014 -15.355 1.000 12.235 ? 145 ASP AAA CB  1 ? 
ATOM   915  C  CG  . ASP A 1 106 ? -1.537  -10.773 -16.640 1.000 13.221 ? 145 ASP AAA CG  1 ? 
ATOM   916  O  OD1 . ASP A 1 106 ? -0.783  -11.704 -16.628 1.000 14.795 ? 145 ASP AAA OD1 1 ? 
ATOM   917  O  OD2 . ASP A 1 106 ? -2.019  -10.253 -17.662 1.000 15.047 ? 145 ASP AAA OD2 1 ? 
ATOM   918  N  N   . ILE A 1 107 ? -2.489  -9.438  -12.326 1.000 10.699 ? 146 ILE AAA N   1 ? 
ATOM   919  C  CA  . ILE A 1 107 ? -2.229  -8.531  -11.219 1.000 10.863 ? 146 ILE AAA CA  1 ? 
ATOM   920  C  C   . ILE A 1 107 ? -1.699  -9.296  -10.008 1.000 11.335 ? 146 ILE AAA C   1 ? 
ATOM   921  O  O   . ILE A 1 107 ? -0.944  -8.732  -9.208  1.000 10.193 ? 146 ILE AAA O   1 ? 
ATOM   922  C  CB  . ILE A 1 107 ? -3.467  -7.687  -10.902 1.000 11.152 ? 146 ILE AAA CB  1 ? 
ATOM   923  C  CG1 . ILE A 1 107 ? -3.053  -6.495  -10.016 1.000 13.351 ? 146 ILE AAA CG1 1 ? 
ATOM   924  C  CG2 . ILE A 1 107 ? -4.559  -8.518  -10.290 1.000 11.706 ? 146 ILE AAA CG2 1 ? 
ATOM   925  C  CD1 . ILE A 1 107 ? -4.188  -5.521  -9.743  1.000 15.036 ? 146 ILE AAA CD1 1 ? 
ATOM   926  N  N   . VAL A 1 108 ? -2.124  -10.558 -9.825  1.000 10.318 ? 147 VAL AAA N   1 ? 
ATOM   927  C  CA  . VAL A 1 108 ? -1.608  -11.396 -8.744  1.000 10.742 ? 147 VAL AAA CA  1 ? 
ATOM   928  C  C   . VAL A 1 108 ? -0.145  -11.722 -8.954  1.000 11.064 ? 147 VAL AAA C   1 ? 
ATOM   929  O  O   . VAL A 1 108 ? 0.620   -11.660 -8.012  1.000 11.895 ? 147 VAL AAA O   1 ? 
ATOM   930  C  CB  . VAL A 1 108 ? -2.496  -12.635 -8.585  1.000 10.901 ? 147 VAL AAA CB  1 ? 
ATOM   931  C  CG1 . VAL A 1 108 ? -1.855  -13.655 -7.632  1.000 11.279 ? 147 VAL AAA CG1 1 ? 
ATOM   932  C  CG2 . VAL A 1 108 ? -3.920  -12.271 -8.167  1.000 11.306 ? 147 VAL AAA CG2 1 ? 
ATOM   933  N  N   . LEU A 1 109 ? 0.256   -12.088 -10.195 1.000 11.243 ? 148 LEU AAA N   1 ? 
ATOM   934  C  CA  . LEU A 1 109 ? 1.666   -12.308 -10.461 1.000 12.652 ? 148 LEU AAA CA  1 ? 
ATOM   935  C  C   . LEU A 1 109 ? 2.509   -11.082 -10.141 1.000 12.061 ? 148 LEU AAA C   1 ? 
ATOM   936  O  O   . LEU A 1 109 ? 3.641   -11.158 -9.658  1.000 12.384 ? 148 LEU AAA O   1 ? 
ATOM   937  C  CB  . LEU A 1 109 ? 1.829   -12.668 -11.942 1.000 12.975 ? 148 LEU AAA CB  1 ? 
ATOM   938  C  CG  . LEU A 1 109 ? 1.162   -13.977 -12.378 1.000 14.985 ? 148 LEU AAA CG  1 ? 
ATOM   939  C  CD1 . LEU A 1 109 ? 1.245   -14.187 -13.907 1.000 16.372 ? 148 LEU AAA CD1 1 ? 
ATOM   940  C  CD2 . LEU A 1 109 ? 1.708   -15.129 -11.584 1.000 18.510 ? 148 LEU AAA CD2 1 ? 
ATOM   941  N  N   . MET A 1 110 ? 1.954   -9.907  -10.518 1.000 10.973 ? 149 MET AAA N   1 ? 
ATOM   942  C  CA  . MET A 1 110 ? 2.643   -8.643  -10.204 1.000 10.954 ? 149 MET AAA CA  1 ? 
ATOM   943  C  C   . MET A 1 110 ? 2.780   -8.391  -8.694  1.000 9.984  ? 149 MET AAA C   1 ? 
ATOM   944  O  O   . MET A 1 110 ? 3.883   -8.094  -8.223  1.000 11.226 ? 149 MET AAA O   1 ? 
ATOM   945  C  CB  . MET A 1 110 ? 1.893   -7.500  -10.880 1.000 9.884  ? 149 MET AAA CB  1 ? 
ATOM   946  C  CG  . MET A 1 110 ? 1.873   -7.678  -12.435 1.000 11.847 ? 149 MET AAA CG  1 ? 
ATOM   947  S  SD  . MET A 1 110 ? 0.657   -6.622  -13.289 1.000 14.539 ? 149 MET AAA SD  1 ? 
ATOM   948  C  CE  . MET A 1 110 ? 1.780   -5.301  -13.294 1.000 14.009 ? 149 MET AAA CE  1 ? 
ATOM   949  N  N   . ALA A 1 111 ? 1.667   -8.581  -8.007  1.000 10.273 ? 150 ALA AAA N   1 ? 
ATOM   950  C  CA  . ALA A 1 111 ? 1.692   -8.410  -6.550  1.000 10.862 ? 150 ALA AAA CA  1 ? 
ATOM   951  C  C   . ALA A 1 111 ? 2.671   -9.407  -5.920  1.000 11.423 ? 150 ALA AAA C   1 ? 
ATOM   952  O  O   . ALA A 1 111 ? 3.418   -9.008  -5.016  1.000 12.047 ? 150 ALA AAA O   1 ? 
ATOM   953  C  CB  . ALA A 1 111 ? 0.300   -8.583  -5.999  1.000 10.709 ? 150 ALA AAA CB  1 ? 
ATOM   954  N  N   . GLU A 1 112 ? 2.760   -10.636 -6.416  1.000 10.702 ? 151 GLU AAA N   1 ? 
ATOM   955  C  CA  . GLU A 1 112 ? 3.672   -11.619 -5.804  1.000 12.151 ? 151 GLU AAA CA  1 ? 
ATOM   956  C  C   . GLU A 1 112 ? 5.109   -11.204 -5.992  1.000 11.949 ? 151 GLU AAA C   1 ? 
ATOM   957  O  O   . GLU A 1 112 ? 5.913   -11.364 -5.065  1.000 13.295 ? 151 GLU AAA O   1 ? 
ATOM   958  C  CB  . GLU A 1 112 ? 3.462   -12.984 -6.455  1.000 14.088 ? 151 GLU AAA CB  1 ? 
ATOM   959  C  CG  . GLU A 1 112 ? 2.200   -13.643 -5.975  1.000 16.955 ? 151 GLU AAA CG  1 ? 
ATOM   960  C  CD  . GLU A 1 112 ? 1.780   -14.897 -6.746  1.000 22.950 ? 151 GLU AAA CD  1 ? 
ATOM   961  O  OE1 . GLU A 1 112 ? 2.139   -15.036 -7.913  1.000 27.755 ? 151 GLU AAA OE1 1 ? 
ATOM   962  O  OE2 . GLU A 1 112 ? 1.047   -15.700 -6.186  1.000 32.516 ? 151 GLU AAA OE2 1 ? 
ATOM   963  N  N   . ALA A 1 113 ? 5.429   -10.631 -7.145  1.000 11.983 ? 152 ALA AAA N   1 ? 
ATOM   964  C  CA  . ALA A 1 113 ? 6.787   -10.172 -7.396  1.000 13.124 ? 152 ALA AAA CA  1 ? 
ATOM   965  C  C   . ALA A 1 113 ? 7.118   -9.018  -6.449  1.000 13.518 ? 152 ALA AAA C   1 ? 
ATOM   966  O  O   . ALA A 1 113 ? 8.183   -8.967  -5.839  1.000 13.337 ? 152 ALA AAA O   1 ? 
ATOM   967  C  CB  . ALA A 1 113 ? 6.933   -9.712  -8.842  1.000 14.627 ? 152 ALA AAA CB  1 ? 
ATOM   968  N  N   . LEU A 1 114 ? 6.205   -8.032  -6.336  1.000 12.233 ? 153 LEU AAA N   1 ? 
ATOM   969  C  CA  . LEU A 1 114 ? 6.429   -6.917  -5.428  1.000 12.321 ? 153 LEU AAA CA  1 ? 
ATOM   970  C  C   . LEU A 1 114 ? 6.547   -7.395  -3.987  1.000 11.211 ? 153 LEU AAA C   1 ? 
ATOM   971  O  O   . LEU A 1 114 ? 7.321   -6.792  -3.222  1.000 11.952 ? 153 LEU AAA O   1 ? 
ATOM   972  C  CB  . LEU A 1 114 ? 5.291   -5.896  -5.582  1.000 11.853 ? 153 LEU AAA CB  1 ? 
ATOM   973  C  CG  . LEU A 1 114 ? 5.191   -5.225  -6.947  1.000 14.054 ? 153 LEU AAA CG  1 ? 
ATOM   974  C  CD1 . LEU A 1 114 ? 3.942   -4.368  -6.979  1.000 17.841 ? 153 LEU AAA CD1 1 ? 
ATOM   975  C  CD2 . LEU A 1 114 ? 6.426   -4.378  -7.185  1.000 16.704 ? 153 LEU AAA CD2 1 ? 
ATOM   976  N  N   . GLU A 1 115 ? 5.667   -8.323  -3.593  1.000 11.379 ? 154 GLU AAA N   1 ? 
ATOM   977  C  CA  . GLU A 1 115 ? 5.635   -8.753  -2.198  1.000 11.423 ? 154 GLU AAA CA  1 ? 
ATOM   978  C  C   . GLU A 1 115 ? 6.943   -9.467  -1.858  1.000 11.440 ? 154 GLU AAA C   1 ? 
ATOM   979  O  O   . GLU A 1 115 ? 7.425   -9.350  -0.740  1.000 11.880 ? 154 GLU AAA O   1 ? 
ATOM   980  C  CB  . GLU A 1 115 ? 4.457   -9.669  -1.979  1.000 12.089 ? 154 GLU AAA CB  1 ? 
ATOM   981  C  CG  . GLU A 1 115 ? 4.334   -10.021 -0.509  1.000 12.712 ? 154 GLU AAA CG  1 ? 
ATOM   982  C  CD  . GLU A 1 115 ? 3.152   -10.897 -0.207  1.000 16.653 ? 154 GLU AAA CD  1 ? 
ATOM   983  O  OE1 . GLU A 1 115 ? 2.736   -11.673 -1.086  1.000 16.909 ? 154 GLU AAA OE1 1 ? 
ATOM   984  O  OE2 . GLU A 1 115 ? 2.708   -10.854 0.998   1.000 24.833 ? 154 GLU AAA OE2 1 ? 
ATOM   985  N  N   . LYS A 1 116 ? 7.491   -10.257 -2.766  1.000 11.674 ? 155 LYS AAA N   1 ? 
ATOM   986  C  CA  . LYS A 1 116 ? 8.793   -10.891 -2.521  1.000 13.711 ? 155 LYS AAA CA  1 ? 
ATOM   987  C  C   . LYS A 1 116 ? 9.864   -9.847  -2.250  1.000 12.422 ? 155 LYS AAA C   1 ? 
ATOM   988  O  O   . LYS A 1 116 ? 10.664  -9.972  -1.294  1.000 13.240 ? 155 LYS AAA O   1 ? 
ATOM   989  C  CB  . LYS A 1 116 ? 9.200   -11.779 -3.704  1.000 15.543 ? 155 LYS AAA CB  1 ? 
ATOM   990  C  CG  . LYS A 1 116 ? 10.630  -12.318 -3.618  1.000 19.811 ? 155 LYS AAA CG  1 ? 
ATOM   991  C  CD  . LYS A 1 116 ? 10.928  -13.393 -4.650  1.000 23.818 ? 155 LYS AAA CD  1 ? 
ATOM   992  C  CE  . LYS A 1 116 ? 12.409  -13.735 -4.583  1.000 26.709 ? 155 LYS AAA CE  1 ? 
ATOM   993  N  NZ  . LYS A 1 116 ? 12.865  -14.634 -5.674  1.000 34.424 ? 155 LYS AAA NZ  1 ? 
ATOM   994  N  N   . LEU A 1 117 ? 9.919   -8.798  -3.077  1.000 11.855 ? 156 LEU AAA N   1 ? 
ATOM   995  C  CA  . LEU A 1 117 ? 10.835  -7.689  -2.894  1.000 12.207 ? 156 LEU AAA CA  1 ? 
ATOM   996  C  C   . LEU A 1 117 ? 10.591  -6.958  -1.582  1.000 11.712 ? 156 LEU AAA C   1 ? 
ATOM   997  O  O   . LEU A 1 117 ? 11.535  -6.656  -0.844  1.000 12.047 ? 156 LEU AAA O   1 ? 
ATOM   998  C  CB  . LEU A 1 117 ? 10.700  -6.761  -4.109  1.000 15.489 ? 156 LEU AAA CB  1 ? 
ATOM   999  C  CG  . LEU A 1 117 ? 11.759  -5.683  -4.205  1.000 18.378 ? 156 LEU AAA CG  1 ? 
ATOM   1000 C  CD1 . LEU A 1 117 ? 13.174  -6.275  -4.124  1.000 22.065 ? 156 LEU AAA CD1 1 ? 
ATOM   1001 C  CD2 . LEU A 1 117 ? 11.597  -4.996  -5.548  1.000 20.259 ? 156 LEU AAA CD2 1 ? 
ATOM   1002 N  N   . PHE A 1 118 ? 9.308   -6.763  -1.258  1.000 11.878 ? 157 PHE AAA N   1 ? 
ATOM   1003 C  CA  . PHE A 1 118 ? 8.958   -6.141  0.020   1.000 10.808 ? 157 PHE AAA CA  1 ? 
ATOM   1004 C  C   . PHE A 1 118 ? 9.464   -6.988  1.198   1.000 11.191 ? 157 PHE AAA C   1 ? 
ATOM   1005 O  O   . PHE A 1 118 ? 10.058  -6.409  2.134   1.000 11.665 ? 157 PHE AAA O   1 ? 
ATOM   1006 C  CB  . PHE A 1 118 ? 7.417   -6.044  0.077   1.000 11.475 ? 157 PHE AAA CB  1 ? 
ATOM   1007 C  CG  . PHE A 1 118 ? 6.877   -5.516  1.389   1.000 11.724 ? 157 PHE AAA CG  1 ? 
ATOM   1008 C  CD1 . PHE A 1 118 ? 7.097   -4.226  1.790   1.000 13.225 ? 157 PHE AAA CD1 1 ? 
ATOM   1009 C  CD2 . PHE A 1 118 ? 6.167   -6.357  2.231   1.000 13.441 ? 157 PHE AAA CD2 1 ? 
ATOM   1010 C  CE1 . PHE A 1 118 ? 6.599   -3.740  3.002   1.000 13.770 ? 157 PHE AAA CE1 1 ? 
ATOM   1011 C  CE2 . PHE A 1 118 ? 5.654   -5.870  3.445   1.000 15.080 ? 157 PHE AAA CE2 1 ? 
ATOM   1012 C  CZ  . PHE A 1 118 ? 5.917   -4.596  3.829   1.000 14.820 ? 157 PHE AAA CZ  1 ? 
ATOM   1013 N  N   . LEU A 1 119 ? 9.259   -8.295  1.146   1.000 11.995 ? 158 LEU AAA N   1 ? 
ATOM   1014 C  CA  . LEU A 1 119 ? 9.716   -9.158  2.227   1.000 12.399 ? 158 LEU AAA CA  1 ? 
ATOM   1015 C  C   . LEU A 1 119 ? 11.239  -9.089  2.348   1.000 12.368 ? 158 LEU AAA C   1 ? 
ATOM   1016 O  O   . LEU A 1 119 ? 11.765  -9.004  3.501   1.000 13.295 ? 158 LEU AAA O   1 ? 
ATOM   1017 C  CB  . LEU A 1 119 ? 9.322   -10.586 1.889   1.000 15.572 ? 158 LEU AAA CB  1 ? 
ATOM   1018 C  CG  . LEU A 1 119 ? 9.875   -11.647 2.843   1.000 18.154 ? 158 LEU AAA CG  1 ? 
ATOM   1019 C  CD1 . LEU A 1 119 ? 9.525   -11.299 4.275   1.000 21.852 ? 158 LEU AAA CD1 1 ? 
ATOM   1020 C  CD2 . LEU A 1 119 ? 9.343   -13.031 2.489   1.000 23.214 ? 158 LEU AAA CD2 1 ? 
ATOM   1021 N  N   . GLN A 1 120 ? 11.966  -9.048  1.232   1.000 12.470 ? 159 GLN AAA N   1 ? 
ATOM   1022 C  CA  . GLN A 1 120 ? 13.424  -8.966  1.352   1.000 12.857 ? 159 GLN AAA CA  1 ? 
ATOM   1023 C  C   . GLN A 1 120 ? 13.785  -7.666  2.034   1.000 14.294 ? 159 GLN AAA C   1 ? 
ATOM   1024 O  O   . GLN A 1 120 ? 14.691  -7.643  2.893   1.000 15.237 ? 159 GLN AAA O   1 ? 
ATOM   1025 C  CB  . GLN A 1 120 ? 14.038  -9.067  -0.038  1.000 14.866 ? 159 GLN AAA CB  1 ? 
ATOM   1026 C  CG  . GLN A 1 120 ? 13.836  -10.453 -0.603  1.000 20.574 ? 159 GLN AAA CG  1 ? 
ATOM   1027 C  CD  . GLN A 1 120 ? 14.217  -10.600 -2.049  0.500 20.646 ? 159 GLN AAA CD  1 ? 
ATOM   1028 O  OE1 . GLN A 1 120 ? 13.860  -9.798  -2.903  0.500 21.833 ? 159 GLN AAA OE1 1 ? 
ATOM   1029 N  NE2 . GLN A 1 120 ? 14.962  -11.655 -2.329  0.500 22.827 ? 159 GLN AAA NE2 1 ? 
ATOM   1030 N  N   . LYS A 1 121 ? 13.120  -6.574  1.657   1.000 12.881 ? 160 LYS AAA N   1 ? 
ATOM   1031 C  CA  . LYS A 1 121 ? 13.438  -5.293  2.273   1.000 13.551 ? 160 LYS AAA CA  1 ? 
ATOM   1032 C  C   . LYS A 1 121 ? 13.078  -5.279  3.747   1.000 13.771 ? 160 LYS AAA C   1 ? 
ATOM   1033 O  O   . LYS A 1 121 ? 13.803  -4.664  4.565   1.000 15.306 ? 160 LYS AAA O   1 ? 
ATOM   1034 C  CB  . LYS A 1 121 ? 12.747  -4.145  1.518   1.000 15.807 ? 160 LYS AAA CB  1 ? 
ATOM   1035 C  CG  . LYS A 1 121 ? 13.259  -3.917  0.106   1.000 17.887 ? 160 LYS AAA CG  1 ? 
ATOM   1036 C  CD  . LYS A 1 121 ? 14.748  -3.782  0.107   1.000 24.018 ? 160 LYS AAA CD  1 ? 
ATOM   1037 C  CE  . LYS A 1 121 ? 15.298  -3.144  -1.140  1.000 22.444 ? 160 LYS AAA CE  1 ? 
ATOM   1038 N  NZ  . LYS A 1 121 ? 16.776  -3.172  -1.002  1.000 25.817 ? 160 LYS AAA NZ  1 ? 
ATOM   1039 N  N   . ILE A 1 122 ? 11.969  -5.887  4.120   1.000 12.542 ? 161 ILE AAA N   1 ? 
ATOM   1040 C  CA  . ILE A 1 122 ? 11.610  -5.903  5.538   1.000 14.035 ? 161 ILE AAA CA  1 ? 
ATOM   1041 C  C   . ILE A 1 122 ? 12.542  -6.778  6.378   1.000 12.975 ? 161 ILE AAA C   1 ? 
ATOM   1042 O  O   . ILE A 1 122 ? 12.848  -6.435  7.540   1.000 13.783 ? 161 ILE AAA O   1 ? 
ATOM   1043 C  CB  . ILE A 1 122 ? 10.115  -6.245  5.773   1.000 16.145 ? 161 ILE AAA CB  1 ? 
ATOM   1044 C  CG1 . ILE A 1 122 ? 9.193   -5.206  5.134   1.000 18.469 ? 161 ILE AAA CG1 1 ? 
ATOM   1045 C  CG2 . ILE A 1 122 ? 9.819   -6.486  7.270   1.000 21.762 ? 161 ILE AAA CG2 1 ? 
ATOM   1046 C  CD1 . ILE A 1 122 ? 9.474   -3.821  5.623   1.000 19.324 ? 161 ILE AAA CD1 1 ? 
ATOM   1047 N  N   . ASN A 1 123 ? 13.061  -7.846  5.762   1.000 12.631 ? 162 ASN AAA N   1 ? 
ATOM   1048 C  CA  . ASN A 1 123 ? 14.061  -8.634  6.460   1.000 14.150 ? 162 ASN AAA CA  1 ? 
ATOM   1049 C  C   . ASN A 1 123 ? 15.284  -7.785  6.819   1.000 13.796 ? 162 ASN AAA C   1 ? 
ATOM   1050 O  O   . ASN A 1 123 ? 16.014  -8.183  7.763   1.000 15.029 ? 162 ASN AAA O   1 ? 
ATOM   1051 C  CB  . ASN A 1 123 ? 14.407  -9.874  5.636   1.000 14.659 ? 162 ASN AAA CB  1 ? 
ATOM   1052 C  CG  . ASN A 1 123 ? 13.283  -10.888 5.614   1.000 14.978 ? 162 ASN AAA CG  1 ? 
ATOM   1053 O  OD1 . ASN A 1 123 ? 12.345  -10.853 6.402   1.000 18.220 ? 162 ASN AAA OD1 1 ? 
ATOM   1054 N  ND2 . ASN A 1 123 ? 13.381  -11.854 4.699   1.000 17.940 ? 162 ASN AAA ND2 1 ? 
ATOM   1055 N  N   . GLU A 1 124 ? 15.542  -6.671  6.103   1.000 12.807 ? 163 GLU AAA N   1 ? 
ATOM   1056 C  CA  . GLU A 1 124 ? 16.671  -5.792  6.348   1.000 15.501 ? 163 GLU AAA CA  1 ? 
ATOM   1057 C  C   . GLU A 1 124 ? 16.315  -4.548  7.142   1.000 14.331 ? 163 GLU AAA C   1 ? 
ATOM   1058 O  O   . GLU A 1 124 ? 17.166  -3.699  7.367   1.000 16.478 ? 163 GLU AAA O   1 ? 
ATOM   1059 C  CB  . GLU A 1 124 ? 17.333  -5.377  5.032   1.000 17.181 ? 163 GLU AAA CB  1 ? 
ATOM   1060 C  CG  . GLU A 1 124 ? 17.788  -6.614  4.245   1.000 19.608 ? 163 GLU AAA CG  1 ? 
ATOM   1061 C  CD  . GLU A 1 124 ? 18.320  -6.231  2.871   1.000 22.966 ? 163 GLU AAA CD  1 ? 
ATOM   1062 O  OE1 . GLU A 1 124 ? 18.900  -5.123  2.745   1.000 24.431 ? 163 GLU AAA OE1 1 ? 
ATOM   1063 O  OE2 . GLU A 1 124 ? 18.170  -7.047  1.909   1.000 25.392 ? 163 GLU AAA OE2 1 ? 
ATOM   1064 N  N   . LEU A 1 125 ? 15.064  -4.455  7.565   1.000 12.509 ? 164 LEU AAA N   1 ? 
ATOM   1065 C  CA  . LEU A 1 125 ? 14.631  -3.298  8.327   1.000 13.741 ? 164 LEU AAA CA  1 ? 
ATOM   1066 C  C   . LEU A 1 125 ? 15.541  -3.147  9.534   1.000 13.633 ? 164 LEU AAA C   1 ? 
ATOM   1067 O  O   . LEU A 1 125 ? 15.650  -4.077  10.341  1.000 13.553 ? 164 LEU AAA O   1 ? 
ATOM   1068 C  CB  . LEU A 1 125 ? 13.182  -3.511  8.765   1.000 13.632 ? 164 LEU AAA CB  1 ? 
ATOM   1069 C  CG  . LEU A 1 125 ? 12.562  -2.352  9.557   1.000 14.669 ? 164 LEU AAA CG  1 ? 
ATOM   1070 C  CD1 . LEU A 1 125 ? 12.233  -1.215  8.610   1.000 16.709 ? 164 LEU AAA CD1 1 ? 
ATOM   1071 C  CD2 . LEU A 1 125 ? 11.291  -2.830  10.243  1.000 17.189 ? 164 LEU AAA CD2 1 ? 
ATOM   1072 N  N   . PRO A 1 126 ? 16.110  -1.950  9.773   1.000 13.949 ? 165 PRO AAA N   1 ? 
ATOM   1073 C  CA  . PRO A 1 126 ? 17.008  -1.796  10.919  1.000 17.396 ? 165 PRO AAA CA  1 ? 
ATOM   1074 C  C   . PRO A 1 126 ? 16.286  -1.780  12.246  1.000 15.380 ? 165 PRO AAA C   1 ? 
ATOM   1075 O  O   . PRO A 1 126 ? 15.094  -1.520  12.337  1.000 16.554 ? 165 PRO AAA O   1 ? 
ATOM   1076 C  CB  . PRO A 1 126 ? 17.621  -0.411  10.684  1.000 18.285 ? 165 PRO AAA CB  1 ? 
ATOM   1077 C  CG  . PRO A 1 126 ? 16.588  0.313   9.824   1.000 19.355 ? 165 PRO AAA CG  1 ? 
ATOM   1078 C  CD  . PRO A 1 126 ? 16.040  -0.761  8.897   1.000 17.432 ? 165 PRO AAA CD  1 ? 
ATOM   1079 N  N   . THR A 1 127 ? 17.020  -2.134  13.320  1.000 18.847 ? 166 THR AAA N   1 ? 
ATOM   1080 C  CA  . THR A 1 127 ? 16.446  -1.940  14.643  1.000 21.348 ? 166 THR AAA CA  1 ? 
ATOM   1081 C  C   . THR A 1 127 ? 16.110  -0.464  14.882  1.000 19.472 ? 166 THR AAA C   1 ? 
ATOM   1082 O  O   . THR A 1 127 ? 16.833  0.391   14.384  1.000 20.573 ? 166 THR AAA O   1 ? 
ATOM   1083 C  CB  . THR A 1 127 ? 17.407  -2.387  15.759  1.000 25.266 ? 166 THR AAA CB  1 ? 
ATOM   1084 O  OG1 . THR A 1 127 ? 17.638  -3.786  15.563  1.000 28.255 ? 166 THR AAA OG1 1 ? 
ATOM   1085 C  CG2 . THR A 1 127 ? 16.840  -2.144  17.134  1.000 27.020 ? 166 THR AAA CG2 1 ? 
ATOM   1086 N  N   . GLU A 1 128 ? 14.994  -0.234  15.579  1.000 21.001 ? 167 GLU AAA N   1 ? 
ATOM   1087 C  CA  . GLU A 1 128 ? 14.544  1.129   15.852  1.000 24.395 ? 167 GLU AAA CA  1 ? 
ATOM   1088 C  C   . GLU A 1 128 ? 15.584  1.816   16.747  1.000 26.206 ? 167 GLU AAA C   1 ? 
ATOM   1089 O  O   . GLU A 1 128 ? 15.954  1.265   17.779  1.000 29.501 ? 167 GLU AAA O   1 ? 
ATOM   1090 C  CB  . GLU A 1 128 ? 13.116  1.133   16.397  1.000 23.903 ? 167 GLU AAA CB  1 ? 
ATOM   1091 C  CG  . GLU A 1 128 ? 12.456  2.509   16.476  1.000 25.089 ? 167 GLU AAA CG  1 ? 
ATOM   1092 C  CD  . GLU A 1 128 ? 11.135  2.467   17.229  1.000 27.068 ? 167 GLU AAA CD  1 ? 
ATOM   1093 O  OE1 . GLU A 1 128 ? 11.204  2.225   18.455  1.000 34.782 ? 167 GLU AAA OE1 1 ? 
ATOM   1094 O  OE2 . GLU A 1 128 ? 10.029  2.591   16.605  1.000 25.325 ? 167 GLU AAA OE2 1 ? 
ATOM   1095 N  N   . GLU A 1 129 ? 16.165  2.937   16.299  1.000 29.691 ? 168 GLU AAA N   1 ? 
ATOM   1096 C  CA  . GLU A 1 129 ? 17.231  3.552   17.080  1.000 35.951 ? 168 GLU AAA CA  1 ? 
ATOM   1097 C  C   . GLU A 1 129 ? 16.738  4.902   17.598  1.000 43.593 ? 168 GLU AAA C   1 ? 
ATOM   1098 O  O   . GLU A 1 129 ? 15.802  5.465   17.037  1.000 46.355 ? 168 GLU AAA O   1 ? 
ATOM   1099 C  CB  . GLU A 1 129 ? 18.514  3.683   16.257  1.000 42.885 ? 168 GLU AAA CB  1 ? 
ATOM   1100 C  CG  . GLU A 1 129 ? 18.464  4.839   15.275  1.000 47.892 ? 168 GLU AAA CG  1 ? 
ATOM   1101 C  CD  . GLU A 1 129 ? 19.569  4.860   14.235  1.000 55.650 ? 168 GLU AAA CD  1 ? 
ATOM   1102 O  OE1 . GLU A 1 129 ? 20.430  3.956   14.264  1.000 56.468 ? 168 GLU AAA OE1 1 ? 
ATOM   1103 O  OE2 . GLU A 1 129 ? 19.554  5.775   13.382  1.000 57.385 ? 168 GLU AAA OE2 1 ? 
ATOM   1104 O  OXT . GLU A 1 129 ? 17.260  5.435   18.579  1.000 47.115 ? 168 GLU AAA OXT 1 ? 
HETATM 1105 C  C1  . GOL B 2 .   ? -9.025  -7.347  3.444   1.000 31.723 ? 201 GOL AAA C1  1 ? 
HETATM 1106 O  O1  . GOL B 2 .   ? -8.289  -7.424  2.226   1.000 35.688 ? 201 GOL AAA O1  1 ? 
HETATM 1107 C  C2  . GOL B 2 .   ? -10.338 -6.627  3.250   1.000 22.562 ? 201 GOL AAA C2  1 ? 
HETATM 1108 O  O2  . GOL B 2 .   ? -10.266 -5.560  2.297   1.000 16.669 ? 201 GOL AAA O2  1 ? 
HETATM 1109 C  C3  . GOL B 2 .   ? -11.503 -7.513  2.898   1.000 23.244 ? 201 GOL AAA C3  1 ? 
HETATM 1110 O  O3  . GOL B 2 .   ? -12.736 -6.814  3.103   1.000 21.744 ? 201 GOL AAA O3  1 ? 
HETATM 1111 C  C1  . GOL C 2 .   ? 9.076   2.065   20.948  1.000 23.080 ? 202 GOL AAA C1  1 ? 
HETATM 1112 O  O1  . GOL C 2 .   ? 9.300   2.957   19.854  1.000 23.886 ? 202 GOL AAA O1  1 ? 
HETATM 1113 C  C2  . GOL C 2 .   ? 9.317   2.767   22.277  1.000 22.631 ? 202 GOL AAA C2  1 ? 
HETATM 1114 O  O2  . GOL C 2 .   ? 8.483   3.924   22.362  1.000 17.117 ? 202 GOL AAA O2  1 ? 
HETATM 1115 C  C3  . GOL C 2 .   ? 10.738  3.218   22.527  1.000 28.921 ? 202 GOL AAA C3  1 ? 
HETATM 1116 O  O3  . GOL C 2 .   ? 11.598  2.178   22.999  1.000 30.666 ? 202 GOL AAA O3  1 ? 
HETATM 1117 C  C4  . IJO D 3 .   ? -7.162  -4.882  -8.197  1.000 43.895 ? 203 IJO AAA C4  1 ? 
HETATM 1118 C  C5  . IJO D 3 .   ? -6.897  -3.721  -8.922  1.000 43.058 ? 203 IJO AAA C5  1 ? 
HETATM 1119 C  C6  . IJO D 3 .   ? -7.369  -3.633  -10.216 1.000 41.006 ? 203 IJO AAA C6  1 ? 
HETATM 1120 N  N1  . IJO D 3 .   ? -8.072  -4.630  -10.806 1.000 42.612 ? 203 IJO AAA N1  1 ? 
HETATM 1121 C  C3  . IJO D 3 .   ? -7.889  -5.894  -8.762  1.000 34.902 ? 203 IJO AAA C3  1 ? 
HETATM 1122 C  C1  . IJO D 3 .   ? -8.921  -6.792  -12.140 1.000 45.122 ? 203 IJO AAA C1  1 ? 
HETATM 1123 O  O1  . IJO D 3 .   ? -8.993  -6.713  -10.706 1.000 34.680 ? 203 IJO AAA O1  1 ? 
HETATM 1124 C  C2  . IJO D 3 .   ? -8.320  -5.721  -10.095 1.000 37.952 ? 203 IJO AAA C2  1 ? 
HETATM 1125 BR BR1 . IJO D 3 .   ? -6.539  -5.063  -6.408  1.000 34.772 ? 203 IJO AAA BR1 1 ? 
HETATM 1126 O  O   . HOH E 4 .   ? -23.096 -9.186  -4.988  1.000 44.681 ? 301 HOH AAA O   1 ? 
HETATM 1127 O  O   . HOH E 4 .   ? -9.049  -14.232 -4.612  1.000 11.263 ? 302 HOH AAA O   1 ? 
HETATM 1128 O  O   . HOH E 4 .   ? 14.560  6.279   15.194  1.000 27.189 ? 303 HOH AAA O   1 ? 
HETATM 1129 O  O   . HOH E 4 .   ? 4.411   -15.601 -8.763  1.000 36.854 ? 304 HOH AAA O   1 ? 
HETATM 1130 O  O   . HOH E 4 .   ? -5.449  -2.816  -2.430  1.000 24.800 ? 305 HOH AAA O   1 ? 
HETATM 1131 O  O   . HOH E 4 .   ? -17.267 1.595   -6.878  1.000 26.310 ? 306 HOH AAA O   1 ? 
HETATM 1132 O  O   . HOH E 4 .   ? -0.155  -13.408 -18.522 1.000 13.908 ? 307 HOH AAA O   1 ? 
HETATM 1133 O  O   . HOH E 4 .   ? 20.546  -4.625  0.760   1.000 25.527 ? 308 HOH AAA O   1 ? 
HETATM 1134 O  O   . HOH E 4 .   ? -15.838 -10.616 -7.988  1.000 21.954 ? 309 HOH AAA O   1 ? 
HETATM 1135 O  O   . HOH E 4 .   ? 2.784   10.548  -4.971  1.000 45.471 ? 310 HOH AAA O   1 ? 
HETATM 1136 O  O   . HOH E 4 .   ? -9.650  7.307   -12.390 1.000 31.281 ? 311 HOH AAA O   1 ? 
HETATM 1137 O  O   . HOH E 4 .   ? -5.433  17.611  19.145  1.000 22.045 ? 312 HOH AAA O   1 ? 
HETATM 1138 O  O   . HOH E 4 .   ? -18.074 -6.502  -10.439 1.000 26.735 ? 313 HOH AAA O   1 ? 
HETATM 1139 O  O   . HOH E 4 .   ? -7.747  -1.827  -2.777  1.000 16.977 ? 314 HOH AAA O   1 ? 
HETATM 1140 O  O   . HOH E 4 .   ? 17.446  -2.950  2.069   1.000 23.636 ? 315 HOH AAA O   1 ? 
HETATM 1141 O  O   . HOH E 4 .   ? -2.322  14.383  2.486   1.000 43.686 ? 316 HOH AAA O   1 ? 
HETATM 1142 O  O   . HOH E 4 .   ? -0.478  17.311  16.175  1.000 32.813 ? 317 HOH AAA O   1 ? 
HETATM 1143 O  O   . HOH E 4 .   ? -19.565 -10.197 -6.157  1.000 25.907 ? 318 HOH AAA O   1 ? 
HETATM 1144 O  O   . HOH E 4 .   ? 20.596  -7.790  0.944   1.000 21.514 ? 319 HOH AAA O   1 ? 
HETATM 1145 O  O   . HOH E 4 .   ? -11.431 -3.864  -15.554 1.000 32.890 ? 320 HOH AAA O   1 ? 
HETATM 1146 O  O   . HOH E 4 .   ? -7.457  6.129   -8.591  1.000 28.250 ? 321 HOH AAA O   1 ? 
HETATM 1147 O  O   . HOH E 4 .   ? -0.275  7.391   15.852  1.000 14.085 ? 322 HOH AAA O   1 ? 
HETATM 1148 O  O   . HOH E 4 .   ? -5.413  -1.000  -9.995  1.000 22.185 ? 323 HOH AAA O   1 ? 
HETATM 1149 O  O   . HOH E 4 .   ? -4.303  -0.040  -6.357  1.000 17.511 ? 324 HOH AAA O   1 ? 
HETATM 1150 O  O   . HOH E 4 .   ? -26.364 7.135   -7.265  1.000 18.485 ? 325 HOH AAA O   1 ? 
HETATM 1151 O  O   . HOH E 4 .   ? 0.051   4.577   -12.067 1.000 28.676 ? 326 HOH AAA O   1 ? 
HETATM 1152 O  O   . HOH E 4 .   ? 5.435   -13.177 -10.131 1.000 24.662 ? 327 HOH AAA O   1 ? 
HETATM 1153 O  O   . HOH E 4 .   ? -10.956 3.949   0.647   1.000 15.887 ? 328 HOH AAA O   1 ? 
HETATM 1154 O  O   . HOH E 4 .   ? 10.945  5.282   -6.532  1.000 32.814 ? 329 HOH AAA O   1 ? 
HETATM 1155 O  O   . HOH E 4 .   ? 5.421   -1.261  -16.562 1.000 26.502 ? 330 HOH AAA O   1 ? 
HETATM 1156 O  O   . HOH E 4 .   ? -3.799  -1.340  6.622   1.000 22.218 ? 331 HOH AAA O   1 ? 
HETATM 1157 O  O   . HOH E 4 .   ? -14.924 2.506   -18.071 1.000 38.194 ? 332 HOH AAA O   1 ? 
HETATM 1158 O  O   . HOH E 4 .   ? 11.286  -0.403  22.054  1.000 29.813 ? 333 HOH AAA O   1 ? 
HETATM 1159 O  O   . HOH E 4 .   ? 9.035   -1.959  13.747  1.000 37.646 ? 334 HOH AAA O   1 ? 
HETATM 1160 O  O   . HOH E 4 .   ? 9.437   2.500   13.892  1.000 17.723 ? 335 HOH AAA O   1 ? 
HETATM 1161 O  O   . HOH E 4 .   ? -5.410  8.150   0.131   1.000 21.403 ? 336 HOH AAA O   1 ? 
HETATM 1162 O  O   . HOH E 4 .   ? 15.669  -11.952 3.119   1.000 42.089 ? 337 HOH AAA O   1 ? 
HETATM 1163 O  O   . HOH E 4 .   ? -11.374 4.929   -5.968  1.000 19.835 ? 338 HOH AAA O   1 ? 
HETATM 1164 O  O   . HOH E 4 .   ? -6.382  11.051  2.025   1.000 31.989 ? 339 HOH AAA O   1 ? 
HETATM 1165 O  O   . HOH E 4 .   ? -18.705 1.345   -14.363 1.000 40.164 ? 340 HOH AAA O   1 ? 
HETATM 1166 O  O   . HOH E 4 .   ? -4.702  -12.171 -15.943 1.000 23.652 ? 341 HOH AAA O   1 ? 
HETATM 1167 O  O   . HOH E 4 .   ? -6.699  8.980   12.789  1.000 28.841 ? 342 HOH AAA O   1 ? 
HETATM 1168 O  O   . HOH E 4 .   ? 19.764  -2.714  7.688   1.000 44.400 ? 343 HOH AAA O   1 ? 
HETATM 1169 O  O   . HOH E 4 .   ? -1.798  7.951   -6.125  1.000 28.560 ? 344 HOH AAA O   1 ? 
HETATM 1170 O  O   . HOH E 4 .   ? -21.198 -4.065  1.068   1.000 29.643 ? 345 HOH AAA O   1 ? 
HETATM 1171 O  O   . HOH E 4 .   ? 19.015  3.072   10.922  1.000 38.861 ? 346 HOH AAA O   1 ? 
HETATM 1172 O  O   . HOH E 4 .   ? 6.150   3.707   20.784  1.000 16.172 ? 347 HOH AAA O   1 ? 
HETATM 1173 O  O   . HOH E 4 .   ? 6.201   4.585   -11.839 1.000 43.523 ? 348 HOH AAA O   1 ? 
HETATM 1174 O  O   . HOH E 4 .   ? 4.024   -9.559  3.208   1.000 36.400 ? 349 HOH AAA O   1 ? 
HETATM 1175 O  O   . HOH E 4 .   ? -7.058  2.520   -1.720  1.000 13.514 ? 350 HOH AAA O   1 ? 
HETATM 1176 O  O   . HOH E 4 .   ? -2.070  3.984   10.484  1.000 26.639 ? 351 HOH AAA O   1 ? 
HETATM 1177 O  O   . HOH E 4 .   ? 9.427   -6.988  -13.777 1.000 39.125 ? 352 HOH AAA O   1 ? 
HETATM 1178 O  O   . HOH E 4 .   ? 10.537  -10.040 -7.028  1.000 23.032 ? 353 HOH AAA O   1 ? 
HETATM 1179 O  O   . HOH E 4 .   ? -6.262  16.839  8.013   1.000 31.324 ? 354 HOH AAA O   1 ? 
HETATM 1180 O  O   . HOH E 4 .   ? 13.553  -2.423  16.711  1.000 34.876 ? 355 HOH AAA O   1 ? 
HETATM 1181 O  O   . HOH E 4 .   ? 10.995  -8.471  -9.353  1.000 29.573 ? 356 HOH AAA O   1 ? 
HETATM 1182 O  O   . HOH E 4 .   ? -18.260 -8.756  1.332   1.000 40.198 ? 357 HOH AAA O   1 ? 
HETATM 1183 O  O   . HOH E 4 .   ? -5.463  -14.977 -5.385  1.000 27.391 ? 358 HOH AAA O   1 ? 
HETATM 1184 O  O   . HOH E 4 .   ? -8.207  0.930   -3.661  1.000 15.831 ? 359 HOH AAA O   1 ? 
HETATM 1185 O  O   . HOH E 4 .   ? -7.984  2.485   -11.015 1.000 24.952 ? 360 HOH AAA O   1 ? 
HETATM 1186 O  O   . HOH E 4 .   ? -6.734  12.537  4.865   1.000 22.693 ? 361 HOH AAA O   1 ? 
HETATM 1187 O  O   . HOH E 4 .   ? -17.294 -1.039  -5.915  1.000 18.978 ? 362 HOH AAA O   1 ? 
HETATM 1188 O  O   . HOH E 4 .   ? -1.918  1.617   9.247   1.000 24.085 ? 363 HOH AAA O   1 ? 
HETATM 1189 O  O   . HOH E 4 .   ? -4.424  -4.043  -3.909  1.000 42.263 ? 364 HOH AAA O   1 ? 
HETATM 1190 O  O   . HOH E 4 .   ? -4.384  5.112   10.839  1.000 35.027 ? 365 HOH AAA O   1 ? 
HETATM 1191 O  O   . HOH E 4 .   ? -5.028  -9.159  -13.719 1.000 17.660 ? 366 HOH AAA O   1 ? 
HETATM 1192 O  O   . HOH E 4 .   ? 6.998   2.113   -11.859 1.000 39.294 ? 367 HOH AAA O   1 ? 
HETATM 1193 O  O   . HOH E 4 .   ? 6.806   -0.765  14.602  1.000 20.587 ? 368 HOH AAA O   1 ? 
HETATM 1194 O  O   . HOH E 4 .   ? 11.317  -3.653  -12.312 1.000 27.616 ? 369 HOH AAA O   1 ? 
HETATM 1195 O  O   . HOH E 4 .   ? -10.903 5.458   -2.975  1.000 24.063 ? 370 HOH AAA O   1 ? 
HETATM 1196 O  O   . HOH E 4 .   ? -8.516  16.274  12.351  1.000 27.996 ? 371 HOH AAA O   1 ? 
HETATM 1197 O  O   . HOH E 4 .   ? -18.464 -0.077  -11.519 1.000 33.498 ? 372 HOH AAA O   1 ? 
HETATM 1198 O  O   . HOH E 4 .   ? 1.875   -0.862  16.161  1.000 24.712 ? 373 HOH AAA O   1 ? 
HETATM 1199 O  O   . HOH E 4 .   ? 5.121   -13.471 -3.126  1.000 31.940 ? 374 HOH AAA O   1 ? 
HETATM 1200 O  O   . HOH E 4 .   ? 2.872   14.082  17.218  1.000 20.966 ? 375 HOH AAA O   1 ? 
HETATM 1201 O  O   . HOH E 4 .   ? -9.725  8.543   -14.866 1.000 29.385 ? 376 HOH AAA O   1 ? 
HETATM 1202 O  O   . HOH E 4 .   ? 4.797   1.817   19.062  1.000 20.543 ? 377 HOH AAA O   1 ? 
HETATM 1203 O  O   . HOH E 4 .   ? 5.551   8.580   9.804   1.000 18.194 ? 378 HOH AAA O   1 ? 
HETATM 1204 O  O   . HOH E 4 .   ? -5.688  1.632   -9.393  1.000 21.491 ? 379 HOH AAA O   1 ? 
HETATM 1205 O  O   . HOH E 4 .   ? -5.163  -2.616  7.874   1.000 45.798 ? 380 HOH AAA O   1 ? 
HETATM 1206 O  O   . HOH E 4 .   ? -3.029  -8.416  5.838   1.000 43.580 ? 381 HOH AAA O   1 ? 
HETATM 1207 O  O   . HOH E 4 .   ? 5.038   0.469   -13.013 1.000 19.840 ? 382 HOH AAA O   1 ? 
HETATM 1208 O  O   . HOH E 4 .   ? 11.351  7.439   -1.939  1.000 42.780 ? 383 HOH AAA O   1 ? 
HETATM 1209 O  O   . HOH E 4 .   ? -15.160 -5.696  -15.988 1.000 44.984 ? 384 HOH AAA O   1 ? 
HETATM 1210 O  O   . HOH E 4 .   ? -2.630  3.185   14.041  1.000 31.142 ? 385 HOH AAA O   1 ? 
HETATM 1211 O  O   . HOH E 4 .   ? -6.451  4.760   8.886   1.000 48.365 ? 386 HOH AAA O   1 ? 
HETATM 1212 O  O   . HOH E 4 .   ? 0.195   -4.337  12.505  1.000 40.252 ? 387 HOH AAA O   1 ? 
HETATM 1213 O  O   . HOH E 4 .   ? 11.745  -14.524 5.018   1.000 31.587 ? 388 HOH AAA O   1 ? 
HETATM 1214 O  O   . HOH E 4 .   ? 1.033   9.531   -3.980  1.000 43.716 ? 389 HOH AAA O   1 ? 
HETATM 1215 O  O   . HOH E 4 .   ? -8.202  5.744   7.063   1.000 30.847 ? 390 HOH AAA O   1 ? 
HETATM 1216 O  O   . HOH E 4 .   ? -3.965  -1.929  -4.466  1.000 23.428 ? 391 HOH AAA O   1 ? 
HETATM 1217 O  O   . HOH E 4 .   ? -10.313 10.622  4.475   1.000 38.634 ? 392 HOH AAA O   1 ? 
HETATM 1218 O  O   . HOH E 4 .   ? -9.597  3.741   -1.601  1.000 18.796 ? 393 HOH AAA O   1 ? 
HETATM 1219 O  O   . HOH E 4 .   ? 7.542   -13.659 -8.042  1.000 36.907 ? 394 HOH AAA O   1 ? 
HETATM 1220 O  O   . HOH E 4 .   ? 5.386   -2.231  16.677  1.000 36.725 ? 395 HOH AAA O   1 ? 
HETATM 1221 O  O   . HOH E 4 .   ? 17.354  4.947   5.209   1.000 24.280 ? 396 HOH AAA O   1 ? 
HETATM 1222 O  O   . HOH E 4 .   ? -19.344 1.062   -8.681  1.000 28.407 ? 397 HOH AAA O   1 ? 
HETATM 1223 O  O   . HOH E 4 .   ? -14.117 6.620   -15.632 1.000 27.774 ? 398 HOH AAA O   1 ? 
HETATM 1224 O  O   . HOH E 4 .   ? -10.236 6.749   -7.460  1.000 52.993 ? 399 HOH AAA O   1 ? 
HETATM 1225 O  O   . HOH E 4 .   ? 9.308   7.045   -4.252  1.000 45.655 ? 400 HOH AAA O   1 ? 
HETATM 1226 O  O   . HOH E 4 .   ? 9.785   -9.996  -11.669 1.000 58.789 ? 401 HOH AAA O   1 ? 
HETATM 1227 O  O   . HOH E 4 .   ? 6.014   -12.935 -13.799 1.000 49.188 ? 402 HOH AAA O   1 ? 
# 
